data_4XHJ
#
_entry.id   4XHJ
#
_cell.length_a   147.001
_cell.length_b   147.001
_cell.length_c   198.328
_cell.angle_alpha   90.00
_cell.angle_beta   90.00
_cell.angle_gamma   90.00
#
_symmetry.space_group_name_H-M   'P 43'
#
loop_
_entity.id
_entity.type
_entity.pdbx_description
1 polymer 'Envelope glycoprotein H'
2 polymer 'Envelope glycoprotein L'
3 polymer 'Fab-RC light chain'
4 polymer 'Fab-RC heavy chain'
5 branched beta-D-mannopyranose-(1-4)-2-acetamido-2-deoxy-beta-D-glucopyranose-(1-4)-2-acetamido-2-deoxy-beta-D-glucopyranose
6 branched alpha-D-mannopyranose-(1-3)-[alpha-D-mannopyranose-(1-6)]beta-D-mannopyranose-(1-4)-2-acetamido-2-deoxy-beta-D-glucopyranose-(1-4)-2-acetamido-2-deoxy-beta-D-glucopyranose
7 branched 2-acetamido-2-deoxy-beta-D-glucopyranose-(1-4)-2-acetamido-2-deoxy-beta-D-glucopyranose
8 non-polymer 2-acetamido-2-deoxy-beta-D-glucopyranose
#
loop_
_entity_poly.entity_id
_entity_poly.type
_entity_poly.pdbx_seq_one_letter_code
_entity_poly.pdbx_strand_id
1 'polypeptide(L)'
;MFALVLAVVILPLWTTANKSYVTPTPATRSIGHMSALLREYSDRNMSLKLEAFYPTGFDEELIKSLHWGNDRKHVFLVIV
KVNPTTHEGDVGLVIFPKYLLSPYHFKAEHRAPFPAGRFGFLSHPVTPDVSFFDSSFAPYLTTQHLVAFTTFPPNPLVWH
LERAETAATAERPFGVSLLPARPTVPKNTILEHKAHFATWDALARHTFFSAEAIITNSTLRIHVPLFGSVWPIRYWATGS
VLLTSDSGRVEVNIGVGFMSSLISLSSGLPIELIVVPHTVKLNAVTSDTTWFQLNPPGPDPGPSYRVYLLGRGLDMNFSK
HATVDICAYPEESLDYRYHLSMAHTEALRMTTKADQHDINEESYYHIAARIATSIFALSEMGRTTEYFLLDEIVDVQYQL
KFLNYILMRIGAGAHPNTISGTSDLIFADPSQLHDELSLLFGQVKPANVDYFISYDEARDQLKTAYALSRGQDHVNALSL
ARRVIMSIYKGLLVKQNLNATERQALFFASMILLNFREGLENSSRVLDGRTTLLLMTSMCTAAHATQAALNIQEGLAYLN
PSKHMFTIPNVYSPCMGSLRTDLTEEIHVMNLLSAIPTRPGLNEVLHTQLDESEIFDAAFKTMMIFTTWTAKDLHILHTH
VPEVFTCQDAAARNGEYVLILPAVQGHSYVITRNKPQRGLVYSLADVDVYNPISVVYLSKDTCVSEHGVIETVALPHPDN
LKECLYCGSVFLRYLTTGAIMDIIIIDSKDTERQLAAMGNSTIPPFNPDMHGDDSKAVLLFPNGTVVTLLGFERRGSENL
YFQGSWSHPQFEKGGGSGGGSGGGSWSHPQFEK
;
A,E
2 'polypeptide(L)'
;LHLQDDTPLFFGAKPLSDVSLIITEPCVSSVYEAWDYAAPPVSNLSEALSGIVVKTKCPVPEVILWFKDKQMAYWTNPYV
TLKGLTQSVGEEHKSGDIRDALLDALSGVWVDSTPSSTNIPENGCVWGADRLFQRVCQ
;
B,F
3 'polypeptide(L)'
;DIQMTQSPSFLSASVGDRVTITCRASQGLDNFLAWYQQKPGKAPKLLIYAASTLQRGVPSRFGGSGSGTEFTLTISSLQP
EDFATYYCQQLNSYSLTFGPGTKVEIKRRTVAAPSVFIFPPSDEQLKSGTASVVCLLNNFYPREAKVQWKVDNALQSGNS
QESVTEQDSKDSTYSLSSTLTLSKADYEKHKVYACEVTHQGLSSPVTKSFNRGEC
;
C,G
4 'polypeptide(L)'
;MEFGLSWVFLVAILEGVHCQVQLVQSGAEMKKPGASVKVSCKASGYTFIGYHLHWVRQAPGQGLEWMGWINPNSGETNYA
QKFQDWVTMTRDTSINTAYMELRLRSDDTAVYYCARGGMTMVRGVMMDWGQGTLVTVSSASTKGPSVFPLAPSSKSTSGG
TAALGCLVKDYFPEPVTVSWNSGALTSGVHTFPAVLQSSGLYSLSSVVTVPSSSLGTQTYICNVNHKPSNTKVDKRVEPK
SCDKGSENLYFQGSWSHPQFEKGGGSGGGSGGGSWSHPQFEK
;
D,H
#
# COMPACT_ATOMS: atom_id res chain seq x y z
N ALA A 36 35.62 -34.27 -15.30
CA ALA A 36 34.50 -33.57 -15.93
C ALA A 36 33.16 -34.10 -15.42
N LEU A 37 32.58 -33.42 -14.44
CA LEU A 37 31.29 -33.82 -13.90
C LEU A 37 30.27 -32.69 -13.80
N LEU A 38 29.11 -32.90 -14.41
CA LEU A 38 27.95 -32.04 -14.16
C LEU A 38 26.99 -32.82 -13.26
N ARG A 39 26.74 -32.31 -12.07
CA ARG A 39 25.89 -33.02 -11.11
C ARG A 39 24.87 -32.08 -10.46
N GLU A 40 23.59 -32.44 -10.60
CA GLU A 40 22.52 -31.65 -10.03
C GLU A 40 21.87 -32.41 -8.87
N TYR A 41 21.77 -31.76 -7.73
CA TYR A 41 21.31 -32.43 -6.51
C TYR A 41 19.99 -31.84 -6.05
N SER A 42 19.30 -32.57 -5.17
CA SER A 42 18.18 -31.99 -4.44
C SER A 42 18.34 -32.31 -2.96
N ASP A 43 18.32 -31.27 -2.13
CA ASP A 43 18.45 -31.44 -0.70
C ASP A 43 17.06 -31.47 -0.07
N ARG A 44 16.89 -32.28 0.97
CA ARG A 44 15.61 -32.35 1.68
C ARG A 44 15.81 -31.98 3.15
N ASN A 45 16.51 -32.85 3.87
CA ASN A 45 16.92 -32.59 5.24
C ASN A 45 18.43 -32.70 5.23
N MET A 46 19.11 -32.25 6.27
CA MET A 46 20.56 -32.21 6.18
C MET A 46 21.14 -33.52 6.66
N SER A 47 21.45 -34.37 5.70
CA SER A 47 22.31 -35.54 5.86
C SER A 47 23.19 -35.58 4.62
N LEU A 48 22.52 -35.82 3.49
CA LEU A 48 23.13 -35.80 2.17
C LEU A 48 22.09 -35.30 1.17
N LYS A 49 22.37 -35.42 -0.13
CA LYS A 49 21.43 -34.96 -1.15
C LYS A 49 21.15 -36.04 -2.20
N LEU A 50 19.95 -35.98 -2.78
CA LEU A 50 19.54 -36.94 -3.81
C LEU A 50 19.88 -36.39 -5.20
N GLU A 51 20.79 -37.06 -5.90
CA GLU A 51 21.24 -36.55 -7.20
C GLU A 51 21.47 -37.61 -8.27
N ALA A 52 21.69 -37.12 -9.49
CA ALA A 52 22.20 -37.91 -10.60
C ALA A 52 23.36 -37.13 -11.21
N PHE A 53 24.52 -37.76 -11.35
CA PHE A 53 25.68 -37.07 -11.90
C PHE A 53 25.92 -37.42 -13.36
N TYR A 54 26.00 -36.41 -14.22
CA TYR A 54 26.24 -36.68 -15.64
C TYR A 54 27.56 -36.08 -16.15
N PRO A 55 28.59 -36.93 -16.31
CA PRO A 55 29.84 -36.61 -17.00
C PRO A 55 29.71 -36.73 -18.52
N THR A 56 30.01 -35.67 -19.28
CA THR A 56 29.83 -35.76 -20.73
C THR A 56 30.92 -36.55 -21.46
N GLY A 57 32.13 -36.00 -21.49
CA GLY A 57 33.21 -36.61 -22.25
C GLY A 57 34.43 -37.19 -21.55
N PHE A 58 34.53 -37.04 -20.23
CA PHE A 58 35.79 -37.36 -19.57
C PHE A 58 35.65 -38.08 -18.23
N ASP A 59 36.71 -38.77 -17.82
CA ASP A 59 36.72 -39.51 -16.57
C ASP A 59 37.04 -38.63 -15.36
N GLU A 60 36.21 -38.76 -14.33
CA GLU A 60 36.44 -38.11 -13.05
C GLU A 60 36.17 -39.20 -12.02
N GLU A 61 36.66 -39.03 -10.80
CA GLU A 61 36.34 -40.02 -9.78
C GLU A 61 34.86 -39.89 -9.45
N LEU A 62 34.13 -40.99 -9.63
CA LEU A 62 32.69 -40.98 -9.44
C LEU A 62 32.34 -41.08 -7.97
N ILE A 63 33.08 -41.93 -7.27
CA ILE A 63 32.89 -42.13 -5.84
C ILE A 63 33.32 -40.89 -5.07
N LYS A 64 34.06 -40.01 -5.74
CA LYS A 64 34.50 -38.75 -5.15
C LYS A 64 33.31 -37.96 -4.62
N SER A 65 32.22 -37.92 -5.39
CA SER A 65 31.09 -37.03 -5.14
C SER A 65 30.56 -37.10 -3.71
N LEU A 66 30.86 -38.20 -3.01
CA LEU A 66 30.66 -38.27 -1.57
C LEU A 66 31.44 -37.16 -0.85
N HIS A 67 32.48 -36.67 -1.51
CA HIS A 67 33.23 -35.50 -1.03
C HIS A 67 33.63 -34.62 -2.21
N TRP A 68 33.44 -33.31 -2.07
CA TRP A 68 33.60 -32.37 -3.17
C TRP A 68 34.99 -32.48 -3.85
N GLY A 69 35.02 -32.17 -5.14
CA GLY A 69 36.12 -32.51 -6.03
C GLY A 69 37.40 -31.72 -5.88
N ASN A 70 37.64 -31.23 -4.66
CA ASN A 70 38.88 -30.54 -4.31
C ASN A 70 40.17 -31.22 -4.77
N ASP A 71 40.21 -32.55 -4.71
CA ASP A 71 41.45 -33.32 -4.91
C ASP A 71 42.20 -32.94 -6.18
N ARG A 72 41.48 -32.87 -7.29
CA ARG A 72 42.09 -32.49 -8.58
C ARG A 72 42.35 -31.00 -8.66
N LYS A 73 43.22 -30.61 -9.59
CA LYS A 73 43.54 -29.20 -9.81
C LYS A 73 42.34 -28.41 -10.32
N HIS A 74 41.28 -29.11 -10.73
CA HIS A 74 40.09 -28.46 -11.26
C HIS A 74 39.23 -27.81 -10.17
N VAL A 75 38.55 -26.73 -10.54
CA VAL A 75 37.68 -25.99 -9.62
C VAL A 75 36.22 -26.43 -9.79
N PHE A 76 35.48 -26.46 -8.68
CA PHE A 76 34.07 -26.82 -8.72
C PHE A 76 33.20 -25.60 -8.43
N LEU A 77 31.98 -25.60 -8.97
CA LEU A 77 31.02 -24.53 -8.70
C LEU A 77 29.77 -25.12 -8.06
N VAL A 78 29.28 -24.47 -7.01
CA VAL A 78 28.09 -24.94 -6.30
C VAL A 78 27.07 -23.82 -6.13
N ILE A 79 25.90 -24.01 -6.72
CA ILE A 79 24.79 -23.06 -6.53
C ILE A 79 23.83 -23.62 -5.49
N VAL A 80 23.60 -22.87 -4.43
CA VAL A 80 22.76 -23.33 -3.32
C VAL A 80 21.57 -22.40 -3.12
N LYS A 81 20.37 -22.93 -3.34
CA LYS A 81 19.16 -22.18 -3.07
C LYS A 81 18.49 -22.74 -1.82
N VAL A 82 18.54 -21.97 -0.74
CA VAL A 82 17.95 -22.39 0.52
C VAL A 82 17.11 -21.29 1.17
N ASN A 83 15.82 -21.57 1.36
CA ASN A 83 14.95 -20.66 2.07
C ASN A 83 15.02 -20.98 3.56
N PRO A 84 15.56 -20.05 4.36
CA PRO A 84 15.77 -20.36 5.78
C PRO A 84 14.48 -20.40 6.60
N THR A 85 13.50 -21.12 6.07
CA THR A 85 12.31 -21.52 6.80
C THR A 85 12.55 -22.94 7.29
N THR A 86 13.78 -23.40 7.05
CA THR A 86 14.19 -24.81 7.12
C THR A 86 13.77 -25.54 5.85
N HIS A 87 13.10 -24.81 4.96
CA HIS A 87 12.66 -25.33 3.68
C HIS A 87 13.87 -25.86 2.88
N GLU A 88 13.65 -26.97 2.19
CA GLU A 88 14.74 -27.72 1.57
C GLU A 88 15.45 -27.00 0.42
N GLY A 89 14.69 -26.63 -0.61
CA GLY A 89 15.27 -26.05 -1.81
C GLY A 89 16.08 -27.07 -2.59
N ASP A 90 16.91 -26.60 -3.52
CA ASP A 90 17.75 -27.48 -4.32
C ASP A 90 19.11 -26.86 -4.62
N VAL A 91 20.09 -27.69 -4.96
CA VAL A 91 21.44 -27.23 -5.27
C VAL A 91 21.95 -27.86 -6.57
N GLY A 92 23.07 -27.35 -7.08
CA GLY A 92 23.67 -27.90 -8.27
C GLY A 92 25.18 -27.77 -8.28
N LEU A 93 25.84 -28.60 -9.06
CA LEU A 93 27.30 -28.64 -9.10
C LEU A 93 27.83 -28.90 -10.50
N VAL A 94 28.88 -28.17 -10.87
CA VAL A 94 29.65 -28.51 -12.06
C VAL A 94 31.13 -28.38 -11.74
N ILE A 95 31.88 -29.47 -11.92
CA ILE A 95 33.32 -29.43 -11.77
C ILE A 95 33.93 -29.20 -13.15
N PHE A 96 34.74 -28.15 -13.27
CA PHE A 96 35.27 -27.74 -14.56
C PHE A 96 36.79 -27.61 -14.49
N PRO A 97 37.47 -27.86 -15.61
CA PRO A 97 38.94 -27.87 -15.64
C PRO A 97 39.58 -26.51 -15.31
N LYS A 98 40.90 -26.50 -15.24
CA LYS A 98 41.64 -25.31 -14.80
C LYS A 98 41.85 -24.26 -15.88
N TYR A 99 42.18 -24.70 -17.08
CA TYR A 99 42.53 -23.77 -18.17
C TYR A 99 41.43 -22.78 -18.54
N LEU A 100 40.21 -23.07 -18.11
CA LEU A 100 39.05 -22.22 -18.41
C LEU A 100 39.12 -20.85 -17.74
N LEU A 101 39.97 -20.71 -16.72
CA LEU A 101 40.12 -19.43 -16.03
C LEU A 101 41.27 -18.59 -16.61
N SER A 102 42.04 -19.20 -17.51
CA SER A 102 43.16 -18.51 -18.14
C SER A 102 42.70 -17.73 -19.37
N PRO A 103 43.24 -16.51 -19.56
CA PRO A 103 42.86 -15.66 -20.69
C PRO A 103 43.47 -16.15 -22.00
N TYR A 104 43.26 -15.40 -23.07
CA TYR A 104 43.79 -15.78 -24.38
C TYR A 104 45.20 -15.24 -24.60
N ARG A 118 55.17 11.81 -36.45
CA ARG A 118 54.96 10.37 -36.40
C ARG A 118 55.27 9.81 -35.01
N PHE A 119 54.33 9.04 -34.47
CA PHE A 119 54.55 8.36 -33.19
C PHE A 119 54.03 6.94 -33.26
N GLY A 120 54.87 5.97 -32.92
CA GLY A 120 54.44 4.58 -33.01
C GLY A 120 53.34 4.30 -32.00
N PHE A 121 52.16 3.94 -32.51
CA PHE A 121 51.02 3.62 -31.68
C PHE A 121 50.89 2.10 -31.54
N LEU A 122 51.72 1.38 -32.29
CA LEU A 122 51.68 -0.08 -32.32
C LEU A 122 52.73 -0.73 -31.42
N SER A 123 53.52 0.11 -30.76
CA SER A 123 54.61 -0.36 -29.91
C SER A 123 54.10 -0.56 -28.48
N HIS A 124 53.63 0.51 -27.86
CA HIS A 124 53.10 0.43 -26.50
C HIS A 124 51.60 0.73 -26.54
N PRO A 125 50.77 -0.30 -26.71
CA PRO A 125 49.34 -0.05 -26.87
C PRO A 125 48.59 -0.10 -25.55
N VAL A 126 47.30 0.23 -25.57
CA VAL A 126 46.45 0.12 -24.41
C VAL A 126 45.54 -1.09 -24.55
N THR A 127 45.79 -2.12 -23.75
CA THR A 127 45.06 -3.38 -23.87
C THR A 127 44.25 -3.71 -22.62
N PRO A 128 42.91 -3.69 -22.75
CA PRO A 128 42.03 -4.09 -21.65
C PRO A 128 42.12 -5.59 -21.38
N ASP A 129 42.22 -5.98 -20.11
CA ASP A 129 42.16 -7.38 -19.73
C ASP A 129 40.72 -7.90 -19.68
N VAL A 130 40.56 -9.22 -19.82
CA VAL A 130 39.24 -9.84 -19.85
C VAL A 130 38.55 -9.80 -18.49
N SER A 131 39.31 -10.13 -17.45
CA SER A 131 38.78 -10.19 -16.09
C SER A 131 39.90 -10.03 -15.08
N PHE A 132 39.60 -10.20 -13.79
CA PHE A 132 40.60 -10.04 -12.74
C PHE A 132 41.63 -11.17 -12.67
N PHE A 133 41.31 -12.31 -13.28
CA PHE A 133 42.09 -13.54 -13.08
C PHE A 133 43.59 -13.47 -13.40
N ASP A 134 43.95 -12.91 -14.54
CA ASP A 134 45.37 -12.73 -14.88
C ASP A 134 45.85 -11.34 -14.49
N SER A 135 44.96 -10.61 -13.81
CA SER A 135 45.17 -9.20 -13.49
C SER A 135 45.11 -9.00 -11.98
N SER A 136 45.08 -7.76 -11.53
CA SER A 136 45.03 -7.51 -10.10
C SER A 136 43.61 -7.78 -9.64
N PHE A 137 43.46 -8.82 -8.82
CA PHE A 137 42.15 -9.32 -8.42
C PHE A 137 41.68 -8.76 -7.08
N ALA A 138 42.59 -8.13 -6.36
CA ALA A 138 42.31 -7.70 -4.99
C ALA A 138 41.17 -6.67 -4.88
N PRO A 139 41.24 -5.56 -5.63
CA PRO A 139 40.15 -4.58 -5.47
C PRO A 139 38.80 -5.09 -5.99
N TYR A 140 38.81 -6.01 -6.94
CA TYR A 140 37.58 -6.51 -7.53
C TYR A 140 36.81 -7.45 -6.60
N LEU A 141 37.53 -8.33 -5.91
CA LEU A 141 36.91 -9.25 -4.96
C LEU A 141 36.42 -8.51 -3.74
N THR A 142 37.17 -7.49 -3.33
CA THR A 142 36.95 -6.82 -2.06
C THR A 142 36.10 -5.56 -2.15
N THR A 143 35.63 -5.22 -3.35
CA THR A 143 34.87 -3.98 -3.52
C THR A 143 33.42 -4.15 -3.05
N GLN A 144 32.87 -3.08 -2.48
CA GLN A 144 31.49 -3.10 -2.01
C GLN A 144 30.55 -2.69 -3.15
N HIS A 145 31.15 -2.43 -4.32
CA HIS A 145 30.43 -2.06 -5.53
C HIS A 145 29.37 -3.09 -5.89
N LEU A 146 28.18 -2.61 -6.27
CA LEU A 146 27.01 -3.44 -6.59
C LEU A 146 26.33 -4.05 -5.36
N VAL A 147 27.01 -3.98 -4.22
CA VAL A 147 26.45 -4.46 -2.95
C VAL A 147 25.92 -3.28 -2.14
N ALA A 148 26.82 -2.38 -1.76
CA ALA A 148 26.43 -1.14 -1.07
C ALA A 148 25.86 -0.13 -2.06
N PHE A 149 26.69 0.26 -3.02
CA PHE A 149 26.35 1.27 -4.01
C PHE A 149 26.60 0.76 -5.41
N THR A 150 26.41 1.63 -6.39
CA THR A 150 26.87 1.40 -7.76
C THR A 150 27.62 2.62 -8.24
N THR A 151 28.73 2.40 -8.94
CA THR A 151 29.51 3.50 -9.48
C THR A 151 28.80 4.10 -10.68
N PHE A 152 28.07 3.26 -11.42
CA PHE A 152 27.31 3.72 -12.58
C PHE A 152 25.90 4.16 -12.24
N PRO A 153 25.33 5.08 -13.03
CA PRO A 153 23.92 5.44 -12.97
C PRO A 153 23.02 4.21 -13.01
N PRO A 154 21.92 4.24 -12.24
CA PRO A 154 21.03 3.07 -12.22
C PRO A 154 20.28 2.92 -13.54
N ASN A 155 20.04 4.04 -14.22
CA ASN A 155 19.37 4.03 -15.52
C ASN A 155 20.40 3.89 -16.64
N PRO A 156 20.38 2.75 -17.34
CA PRO A 156 21.34 2.44 -18.40
C PRO A 156 21.24 3.37 -19.60
N LEU A 157 20.06 3.97 -19.78
CA LEU A 157 19.81 4.76 -20.97
C LEU A 157 20.41 6.17 -20.87
N VAL A 158 20.94 6.50 -19.69
CA VAL A 158 21.61 7.78 -19.48
C VAL A 158 23.13 7.63 -19.62
N TRP A 159 23.58 6.39 -19.83
CA TRP A 159 25.01 6.11 -19.89
C TRP A 159 25.70 6.78 -21.07
N HIS A 160 25.03 6.84 -22.22
CA HIS A 160 25.69 7.37 -23.41
C HIS A 160 25.58 8.89 -23.45
N LEU A 161 26.71 9.56 -23.34
CA LEU A 161 26.79 11.00 -23.43
C LEU A 161 26.85 11.47 -24.88
N GLU A 162 26.36 12.69 -25.12
CA GLU A 162 26.49 13.32 -26.44
C GLU A 162 27.88 13.91 -26.58
N ARG A 163 28.37 14.03 -27.82
CA ARG A 163 29.68 14.63 -28.04
C ARG A 163 29.58 16.16 -28.05
N ALA A 164 30.51 16.81 -27.37
CA ALA A 164 30.49 18.27 -27.28
C ALA A 164 30.95 18.92 -28.58
N GLU A 165 30.54 20.17 -28.79
CA GLU A 165 31.00 20.94 -29.95
C GLU A 165 32.52 21.06 -29.98
N THR A 166 33.09 21.45 -28.84
CA THR A 166 34.53 21.68 -28.72
C THR A 166 35.34 20.40 -28.85
N ALA A 167 34.67 19.27 -28.86
CA ALA A 167 35.36 17.99 -29.02
C ALA A 167 35.97 17.90 -30.41
N ALA A 168 37.00 17.06 -30.55
CA ALA A 168 37.70 16.91 -31.82
C ALA A 168 36.79 16.36 -32.92
N THR A 169 37.12 16.71 -34.16
CA THR A 169 36.35 16.30 -35.33
C THR A 169 37.32 15.73 -36.36
N ALA A 170 36.78 15.11 -37.40
CA ALA A 170 37.62 14.55 -38.46
C ALA A 170 38.59 15.58 -39.04
N GLU A 171 38.11 16.81 -39.21
CA GLU A 171 38.94 17.89 -39.75
C GLU A 171 39.97 18.39 -38.74
N ARG A 172 39.63 18.29 -37.46
CA ARG A 172 40.55 18.67 -36.39
C ARG A 172 40.82 17.45 -35.51
N PRO A 173 41.66 16.52 -36.00
CA PRO A 173 41.84 15.19 -35.41
C PRO A 173 42.30 15.24 -33.96
N PHE A 174 42.92 16.34 -33.57
CA PHE A 174 43.46 16.47 -32.21
C PHE A 174 42.70 17.52 -31.41
N GLY A 175 42.85 18.79 -31.77
CA GLY A 175 42.24 19.87 -31.01
C GLY A 175 42.56 21.26 -31.50
N VAL A 176 42.43 22.23 -30.60
CA VAL A 176 42.69 23.62 -30.90
C VAL A 176 43.97 24.06 -30.20
N SER A 177 44.95 24.51 -30.97
CA SER A 177 46.23 24.94 -30.41
C SER A 177 46.27 26.45 -30.18
N LEU A 178 46.89 26.86 -29.07
CA LEU A 178 46.94 28.28 -28.70
C LEU A 178 47.99 29.03 -29.52
N LEU A 179 47.75 30.33 -29.69
CA LEU A 179 48.48 31.14 -30.68
C LEU A 179 49.99 31.38 -30.53
N PRO A 180 50.49 31.55 -29.29
CA PRO A 180 51.95 31.64 -29.23
C PRO A 180 52.54 30.31 -29.63
N ALA A 181 52.53 30.04 -30.94
CA ALA A 181 52.73 28.72 -31.51
C ALA A 181 53.96 28.01 -30.99
N ARG A 182 53.80 26.72 -30.69
CA ARG A 182 54.91 25.91 -30.22
C ARG A 182 56.03 25.92 -31.26
N PRO A 183 57.20 26.44 -30.86
CA PRO A 183 58.32 26.65 -31.79
C PRO A 183 58.77 25.34 -32.44
N THR A 184 58.89 25.37 -33.77
CA THR A 184 59.34 24.21 -34.51
C THR A 184 60.83 23.99 -34.27
N VAL A 185 61.27 22.73 -34.26
CA VAL A 185 62.68 22.42 -34.09
C VAL A 185 63.43 22.87 -35.34
N PRO A 186 64.56 23.56 -35.14
CA PRO A 186 65.43 23.92 -36.26
C PRO A 186 65.93 22.68 -36.99
N LYS A 187 65.95 22.72 -38.32
CA LYS A 187 66.22 21.55 -39.15
C LYS A 187 67.54 20.85 -38.85
N ASN A 188 68.58 21.63 -38.58
CA ASN A 188 69.91 21.10 -38.33
C ASN A 188 70.06 20.44 -36.96
N THR A 189 69.35 20.98 -35.97
CA THR A 189 69.55 20.60 -34.56
C THR A 189 69.39 19.12 -34.24
N ILE A 190 70.21 18.65 -33.31
CA ILE A 190 70.11 17.31 -32.76
C ILE A 190 69.73 17.42 -31.28
N LEU A 191 68.77 16.59 -30.85
CA LEU A 191 68.18 16.76 -29.52
C LEU A 191 68.78 15.80 -28.50
N GLU A 192 69.23 16.35 -27.38
CA GLU A 192 69.78 15.55 -26.27
C GLU A 192 68.67 14.76 -25.58
N HIS A 193 69.06 13.71 -24.86
CA HIS A 193 68.11 12.88 -24.13
C HIS A 193 67.26 13.70 -23.16
N LYS A 194 67.91 14.24 -22.13
CA LYS A 194 67.24 15.11 -21.16
C LYS A 194 67.39 16.59 -21.51
N ALA A 195 66.86 17.44 -20.64
CA ALA A 195 66.96 18.89 -20.83
C ALA A 195 67.89 19.49 -19.79
N HIS A 196 68.77 20.38 -20.22
CA HIS A 196 69.72 21.01 -19.32
C HIS A 196 69.97 22.46 -19.72
N PHE A 197 70.27 23.30 -18.72
CA PHE A 197 70.78 24.64 -18.99
C PHE A 197 72.19 24.80 -18.43
N ALA A 198 73.17 24.91 -19.32
CA ALA A 198 74.55 25.13 -18.90
C ALA A 198 74.88 26.62 -18.88
N THR A 199 73.97 27.43 -19.42
CA THR A 199 74.17 28.87 -19.54
C THR A 199 72.95 29.66 -19.08
N TRP A 200 73.15 30.95 -18.82
CA TRP A 200 72.05 31.83 -18.43
C TRP A 200 71.10 32.06 -19.59
N ASP A 201 71.67 32.18 -20.80
CA ASP A 201 70.88 32.49 -21.99
C ASP A 201 69.89 31.37 -22.31
N ALA A 202 70.15 30.17 -21.81
CA ALA A 202 69.31 29.00 -22.09
C ALA A 202 67.84 29.21 -21.73
N LEU A 203 67.59 29.87 -20.60
CA LEU A 203 66.22 30.11 -20.14
C LEU A 203 65.44 31.02 -21.09
N ALA A 204 66.11 32.05 -21.60
CA ALA A 204 65.46 33.01 -22.49
C ALA A 204 65.11 32.37 -23.83
N ARG A 205 66.09 31.72 -24.45
CA ARG A 205 65.86 31.04 -25.72
C ARG A 205 65.12 29.72 -25.48
N HIS A 206 64.84 29.01 -26.57
CA HIS A 206 64.19 27.72 -26.47
C HIS A 206 65.23 26.59 -26.38
N THR A 207 64.98 25.64 -25.49
CA THR A 207 65.84 24.47 -25.34
C THR A 207 65.06 23.21 -25.66
N PHE A 208 65.62 22.38 -26.55
CA PHE A 208 64.91 21.20 -27.03
C PHE A 208 65.53 19.92 -26.49
N PHE A 209 64.70 18.90 -26.31
CA PHE A 209 65.20 17.56 -25.98
C PHE A 209 64.25 16.49 -26.51
N SER A 210 64.76 15.27 -26.61
CA SER A 210 64.04 14.20 -27.28
C SER A 210 62.93 13.63 -26.40
N ALA A 211 61.82 13.26 -27.03
CA ALA A 211 60.72 12.62 -26.34
C ALA A 211 60.93 11.11 -26.26
N GLU A 212 62.07 10.65 -26.77
CA GLU A 212 62.37 9.22 -26.87
C GLU A 212 62.21 8.49 -25.54
N ALA A 213 62.37 9.22 -24.44
CA ALA A 213 62.20 8.65 -23.11
C ALA A 213 60.84 7.98 -22.97
N ILE A 214 59.85 8.50 -23.70
CA ILE A 214 58.51 7.94 -23.69
C ILE A 214 58.49 6.54 -24.32
N ILE A 215 59.15 6.41 -25.47
CA ILE A 215 59.14 5.13 -26.19
C ILE A 215 60.14 4.11 -25.64
N THR A 216 61.29 4.59 -25.16
CA THR A 216 62.32 3.69 -24.64
C THR A 216 62.09 3.33 -23.18
N ASN A 217 62.20 4.30 -22.27
CA ASN A 217 62.03 3.99 -20.86
C ASN A 217 60.57 4.17 -20.45
N SER A 218 59.89 3.04 -20.22
CA SER A 218 58.49 3.05 -19.88
C SER A 218 58.17 1.75 -19.16
N THR A 219 57.05 1.72 -18.46
CA THR A 219 56.66 0.52 -17.73
C THR A 219 55.24 0.08 -18.07
N LEU A 220 55.08 -1.21 -18.35
CA LEU A 220 53.75 -1.78 -18.53
C LEU A 220 53.13 -1.92 -17.15
N ARG A 221 51.96 -1.31 -16.97
CA ARG A 221 51.31 -1.31 -15.67
C ARG A 221 49.82 -1.65 -15.80
N ILE A 222 49.32 -2.43 -14.85
CA ILE A 222 47.91 -2.74 -14.79
C ILE A 222 47.20 -1.62 -14.04
N HIS A 223 46.02 -1.23 -14.51
CA HIS A 223 45.28 -0.14 -13.88
C HIS A 223 43.88 -0.58 -13.53
N VAL A 224 43.57 -0.58 -12.24
CA VAL A 224 42.21 -0.81 -11.78
C VAL A 224 41.50 0.53 -11.69
N PRO A 225 40.41 0.70 -12.45
CA PRO A 225 39.65 1.93 -12.41
C PRO A 225 38.73 1.98 -11.18
N LEU A 226 37.99 3.08 -11.00
CA LEU A 226 37.29 3.36 -9.76
C LEU A 226 36.37 2.24 -9.28
N PHE A 227 36.58 1.82 -8.03
CA PHE A 227 35.72 0.86 -7.34
C PHE A 227 35.59 -0.50 -8.06
N GLY A 228 36.57 -0.82 -8.89
CA GLY A 228 36.53 -2.04 -9.69
C GLY A 228 35.29 -2.11 -10.56
N SER A 229 34.89 -0.97 -11.10
CA SER A 229 33.68 -0.88 -11.93
C SER A 229 33.93 -1.38 -13.34
N VAL A 230 35.18 -1.31 -13.77
CA VAL A 230 35.59 -1.75 -15.11
C VAL A 230 36.78 -2.68 -14.97
N TRP A 231 36.87 -3.69 -15.84
CA TRP A 231 37.98 -4.63 -15.82
C TRP A 231 39.28 -3.86 -16.06
N PRO A 232 40.43 -4.42 -15.61
CA PRO A 232 41.65 -3.61 -15.62
C PRO A 232 42.13 -3.17 -17.01
N ILE A 233 43.17 -2.35 -17.03
CA ILE A 233 43.71 -1.83 -18.27
C ILE A 233 45.23 -1.87 -18.24
N ARG A 234 45.82 -2.59 -19.18
CA ARG A 234 47.27 -2.59 -19.31
C ARG A 234 47.67 -1.37 -20.11
N TYR A 235 48.69 -0.66 -19.65
CA TYR A 235 49.15 0.54 -20.34
C TYR A 235 50.62 0.80 -20.05
N TRP A 236 51.25 1.64 -20.86
CA TRP A 236 52.65 1.98 -20.67
C TRP A 236 52.76 3.40 -20.10
N ALA A 237 53.16 3.49 -18.84
CA ALA A 237 53.05 4.74 -18.09
C ALA A 237 54.14 5.76 -18.41
N THR A 238 53.72 6.93 -18.87
CA THR A 238 54.65 8.04 -19.10
C THR A 238 54.77 8.96 -17.89
N GLY A 239 53.88 8.78 -16.92
CA GLY A 239 53.91 9.64 -15.74
C GLY A 239 52.72 9.55 -14.80
N SER A 240 52.86 10.15 -13.62
CA SER A 240 51.81 10.16 -12.62
C SER A 240 51.80 11.46 -11.83
N VAL A 241 50.62 11.87 -11.37
CA VAL A 241 50.48 13.07 -10.54
C VAL A 241 49.57 12.77 -9.36
N LEU A 242 49.98 13.20 -8.17
CA LEU A 242 49.16 13.04 -6.97
C LEU A 242 49.00 14.37 -6.27
N LEU A 243 47.76 14.76 -6.03
CA LEU A 243 47.46 15.95 -5.25
C LEU A 243 46.58 15.57 -4.07
N THR A 244 47.00 15.97 -2.87
CA THR A 244 46.30 15.60 -1.64
C THR A 244 46.10 16.78 -0.70
N SER A 245 45.06 16.70 0.13
CA SER A 245 44.76 17.73 1.11
C SER A 245 43.91 17.13 2.23
N ASP A 246 43.35 17.97 3.09
CA ASP A 246 42.38 17.53 4.07
C ASP A 246 41.10 17.08 3.39
N SER A 247 40.58 17.95 2.52
CA SER A 247 39.26 17.76 1.95
C SER A 247 39.23 17.15 0.56
N GLY A 248 40.40 16.86 -0.01
CA GLY A 248 40.42 16.28 -1.35
C GLY A 248 41.65 15.48 -1.74
N ARG A 249 41.44 14.56 -2.67
CA ARG A 249 42.51 13.78 -3.26
C ARG A 249 42.23 13.57 -4.74
N VAL A 250 43.24 13.80 -5.58
CA VAL A 250 43.13 13.49 -7.00
C VAL A 250 44.35 12.74 -7.53
N GLU A 251 44.11 11.54 -8.03
CA GLU A 251 45.18 10.70 -8.56
C GLU A 251 45.16 10.69 -10.08
N VAL A 252 46.28 11.05 -10.68
CA VAL A 252 46.37 11.09 -12.13
C VAL A 252 47.45 10.14 -12.64
N ASN A 253 47.03 9.10 -13.35
CA ASN A 253 47.97 8.19 -14.01
C ASN A 253 47.94 8.37 -15.52
N ILE A 254 49.12 8.59 -16.10
CA ILE A 254 49.21 8.92 -17.51
C ILE A 254 50.22 8.02 -18.22
N GLY A 255 49.85 7.60 -19.43
CA GLY A 255 50.67 6.71 -20.23
C GLY A 255 50.45 6.98 -21.70
N VAL A 256 51.06 6.16 -22.56
CA VAL A 256 50.96 6.39 -24.00
C VAL A 256 49.51 6.16 -24.43
N GLY A 257 48.92 7.20 -25.00
CA GLY A 257 47.52 7.16 -25.39
C GLY A 257 46.55 6.84 -24.27
N PHE A 258 46.95 7.13 -23.03
CA PHE A 258 46.13 6.77 -21.87
C PHE A 258 46.20 7.79 -20.74
N MET A 259 45.05 8.05 -20.12
CA MET A 259 44.98 8.86 -18.90
C MET A 259 43.91 8.35 -17.95
N SER A 260 44.26 8.29 -16.67
CA SER A 260 43.27 8.08 -15.62
C SER A 260 43.41 9.21 -14.61
N SER A 261 42.33 9.95 -14.40
CA SER A 261 42.32 10.95 -13.34
C SER A 261 41.21 10.61 -12.37
N LEU A 262 41.61 10.18 -11.18
CA LEU A 262 40.67 9.86 -10.13
C LEU A 262 40.47 11.10 -9.29
N ILE A 263 39.24 11.61 -9.27
CA ILE A 263 38.96 12.87 -8.59
C ILE A 263 37.98 12.63 -7.45
N SER A 264 38.37 13.01 -6.24
CA SER A 264 37.55 12.77 -5.06
C SER A 264 37.54 13.97 -4.12
N LEU A 265 36.40 14.18 -3.47
CA LEU A 265 36.21 15.25 -2.49
C LEU A 265 35.72 14.66 -1.18
N SER A 266 36.14 15.25 -0.07
CA SER A 266 35.61 14.85 1.23
C SER A 266 34.12 15.20 1.29
N SER A 267 33.77 16.32 0.69
CA SER A 267 32.39 16.80 0.68
C SER A 267 31.60 16.40 -0.56
N GLY A 268 32.19 15.58 -1.42
CA GLY A 268 31.54 15.22 -2.67
C GLY A 268 31.82 13.83 -3.22
N LEU A 269 30.98 13.39 -4.16
CA LEU A 269 31.12 12.08 -4.79
C LEU A 269 32.37 11.98 -5.66
N PRO A 270 33.01 10.80 -5.66
CA PRO A 270 34.20 10.59 -6.50
C PRO A 270 33.84 10.33 -7.96
N ILE A 271 34.72 10.73 -8.87
CA ILE A 271 34.59 10.40 -10.29
C ILE A 271 35.96 10.03 -10.86
N GLU A 272 35.97 9.23 -11.91
CA GLU A 272 37.19 8.95 -12.65
C GLU A 272 37.02 9.24 -14.13
N LEU A 273 37.98 9.95 -14.71
CA LEU A 273 37.97 10.23 -16.13
C LEU A 273 39.01 9.36 -16.79
N ILE A 274 38.57 8.43 -17.64
CA ILE A 274 39.49 7.53 -18.31
C ILE A 274 39.58 7.86 -19.79
N VAL A 275 40.81 7.97 -20.29
CA VAL A 275 41.04 8.26 -21.71
C VAL A 275 41.79 7.10 -22.36
N VAL A 276 41.19 6.52 -23.38
CA VAL A 276 41.79 5.42 -24.13
C VAL A 276 41.81 5.76 -25.61
N PRO A 277 42.70 5.12 -26.39
CA PRO A 277 42.69 5.29 -27.85
C PRO A 277 41.32 4.93 -28.40
N HIS A 278 40.84 5.70 -29.38
CA HIS A 278 39.44 5.59 -29.81
C HIS A 278 39.05 4.17 -30.22
N THR A 279 40.02 3.39 -30.68
CA THR A 279 39.76 2.03 -31.13
C THR A 279 39.49 1.07 -29.96
N VAL A 280 39.89 1.49 -28.75
CA VAL A 280 39.78 0.64 -27.57
C VAL A 280 38.38 0.65 -26.96
N LYS A 281 37.94 -0.51 -26.47
CA LYS A 281 36.66 -0.64 -25.78
C LYS A 281 36.88 -1.05 -24.32
N LEU A 282 36.18 -0.39 -23.40
CA LEU A 282 36.24 -0.76 -21.99
C LEU A 282 34.97 -1.49 -21.59
N ASN A 283 35.08 -2.41 -20.64
CA ASN A 283 33.95 -3.23 -20.24
C ASN A 283 33.48 -2.95 -18.81
N ALA A 284 32.19 -2.65 -18.66
CA ALA A 284 31.64 -2.32 -17.36
C ALA A 284 31.24 -3.57 -16.59
N VAL A 285 31.52 -3.58 -15.29
CA VAL A 285 31.11 -4.67 -14.42
C VAL A 285 29.68 -4.43 -13.93
N THR A 286 28.79 -5.38 -14.17
CA THR A 286 27.38 -5.21 -13.86
C THR A 286 26.78 -6.41 -13.14
N SER A 287 25.58 -6.24 -12.61
CA SER A 287 24.89 -7.30 -11.88
C SER A 287 24.60 -8.50 -12.77
N ASP A 288 24.00 -8.25 -13.93
CA ASP A 288 23.69 -9.35 -14.84
C ASP A 288 24.99 -9.91 -15.40
N THR A 289 25.22 -11.19 -15.16
CA THR A 289 26.51 -11.80 -15.40
C THR A 289 26.65 -12.36 -16.81
N THR A 290 25.54 -12.47 -17.52
CA THR A 290 25.54 -13.10 -18.84
C THR A 290 25.65 -12.11 -20.01
N TRP A 291 25.74 -10.82 -19.70
CA TRP A 291 26.00 -9.83 -20.74
C TRP A 291 27.50 -9.56 -20.78
N PHE A 292 28.13 -9.94 -21.88
CA PHE A 292 29.58 -9.98 -21.96
C PHE A 292 30.28 -8.64 -22.23
N GLN A 293 29.69 -7.81 -23.09
CA GLN A 293 30.28 -6.50 -23.37
C GLN A 293 29.29 -5.36 -23.21
N LEU A 294 29.58 -4.49 -22.24
CA LEU A 294 28.82 -3.27 -22.06
C LEU A 294 29.79 -2.12 -21.90
N ASN A 295 29.46 -0.98 -22.49
CA ASN A 295 30.34 0.17 -22.45
C ASN A 295 30.00 1.06 -21.27
N PRO A 296 30.98 1.28 -20.37
CA PRO A 296 30.83 2.25 -19.30
C PRO A 296 30.47 3.61 -19.88
N PRO A 297 29.72 4.43 -19.13
CA PRO A 297 29.18 5.69 -19.64
C PRO A 297 30.23 6.63 -20.24
N GLY A 298 29.82 7.39 -21.25
CA GLY A 298 30.69 8.32 -21.94
C GLY A 298 30.12 8.72 -23.29
N PRO A 299 30.86 9.55 -24.04
CA PRO A 299 30.43 9.95 -25.37
C PRO A 299 30.91 8.96 -26.42
N ASP A 300 30.55 9.18 -27.68
CA ASP A 300 31.05 8.35 -28.77
C ASP A 300 32.54 8.58 -28.95
N PRO A 301 33.26 7.58 -29.46
CA PRO A 301 34.70 7.76 -29.67
C PRO A 301 34.99 8.79 -30.75
N GLY A 302 36.09 9.53 -30.60
CA GLY A 302 36.45 10.57 -31.55
C GLY A 302 37.56 10.15 -32.48
N PRO A 303 38.14 11.11 -33.23
CA PRO A 303 39.21 10.74 -34.17
C PRO A 303 40.43 10.14 -33.47
N SER A 304 40.93 10.84 -32.46
CA SER A 304 42.08 10.38 -31.70
C SER A 304 41.77 9.43 -30.53
N TYR A 305 40.76 9.77 -29.72
CA TYR A 305 40.54 9.08 -28.46
C TYR A 305 39.08 8.78 -28.14
N ARG A 306 38.89 7.91 -27.14
CA ARG A 306 37.59 7.70 -26.52
C ARG A 306 37.68 8.09 -25.04
N VAL A 307 36.64 8.70 -24.52
CA VAL A 307 36.63 9.13 -23.13
C VAL A 307 35.51 8.43 -22.35
N TYR A 308 35.81 8.08 -21.10
CA TYR A 308 34.82 7.43 -20.24
C TYR A 308 34.71 8.17 -18.92
N LEU A 309 33.47 8.30 -18.42
CA LEU A 309 33.26 8.89 -17.11
C LEU A 309 32.69 7.86 -16.14
N LEU A 310 33.50 7.49 -15.16
CA LEU A 310 33.08 6.54 -14.13
C LEU A 310 32.69 7.32 -12.87
N GLY A 311 31.63 6.87 -12.22
CA GLY A 311 31.10 7.59 -11.07
C GLY A 311 29.76 8.24 -11.38
N ARG A 312 28.96 8.47 -10.33
CA ARG A 312 27.61 8.97 -10.51
C ARG A 312 27.53 10.48 -10.72
N GLY A 313 26.30 10.97 -10.92
CA GLY A 313 26.07 12.38 -11.17
C GLY A 313 25.66 12.68 -12.61
N LEU A 314 25.72 11.67 -13.47
CA LEU A 314 25.41 11.84 -14.89
C LEU A 314 23.95 12.18 -15.13
N ASP A 315 23.06 11.38 -14.57
CA ASP A 315 21.62 11.55 -14.76
C ASP A 315 21.03 12.70 -13.92
N MET A 316 21.46 12.79 -12.67
CA MET A 316 20.86 13.74 -11.73
C MET A 316 21.85 14.63 -10.98
N ASN A 317 22.69 14.01 -10.15
CA ASN A 317 23.47 14.71 -9.14
C ASN A 317 24.31 15.92 -9.59
N PHE A 318 24.73 15.92 -10.85
CA PHE A 318 25.43 17.09 -11.40
C PHE A 318 24.50 18.30 -11.45
N SER A 319 25.04 19.47 -11.16
CA SER A 319 24.25 20.72 -11.08
C SER A 319 23.54 21.04 -12.39
N LYS A 320 24.28 20.85 -13.49
CA LYS A 320 23.74 20.95 -14.84
C LYS A 320 24.20 19.67 -15.51
N HIS A 321 24.04 19.53 -16.82
CA HIS A 321 24.72 18.40 -17.42
C HIS A 321 26.09 18.91 -17.83
N ALA A 322 27.07 18.62 -16.97
CA ALA A 322 28.47 18.88 -17.23
C ALA A 322 29.17 17.59 -17.60
N THR A 323 28.40 16.51 -17.65
CA THR A 323 28.91 15.20 -17.99
C THR A 323 29.60 15.27 -19.34
N VAL A 324 28.89 15.76 -20.35
CA VAL A 324 29.47 15.91 -21.68
C VAL A 324 30.52 17.02 -21.67
N ASP A 325 30.42 17.94 -20.71
CA ASP A 325 31.35 19.05 -20.60
C ASP A 325 32.75 18.61 -20.19
N ILE A 326 32.82 17.83 -19.11
CA ILE A 326 34.10 17.39 -18.56
C ILE A 326 34.73 16.29 -19.42
N CYS A 327 33.89 15.40 -19.94
CA CYS A 327 34.34 14.32 -20.81
C CYS A 327 35.04 14.84 -22.06
N ALA A 328 34.65 16.04 -22.49
CA ALA A 328 35.17 16.62 -23.71
C ALA A 328 36.60 17.11 -23.55
N TYR A 329 37.01 17.35 -22.31
CA TYR A 329 38.32 17.95 -22.01
C TYR A 329 39.51 17.35 -22.76
N PRO A 330 39.68 16.00 -22.73
CA PRO A 330 40.88 15.47 -23.39
C PRO A 330 40.83 15.61 -24.91
N GLU A 331 39.63 15.74 -25.48
CA GLU A 331 39.47 15.86 -26.92
C GLU A 331 39.34 17.30 -27.41
N GLU A 332 39.43 18.26 -26.49
CA GLU A 332 39.30 19.67 -26.85
C GLU A 332 40.60 20.23 -27.43
N SER A 333 41.72 19.64 -27.02
CA SER A 333 43.03 20.07 -27.49
C SER A 333 44.18 19.22 -26.94
N LEU A 334 45.31 19.24 -27.65
CA LEU A 334 46.54 18.62 -27.19
C LEU A 334 47.52 19.64 -26.61
N ASP A 335 47.08 20.90 -26.58
CA ASP A 335 47.94 21.96 -26.08
C ASP A 335 47.73 22.08 -24.58
N TYR A 336 48.77 21.79 -23.81
CA TYR A 336 48.68 21.83 -22.36
C TYR A 336 48.40 23.25 -21.89
N ARG A 337 48.90 24.22 -22.64
CA ARG A 337 48.66 25.63 -22.36
C ARG A 337 47.18 25.95 -22.40
N TYR A 338 46.45 25.25 -23.27
CA TYR A 338 45.01 25.47 -23.41
C TYR A 338 44.27 25.13 -22.14
N HIS A 339 44.49 23.93 -21.62
CA HIS A 339 43.81 23.48 -20.41
C HIS A 339 44.16 24.34 -19.20
N LEU A 340 45.45 24.56 -18.96
CA LEU A 340 45.91 25.41 -17.87
C LEU A 340 45.33 26.82 -17.96
N SER A 341 45.13 27.31 -19.19
CA SER A 341 44.53 28.63 -19.37
C SER A 341 43.09 28.63 -18.87
N MET A 342 42.38 27.54 -19.15
CA MET A 342 41.00 27.39 -18.70
C MET A 342 40.95 27.22 -17.18
N ALA A 343 42.00 26.60 -16.64
CA ALA A 343 42.11 26.37 -15.20
C ALA A 343 42.28 27.69 -14.44
N HIS A 344 43.22 28.52 -14.90
CA HIS A 344 43.45 29.83 -14.32
C HIS A 344 42.19 30.70 -14.40
N THR A 345 41.38 30.47 -15.43
CA THR A 345 40.18 31.26 -15.64
C THR A 345 39.11 30.95 -14.60
N GLU A 346 38.86 29.67 -14.38
CA GLU A 346 37.88 29.26 -13.37
C GLU A 346 38.42 29.46 -11.96
N ALA A 347 39.73 29.51 -11.85
CA ALA A 347 40.38 29.82 -10.57
C ALA A 347 39.90 31.17 -10.05
N LEU A 348 40.24 32.23 -10.77
CA LEU A 348 39.82 33.58 -10.42
C LEU A 348 38.32 33.68 -10.23
N ARG A 349 37.57 33.01 -11.08
CA ARG A 349 36.11 33.08 -11.05
C ARG A 349 35.55 32.60 -9.70
N MET A 350 36.03 31.46 -9.23
CA MET A 350 35.48 30.89 -8.00
C MET A 350 35.92 31.60 -6.72
N THR A 351 37.06 32.31 -6.78
CA THR A 351 37.52 33.06 -5.61
C THR A 351 36.64 34.26 -5.32
N THR A 352 35.85 34.67 -6.32
CA THR A 352 34.89 35.74 -6.14
C THR A 352 33.66 35.21 -5.40
N LYS A 353 33.45 33.90 -5.55
CA LYS A 353 32.32 33.20 -4.94
C LYS A 353 32.68 32.67 -3.55
N ALA A 354 33.88 33.02 -3.08
CA ALA A 354 34.41 32.54 -1.80
C ALA A 354 33.53 32.85 -0.60
N ASP A 355 32.69 33.87 -0.70
CA ASP A 355 31.85 34.30 0.42
C ASP A 355 30.81 33.26 0.87
N GLN A 356 30.04 32.73 -0.07
CA GLN A 356 28.90 31.87 0.27
C GLN A 356 29.32 30.47 0.73
N HIS A 357 30.31 29.91 0.05
CA HIS A 357 30.73 28.54 0.34
C HIS A 357 32.24 28.40 0.33
N ASP A 358 32.77 27.70 1.33
CA ASP A 358 34.18 27.35 1.38
C ASP A 358 34.52 26.37 0.26
N ILE A 359 33.51 25.61 -0.18
CA ILE A 359 33.70 24.60 -1.22
C ILE A 359 32.87 24.87 -2.47
N ASN A 360 33.54 24.88 -3.63
CA ASN A 360 32.85 24.86 -4.92
C ASN A 360 33.00 23.46 -5.51
N GLU A 361 31.90 22.69 -5.51
CA GLU A 361 31.94 21.31 -5.95
C GLU A 361 32.31 21.17 -7.42
N GLU A 362 31.51 21.79 -8.28
CA GLU A 362 31.74 21.79 -9.72
C GLU A 362 33.15 22.26 -10.07
N SER A 363 33.47 23.49 -9.70
CA SER A 363 34.76 24.09 -9.98
C SER A 363 35.94 23.24 -9.52
N TYR A 364 35.74 22.46 -8.46
CA TYR A 364 36.79 21.56 -8.00
C TYR A 364 37.05 20.48 -9.05
N TYR A 365 35.99 19.78 -9.45
CA TYR A 365 36.06 18.74 -10.47
C TYR A 365 36.68 19.27 -11.76
N HIS A 366 36.15 20.39 -12.24
CA HIS A 366 36.64 21.06 -13.44
C HIS A 366 38.15 21.30 -13.41
N ILE A 367 38.58 22.16 -12.48
CA ILE A 367 39.99 22.51 -12.34
C ILE A 367 40.87 21.27 -12.09
N ALA A 368 40.28 20.22 -11.55
CA ALA A 368 41.00 18.97 -11.30
C ALA A 368 41.26 18.28 -12.65
N ALA A 369 40.16 17.97 -13.34
CA ALA A 369 40.21 17.43 -14.70
C ALA A 369 41.20 18.20 -15.57
N ARG A 370 40.99 19.51 -15.70
CA ARG A 370 41.88 20.38 -16.46
C ARG A 370 43.37 20.18 -16.14
N ILE A 371 43.73 20.29 -14.85
CA ILE A 371 45.09 20.00 -14.41
C ILE A 371 45.59 18.64 -14.91
N ALA A 372 44.73 17.64 -14.77
CA ALA A 372 45.07 16.26 -15.16
C ALA A 372 45.31 16.09 -16.66
N THR A 373 44.33 16.48 -17.47
CA THR A 373 44.43 16.31 -18.92
C THR A 373 45.54 17.15 -19.54
N SER A 374 45.96 18.21 -18.85
CA SER A 374 47.05 19.05 -19.35
C SER A 374 48.35 18.28 -19.34
N ILE A 375 48.51 17.41 -18.35
CA ILE A 375 49.70 16.57 -18.25
C ILE A 375 49.57 15.43 -19.28
N PHE A 376 48.33 14.99 -19.51
CA PHE A 376 48.05 13.99 -20.54
C PHE A 376 48.39 14.58 -21.90
N ALA A 377 47.92 15.80 -22.14
CA ALA A 377 48.23 16.53 -23.35
C ALA A 377 49.74 16.64 -23.57
N LEU A 378 50.43 17.29 -22.62
CA LEU A 378 51.86 17.52 -22.71
C LEU A 378 52.67 16.26 -23.01
N SER A 379 52.38 15.17 -22.31
CA SER A 379 53.08 13.90 -22.53
C SER A 379 52.77 13.38 -23.92
N GLU A 380 51.49 13.37 -24.27
CA GLU A 380 51.04 12.85 -25.55
C GLU A 380 51.52 13.71 -26.72
N MET A 381 51.62 15.01 -26.48
CA MET A 381 52.10 15.94 -27.49
C MET A 381 53.54 15.63 -27.85
N GLY A 382 54.39 15.49 -26.83
CA GLY A 382 55.79 15.18 -27.03
C GLY A 382 55.99 13.88 -27.78
N ARG A 383 55.21 12.87 -27.43
CA ARG A 383 55.27 11.57 -28.09
C ARG A 383 54.94 11.72 -29.58
N THR A 384 53.78 12.33 -29.85
CA THR A 384 53.35 12.58 -31.22
C THR A 384 54.35 13.42 -32.01
N THR A 385 54.92 14.43 -31.36
CA THR A 385 55.80 15.38 -32.05
C THR A 385 57.28 15.01 -31.90
N GLU A 386 57.54 13.90 -31.20
CA GLU A 386 58.92 13.39 -31.03
C GLU A 386 59.85 14.26 -30.18
N TYR A 387 59.41 15.46 -29.79
CA TYR A 387 60.26 16.31 -28.97
C TYR A 387 59.51 17.07 -27.87
N PHE A 388 60.27 17.82 -27.07
CA PHE A 388 59.76 18.61 -25.96
C PHE A 388 60.50 19.94 -25.91
N LEU A 389 60.00 20.86 -25.09
CA LEU A 389 60.73 22.10 -24.82
C LEU A 389 61.04 22.23 -23.34
N LEU A 390 62.01 23.06 -23.00
CA LEU A 390 62.40 23.25 -21.60
C LEU A 390 61.37 24.04 -20.82
N ASP A 391 60.85 25.10 -21.44
CA ASP A 391 59.80 25.91 -20.83
C ASP A 391 58.62 25.04 -20.42
N GLU A 392 58.21 24.15 -21.31
CA GLU A 392 57.09 23.25 -21.04
C GLU A 392 57.33 22.40 -19.80
N ILE A 393 58.55 21.89 -19.65
CA ILE A 393 58.86 20.99 -18.54
C ILE A 393 58.98 21.74 -17.21
N VAL A 394 59.40 22.99 -17.28
CA VAL A 394 59.52 23.84 -16.10
C VAL A 394 58.15 24.41 -15.71
N ASP A 395 57.42 24.87 -16.71
CA ASP A 395 56.11 25.51 -16.51
C ASP A 395 55.12 24.62 -15.75
N VAL A 396 55.12 23.32 -16.05
CA VAL A 396 54.18 22.41 -15.42
C VAL A 396 54.50 22.17 -13.94
N GLN A 397 55.76 22.43 -13.56
CA GLN A 397 56.17 22.33 -12.17
C GLN A 397 55.51 23.43 -11.35
N TYR A 398 55.66 24.67 -11.81
CA TYR A 398 55.03 25.81 -11.16
C TYR A 398 53.51 25.70 -11.23
N GLN A 399 52.99 25.29 -12.38
CA GLN A 399 51.55 25.15 -12.54
C GLN A 399 50.96 24.08 -11.63
N LEU A 400 51.76 23.06 -11.29
CA LEU A 400 51.26 21.96 -10.48
C LEU A 400 51.20 22.33 -8.99
N LYS A 401 51.98 23.33 -8.60
CA LYS A 401 51.91 23.87 -7.25
C LYS A 401 50.77 24.88 -7.17
N PHE A 402 50.93 25.98 -7.90
CA PHE A 402 50.00 27.11 -7.88
C PHE A 402 48.53 26.72 -8.09
N LEU A 403 48.29 25.78 -8.98
CA LEU A 403 46.91 25.35 -9.25
C LEU A 403 46.38 24.40 -8.18
N ASN A 404 47.25 23.54 -7.64
CA ASN A 404 46.86 22.61 -6.59
C ASN A 404 46.47 23.35 -5.32
N TYR A 405 47.23 24.38 -5.00
CA TYR A 405 46.92 25.27 -3.89
C TYR A 405 45.49 25.76 -3.98
N ILE A 406 45.20 26.51 -5.03
CA ILE A 406 43.87 27.04 -5.27
C ILE A 406 42.83 25.91 -5.35
N LEU A 407 43.23 24.77 -5.91
CA LEU A 407 42.32 23.64 -6.06
C LEU A 407 41.86 23.13 -4.69
N MET A 408 42.82 22.83 -3.81
CA MET A 408 42.51 22.27 -2.51
C MET A 408 42.02 23.29 -1.48
N ARG A 409 42.73 24.40 -1.33
CA ARG A 409 42.30 25.45 -0.42
C ARG A 409 40.91 26.00 -0.75
N ILE A 410 40.82 26.66 -1.90
CA ILE A 410 39.59 27.37 -2.29
C ILE A 410 38.52 26.44 -2.84
N GLY A 411 38.94 25.46 -3.64
CA GLY A 411 37.98 24.52 -4.19
C GLY A 411 37.48 23.49 -3.20
N ALA A 412 38.40 22.81 -2.53
CA ALA A 412 38.04 21.76 -1.58
C ALA A 412 37.71 22.27 -0.17
N GLY A 413 38.21 23.45 0.17
CA GLY A 413 37.97 24.01 1.49
C GLY A 413 39.01 23.63 2.53
N ALA A 414 39.95 22.77 2.14
CA ALA A 414 40.92 22.20 3.08
C ALA A 414 41.83 23.23 3.72
N HIS A 415 42.38 22.88 4.89
CA HIS A 415 43.35 23.72 5.56
C HIS A 415 44.64 23.78 4.74
N PRO A 416 45.03 25.00 4.33
CA PRO A 416 46.20 25.28 3.49
C PRO A 416 47.48 24.59 3.95
N ASN A 417 47.61 24.35 5.26
CA ASN A 417 48.80 23.73 5.82
C ASN A 417 49.00 22.31 5.29
N THR A 418 47.90 21.64 4.96
CA THR A 418 47.94 20.24 4.57
C THR A 418 47.99 20.02 3.07
N ILE A 419 48.07 21.10 2.30
CA ILE A 419 48.08 21.00 0.85
C ILE A 419 49.45 20.55 0.36
N SER A 420 49.48 19.40 -0.32
CA SER A 420 50.72 18.85 -0.84
C SER A 420 50.48 18.25 -2.23
N GLY A 421 51.57 18.03 -2.98
CA GLY A 421 51.46 17.41 -4.29
C GLY A 421 52.76 16.78 -4.74
N THR A 422 52.66 15.81 -5.64
CA THR A 422 53.82 15.11 -6.19
C THR A 422 53.60 14.77 -7.65
N SER A 423 54.65 14.88 -8.45
CA SER A 423 54.57 14.50 -9.86
C SER A 423 55.79 13.66 -10.24
N ASP A 424 55.54 12.61 -11.01
CA ASP A 424 56.63 11.78 -11.54
C ASP A 424 56.44 11.65 -13.04
N LEU A 425 57.36 12.22 -13.81
CA LEU A 425 57.29 12.18 -15.27
C LEU A 425 58.63 11.72 -15.85
N ILE A 426 58.59 10.77 -16.79
CA ILE A 426 59.82 10.17 -17.32
C ILE A 426 60.64 11.16 -18.14
N PHE A 427 59.97 12.09 -18.80
CA PHE A 427 60.63 13.11 -19.61
C PHE A 427 61.05 14.32 -18.79
N ALA A 428 60.80 14.25 -17.48
CA ALA A 428 61.10 15.35 -16.57
C ALA A 428 61.99 14.93 -15.40
N ASP A 429 63.14 15.60 -15.25
CA ASP A 429 64.01 15.37 -14.12
C ASP A 429 64.28 16.69 -13.39
N PRO A 430 63.30 17.13 -12.58
CA PRO A 430 63.33 18.46 -11.93
C PRO A 430 64.47 18.60 -10.93
N SER A 431 64.72 17.55 -10.15
CA SER A 431 65.75 17.60 -9.12
C SER A 431 67.13 17.76 -9.73
N GLN A 432 67.33 17.18 -10.92
CA GLN A 432 68.59 17.34 -11.63
C GLN A 432 68.67 18.76 -12.16
N LEU A 433 67.53 19.26 -12.65
CA LEU A 433 67.44 20.63 -13.15
C LEU A 433 67.64 21.63 -12.01
N HIS A 434 67.18 21.25 -10.82
CA HIS A 434 67.36 22.09 -9.63
C HIS A 434 68.84 22.29 -9.34
N ASP A 435 69.58 21.18 -9.30
CA ASP A 435 71.01 21.21 -9.01
C ASP A 435 71.77 21.99 -10.09
N GLU A 436 71.31 21.89 -11.33
CA GLU A 436 71.91 22.63 -12.44
C GLU A 436 71.74 24.13 -12.22
N LEU A 437 70.54 24.51 -11.79
CA LEU A 437 70.22 25.92 -11.55
C LEU A 437 70.85 26.40 -10.24
N SER A 438 70.97 25.50 -9.27
CA SER A 438 71.60 25.81 -8.00
C SER A 438 73.07 26.18 -8.20
N LEU A 439 73.70 25.53 -9.18
CA LEU A 439 75.10 25.81 -9.51
C LEU A 439 75.20 26.99 -10.47
N LEU A 440 74.07 27.36 -11.05
CA LEU A 440 74.03 28.50 -11.97
C LEU A 440 73.98 29.81 -11.19
N PHE A 441 73.18 29.83 -10.12
CA PHE A 441 73.08 31.00 -9.26
C PHE A 441 74.38 31.17 -8.48
N GLY A 442 75.04 30.04 -8.22
CA GLY A 442 76.23 30.01 -7.37
C GLY A 442 77.52 30.27 -8.12
N GLN A 443 77.41 30.93 -9.27
CA GLN A 443 78.57 31.27 -10.08
C GLN A 443 78.36 32.60 -10.79
N PHE A 452 72.77 44.82 -13.37
CA PHE A 452 71.38 45.18 -13.58
C PHE A 452 70.62 44.12 -14.36
N ILE A 453 69.37 43.87 -13.96
CA ILE A 453 68.51 42.91 -14.64
C ILE A 453 67.17 43.56 -14.98
N SER A 454 66.69 43.34 -16.20
CA SER A 454 65.38 43.83 -16.62
C SER A 454 64.28 42.95 -16.05
N TYR A 455 63.07 43.50 -15.95
CA TYR A 455 61.94 42.76 -15.37
C TYR A 455 61.67 41.44 -16.09
N ASP A 456 61.94 41.40 -17.39
CA ASP A 456 61.75 40.19 -18.19
C ASP A 456 62.65 39.05 -17.75
N GLU A 457 63.97 39.30 -17.70
CA GLU A 457 64.93 38.29 -17.28
C GLU A 457 64.64 37.85 -15.87
N ALA A 458 64.31 38.83 -15.02
CA ALA A 458 63.98 38.57 -13.62
C ALA A 458 62.78 37.65 -13.52
N ARG A 459 61.76 37.92 -14.31
CA ARG A 459 60.56 37.10 -14.32
C ARG A 459 60.89 35.65 -14.67
N ASP A 460 61.80 35.45 -15.61
CA ASP A 460 62.17 34.11 -16.05
C ASP A 460 63.08 33.39 -15.07
N GLN A 461 64.07 34.12 -14.55
CA GLN A 461 64.98 33.57 -13.53
C GLN A 461 64.22 33.15 -12.28
N LEU A 462 63.22 33.94 -11.89
CA LEU A 462 62.44 33.66 -10.69
C LEU A 462 61.40 32.56 -10.91
N LYS A 463 60.74 32.58 -12.06
CA LYS A 463 59.73 31.58 -12.39
C LYS A 463 60.32 30.18 -12.33
N THR A 464 61.47 29.99 -12.97
CA THR A 464 62.12 28.70 -13.00
C THR A 464 62.64 28.36 -11.61
N ALA A 465 63.03 29.38 -10.86
CA ALA A 465 63.52 29.19 -9.50
C ALA A 465 62.38 28.71 -8.58
N TYR A 466 61.20 29.30 -8.75
CA TYR A 466 60.04 28.85 -7.99
C TYR A 466 59.60 27.46 -8.46
N ALA A 467 59.63 27.23 -9.77
CA ALA A 467 59.18 25.97 -10.34
C ALA A 467 59.97 24.78 -9.80
N LEU A 468 61.28 24.92 -9.71
CA LEU A 468 62.08 23.86 -9.13
C LEU A 468 62.61 24.30 -7.77
N SER A 469 61.99 23.79 -6.71
CA SER A 469 62.52 23.89 -5.36
C SER A 469 61.99 22.72 -4.53
N ARG A 470 62.85 22.16 -3.68
CA ARG A 470 62.40 21.16 -2.72
C ARG A 470 62.14 21.86 -1.39
N GLY A 471 62.24 23.19 -1.43
CA GLY A 471 62.23 24.01 -0.24
C GLY A 471 63.60 24.63 -0.03
N GLN A 472 64.58 24.14 -0.78
CA GLN A 472 65.90 24.77 -0.80
C GLN A 472 65.95 25.75 -1.96
N ASP A 473 65.96 27.03 -1.63
CA ASP A 473 66.07 28.10 -2.63
C ASP A 473 67.46 28.70 -2.53
N HIS A 474 68.10 28.94 -3.67
CA HIS A 474 69.43 29.51 -3.67
C HIS A 474 69.39 30.93 -3.12
N VAL A 475 70.36 31.27 -2.29
CA VAL A 475 70.41 32.56 -1.60
C VAL A 475 70.24 33.72 -2.58
N ASN A 476 70.87 33.61 -3.74
CA ASN A 476 70.83 34.68 -4.73
C ASN A 476 69.49 34.77 -5.49
N ALA A 477 68.67 33.73 -5.37
CA ALA A 477 67.33 33.76 -5.93
C ALA A 477 66.44 34.64 -5.06
N LEU A 478 66.53 34.43 -3.75
CA LEU A 478 65.81 35.25 -2.79
C LEU A 478 66.25 36.71 -2.93
N SER A 479 67.56 36.93 -2.95
CA SER A 479 68.14 38.26 -3.12
C SER A 479 67.58 38.96 -4.35
N LEU A 480 67.38 38.20 -5.42
CA LEU A 480 66.80 38.75 -6.63
C LEU A 480 65.32 39.05 -6.42
N ALA A 481 64.63 38.16 -5.72
CA ALA A 481 63.20 38.32 -5.44
C ALA A 481 62.93 39.59 -4.62
N ARG A 482 63.75 39.81 -3.59
CA ARG A 482 63.65 41.01 -2.77
C ARG A 482 63.76 42.25 -3.63
N ARG A 483 64.84 42.31 -4.40
CA ARG A 483 65.16 43.47 -5.23
C ARG A 483 64.07 43.78 -6.25
N VAL A 484 63.42 42.74 -6.75
CA VAL A 484 62.28 42.91 -7.65
C VAL A 484 61.12 43.62 -6.96
N ILE A 485 60.76 43.11 -5.79
CA ILE A 485 59.70 43.71 -4.97
C ILE A 485 59.97 45.19 -4.72
N MET A 486 61.08 45.48 -4.05
CA MET A 486 61.45 46.86 -3.74
C MET A 486 61.44 47.77 -4.97
N SER A 487 61.94 47.27 -6.09
CA SER A 487 61.99 48.08 -7.31
C SER A 487 60.59 48.37 -7.83
N ILE A 488 59.71 47.39 -7.71
CA ILE A 488 58.31 47.60 -8.08
C ILE A 488 57.67 48.54 -7.07
N TYR A 489 58.05 48.39 -5.80
CA TYR A 489 57.55 49.26 -4.73
C TYR A 489 57.85 50.73 -4.99
N LYS A 490 59.11 51.04 -5.27
CA LYS A 490 59.50 52.43 -5.54
C LYS A 490 58.82 52.95 -6.79
N GLY A 491 58.43 52.03 -7.67
CA GLY A 491 57.72 52.38 -8.88
C GLY A 491 56.26 52.71 -8.62
N LEU A 492 55.60 51.86 -7.83
CA LEU A 492 54.16 51.99 -7.58
C LEU A 492 53.76 53.17 -6.69
N LEU A 493 54.73 53.78 -5.99
CA LEU A 493 54.39 54.97 -5.21
C LEU A 493 54.26 56.23 -6.07
N VAL A 494 55.01 56.30 -7.17
CA VAL A 494 54.86 57.38 -8.13
C VAL A 494 53.76 57.12 -9.18
N LYS A 495 53.42 55.85 -9.40
CA LYS A 495 52.46 55.48 -10.45
C LYS A 495 51.44 54.47 -9.95
N GLN A 496 50.22 54.55 -10.46
CA GLN A 496 49.12 53.76 -9.90
C GLN A 496 48.83 52.43 -10.61
N ASN A 497 49.63 52.07 -11.61
CA ASN A 497 49.43 50.80 -12.31
C ASN A 497 50.71 50.04 -12.67
N LEU A 498 50.54 48.77 -13.04
CA LEU A 498 51.65 47.91 -13.42
C LEU A 498 51.35 47.22 -14.77
N ASN A 499 52.31 47.27 -15.69
CA ASN A 499 52.15 46.53 -16.95
C ASN A 499 52.30 45.02 -16.71
N ALA A 500 51.79 44.21 -17.64
CA ALA A 500 51.71 42.77 -17.45
C ALA A 500 53.05 42.10 -17.14
N THR A 501 54.15 42.73 -17.54
CA THR A 501 55.48 42.19 -17.26
C THR A 501 55.80 42.39 -15.79
N GLU A 502 55.52 43.59 -15.29
CA GLU A 502 55.76 43.95 -13.89
C GLU A 502 55.02 43.00 -12.95
N ARG A 503 53.76 42.72 -13.27
CA ARG A 503 52.94 41.84 -12.46
C ARG A 503 53.52 40.42 -12.35
N GLN A 504 53.99 39.90 -13.48
CA GLN A 504 54.57 38.56 -13.52
C GLN A 504 55.84 38.50 -12.66
N ALA A 505 56.60 39.58 -12.66
CA ALA A 505 57.82 39.64 -11.87
C ALA A 505 57.48 39.67 -10.39
N LEU A 506 56.49 40.48 -10.04
CA LEU A 506 56.01 40.57 -8.67
C LEU A 506 55.50 39.22 -8.19
N PHE A 507 54.68 38.58 -9.04
CA PHE A 507 54.07 37.29 -8.70
C PHE A 507 55.09 36.27 -8.23
N PHE A 508 56.10 36.03 -9.06
CA PHE A 508 57.09 35.00 -8.77
C PHE A 508 58.04 35.41 -7.64
N ALA A 509 58.33 36.70 -7.54
CA ALA A 509 59.11 37.21 -6.42
C ALA A 509 58.40 36.91 -5.10
N SER A 510 57.11 37.22 -5.05
CA SER A 510 56.27 36.89 -3.90
C SER A 510 56.32 35.41 -3.58
N MET A 511 55.87 34.57 -4.52
CA MET A 511 55.78 33.13 -4.31
C MET A 511 57.11 32.53 -3.84
N ILE A 512 58.22 33.17 -4.22
CA ILE A 512 59.54 32.76 -3.77
C ILE A 512 59.79 33.12 -2.31
N LEU A 513 59.42 34.34 -1.92
CA LEU A 513 59.69 34.82 -0.57
C LEU A 513 58.69 34.26 0.45
N LEU A 514 57.50 33.89 0.00
CA LEU A 514 56.52 33.25 0.88
C LEU A 514 56.57 31.73 0.74
N ASN A 515 57.51 31.24 -0.07
CA ASN A 515 57.67 29.82 -0.36
C ASN A 515 57.83 28.98 0.91
N PHE A 516 58.70 29.46 1.79
CA PHE A 516 59.00 28.79 3.04
C PHE A 516 58.47 29.58 4.24
N SER A 523 64.58 32.23 12.20
CA SER A 523 63.91 33.53 12.17
C SER A 523 64.43 34.41 11.04
N SER A 524 64.95 33.77 9.99
CA SER A 524 65.45 34.49 8.82
C SER A 524 64.38 34.60 7.74
N ARG A 525 63.98 33.45 7.20
CA ARG A 525 62.95 33.38 6.17
C ARG A 525 61.62 33.91 6.67
N VAL A 526 61.40 33.83 7.98
CA VAL A 526 60.19 34.33 8.60
C VAL A 526 60.05 35.83 8.38
N LEU A 527 61.16 36.55 8.53
CA LEU A 527 61.18 37.99 8.33
C LEU A 527 60.77 38.36 6.90
N ASP A 528 61.24 37.55 5.94
CA ASP A 528 60.91 37.77 4.54
C ASP A 528 59.41 37.70 4.33
N GLY A 529 58.78 36.73 4.97
CA GLY A 529 57.33 36.58 4.88
C GLY A 529 56.63 37.82 5.39
N ARG A 530 57.01 38.25 6.58
CA ARG A 530 56.40 39.42 7.20
C ARG A 530 56.64 40.68 6.37
N THR A 531 57.89 40.91 5.97
CA THR A 531 58.26 42.13 5.26
C THR A 531 57.66 42.22 3.85
N THR A 532 57.41 41.07 3.21
CA THR A 532 56.80 41.10 1.88
C THR A 532 55.31 41.35 2.00
N LEU A 533 54.66 40.67 2.94
CA LEU A 533 53.25 40.90 3.23
C LEU A 533 53.02 42.37 3.58
N LEU A 534 54.01 42.96 4.24
CA LEU A 534 53.99 44.37 4.56
C LEU A 534 54.04 45.18 3.27
N LEU A 535 55.02 44.88 2.44
CA LEU A 535 55.24 45.57 1.18
C LEU A 535 54.06 45.41 0.22
N MET A 536 53.54 44.19 0.10
CA MET A 536 52.36 43.94 -0.73
C MET A 536 51.19 44.81 -0.25
N THR A 537 50.99 44.86 1.07
CA THR A 537 49.92 45.64 1.65
C THR A 537 50.08 47.14 1.41
N SER A 538 51.30 47.64 1.60
CA SER A 538 51.60 49.03 1.33
C SER A 538 51.33 49.39 -0.13
N MET A 539 51.80 48.54 -1.04
CA MET A 539 51.64 48.76 -2.47
C MET A 539 50.17 48.87 -2.86
N CYS A 540 49.32 48.18 -2.11
CA CYS A 540 47.90 48.16 -2.46
C CYS A 540 47.23 49.33 -1.76
N THR A 541 46.83 50.30 -2.56
CA THR A 541 46.16 51.50 -2.08
C THR A 541 44.77 51.54 -2.66
N ALA A 542 43.99 52.55 -2.28
CA ALA A 542 42.66 52.71 -2.85
C ALA A 542 42.79 52.97 -4.34
N ALA A 543 43.79 53.79 -4.70
CA ALA A 543 44.06 54.12 -6.10
C ALA A 543 44.42 52.88 -6.91
N HIS A 544 45.43 52.14 -6.48
CA HIS A 544 45.86 50.95 -7.21
C HIS A 544 44.80 49.84 -7.26
N ALA A 545 44.10 49.63 -6.15
CA ALA A 545 43.08 48.59 -6.07
C ALA A 545 42.01 48.73 -7.15
N THR A 546 41.58 49.97 -7.39
CA THR A 546 40.59 50.23 -8.44
C THR A 546 41.15 49.86 -9.80
N GLN A 547 42.41 50.22 -10.04
CA GLN A 547 43.07 49.86 -11.29
C GLN A 547 43.27 48.36 -11.38
N ALA A 548 43.80 47.78 -10.30
CA ALA A 548 44.07 46.35 -10.25
C ALA A 548 42.83 45.51 -10.51
N ALA A 549 41.70 45.94 -9.97
CA ALA A 549 40.45 45.21 -10.16
C ALA A 549 39.96 45.37 -11.59
N LEU A 550 40.20 46.55 -12.16
CA LEU A 550 39.87 46.81 -13.56
C LEU A 550 40.68 45.90 -14.48
N ASN A 551 41.97 45.72 -14.16
CA ASN A 551 42.82 44.77 -14.87
C ASN A 551 42.20 43.37 -14.95
N ILE A 552 41.99 42.72 -13.81
CA ILE A 552 41.33 41.41 -13.76
C ILE A 552 40.03 41.42 -14.58
N GLN A 553 39.28 42.51 -14.47
CA GLN A 553 38.00 42.62 -15.15
C GLN A 553 38.15 42.78 -16.66
N GLU A 554 39.08 43.62 -17.08
CA GLU A 554 39.39 43.81 -18.50
C GLU A 554 39.90 42.51 -19.12
N GLY A 555 40.84 41.87 -18.44
CA GLY A 555 41.41 40.63 -18.91
C GLY A 555 40.37 39.54 -19.09
N LEU A 556 39.41 39.47 -18.17
CA LEU A 556 38.36 38.48 -18.27
C LEU A 556 37.32 38.91 -19.32
N ALA A 557 37.23 40.21 -19.56
CA ALA A 557 36.24 40.73 -20.49
C ALA A 557 36.61 40.38 -21.91
N TYR A 558 37.81 40.79 -22.32
CA TYR A 558 38.32 40.41 -23.62
C TYR A 558 39.13 39.13 -23.43
N LEU A 559 38.58 38.03 -23.91
CA LEU A 559 39.14 36.73 -23.62
C LEU A 559 38.90 35.82 -24.82
N ASN A 560 39.89 34.98 -25.12
CA ASN A 560 39.76 34.04 -26.22
C ASN A 560 40.30 32.67 -25.83
N PRO A 561 39.45 31.84 -25.22
CA PRO A 561 39.82 30.49 -24.79
C PRO A 561 40.34 29.68 -25.97
N SER A 562 39.81 29.95 -27.16
CA SER A 562 40.19 29.21 -28.35
C SER A 562 41.60 29.56 -28.82
N LYS A 563 41.85 30.85 -29.06
CA LYS A 563 43.14 31.26 -29.59
C LYS A 563 44.21 31.77 -28.62
N HIS A 564 43.86 32.04 -27.36
CA HIS A 564 44.84 32.64 -26.47
C HIS A 564 44.93 32.04 -25.07
N MET A 565 46.09 32.18 -24.43
CA MET A 565 46.26 31.72 -23.07
C MET A 565 45.78 32.81 -22.12
N PHE A 566 45.15 32.41 -21.03
CA PHE A 566 44.91 33.31 -19.92
C PHE A 566 45.78 32.87 -18.77
N THR A 567 46.49 33.80 -18.16
CA THR A 567 47.32 33.45 -17.02
C THR A 567 47.16 34.46 -15.88
N ILE A 568 47.00 33.95 -14.66
CA ILE A 568 46.82 34.78 -13.48
C ILE A 568 47.97 35.78 -13.23
N PRO A 569 49.23 35.33 -13.39
CA PRO A 569 50.32 36.30 -13.20
C PRO A 569 50.27 37.49 -14.17
N ASN A 570 49.51 37.38 -15.25
CA ASN A 570 49.37 38.47 -16.19
C ASN A 570 48.38 39.52 -15.69
N VAL A 571 47.41 39.07 -14.90
CA VAL A 571 46.44 39.94 -14.25
C VAL A 571 46.78 40.29 -12.79
N TYR A 572 47.96 39.91 -12.32
CA TYR A 572 48.29 39.98 -10.90
C TYR A 572 48.42 41.43 -10.40
N SER A 573 48.67 41.56 -9.09
CA SER A 573 48.75 42.85 -8.40
C SER A 573 49.08 42.58 -6.94
N PRO A 574 49.67 43.58 -6.25
CA PRO A 574 50.04 43.40 -4.85
C PRO A 574 48.81 43.17 -3.96
N CYS A 575 47.67 43.67 -4.40
CA CYS A 575 46.42 43.50 -3.67
C CYS A 575 46.05 42.03 -3.49
N MET A 576 46.59 41.17 -4.34
CA MET A 576 46.31 39.74 -4.23
C MET A 576 47.23 39.11 -3.20
N GLY A 577 48.32 39.82 -2.89
CA GLY A 577 49.30 39.32 -1.95
C GLY A 577 49.35 40.07 -0.63
N SER A 578 48.37 40.95 -0.42
CA SER A 578 48.37 41.81 0.75
C SER A 578 47.41 41.28 1.79
N LEU A 579 47.37 41.94 2.95
CA LEU A 579 46.31 41.64 3.90
C LEU A 579 45.46 42.89 4.00
N ARG A 580 44.34 42.88 3.27
CA ARG A 580 43.34 43.93 3.38
C ARG A 580 41.96 43.32 3.20
N THR A 581 41.11 43.39 4.22
CA THR A 581 39.73 42.92 4.04
C THR A 581 38.74 44.05 3.78
N ASP A 582 39.23 45.28 3.67
CA ASP A 582 38.35 46.45 3.51
C ASP A 582 38.02 46.81 2.08
N LEU A 583 38.52 46.08 1.10
CA LEU A 583 38.32 46.48 -0.27
C LEU A 583 36.90 46.19 -0.76
N THR A 584 36.18 45.34 -0.03
CA THR A 584 34.80 45.02 -0.37
C THR A 584 33.84 46.00 0.28
N GLU A 585 34.37 46.91 1.09
CA GLU A 585 33.56 47.95 1.72
C GLU A 585 33.00 48.87 0.64
N GLU A 586 31.78 49.35 0.85
CA GLU A 586 31.06 50.15 -0.14
C GLU A 586 31.89 51.32 -0.71
N ILE A 587 32.59 52.03 0.18
CA ILE A 587 33.36 53.21 -0.24
C ILE A 587 34.26 52.90 -1.44
N HIS A 588 35.00 51.78 -1.39
CA HIS A 588 35.93 51.39 -2.44
C HIS A 588 35.23 50.82 -3.68
N VAL A 589 34.40 49.81 -3.45
CA VAL A 589 33.59 49.19 -4.51
C VAL A 589 32.85 50.25 -5.32
N MET A 590 32.30 51.25 -4.65
CA MET A 590 31.58 52.33 -5.31
C MET A 590 32.53 53.13 -6.20
N ASN A 591 33.73 53.40 -5.69
CA ASN A 591 34.75 54.11 -6.45
C ASN A 591 35.23 53.31 -7.66
N LEU A 592 35.24 51.99 -7.52
CA LEU A 592 35.58 51.10 -8.63
C LEU A 592 34.63 51.29 -9.79
N LEU A 593 33.33 51.23 -9.51
CA LEU A 593 32.30 51.46 -10.52
C LEU A 593 32.48 52.78 -11.26
N SER A 594 32.91 53.81 -10.54
CA SER A 594 33.02 55.13 -11.14
C SER A 594 34.27 55.26 -12.01
N ALA A 595 35.19 54.31 -11.85
CA ALA A 595 36.41 54.32 -12.65
C ALA A 595 36.29 53.42 -13.89
N ILE A 596 35.16 52.72 -14.01
CA ILE A 596 34.91 51.85 -15.15
C ILE A 596 34.94 52.57 -16.52
N PRO A 597 34.23 53.72 -16.64
CA PRO A 597 34.27 54.40 -17.95
C PRO A 597 35.66 54.86 -18.40
N THR A 598 36.63 54.88 -17.48
CA THR A 598 38.00 55.24 -17.85
C THR A 598 38.65 54.13 -18.68
N ARG A 599 37.98 53.00 -18.77
CA ARG A 599 38.39 51.91 -19.64
C ARG A 599 37.20 51.57 -20.56
N PRO A 600 37.01 52.40 -21.59
CA PRO A 600 35.79 52.47 -22.42
C PRO A 600 35.41 51.13 -23.04
N GLY A 601 36.42 50.36 -23.45
CA GLY A 601 36.18 49.06 -24.02
C GLY A 601 35.52 48.16 -22.99
N LEU A 602 36.18 48.04 -21.84
CA LEU A 602 35.66 47.25 -20.72
C LEU A 602 34.29 47.76 -20.29
N ASN A 603 34.13 49.08 -20.29
CA ASN A 603 32.87 49.71 -19.94
C ASN A 603 31.72 49.22 -20.81
N GLU A 604 31.92 49.25 -22.12
CA GLU A 604 30.88 48.87 -23.07
C GLU A 604 30.53 47.39 -22.96
N VAL A 605 31.53 46.55 -22.75
CA VAL A 605 31.32 45.11 -22.62
C VAL A 605 30.42 44.82 -21.41
N LEU A 606 30.73 45.47 -20.30
CA LEU A 606 29.95 45.27 -19.07
C LEU A 606 28.49 45.70 -19.24
N HIS A 607 28.29 46.90 -19.76
CA HIS A 607 26.94 47.47 -19.88
C HIS A 607 26.04 46.74 -20.88
N THR A 608 26.63 46.13 -21.90
CA THR A 608 25.84 45.51 -22.96
C THR A 608 25.44 44.06 -22.65
N GLN A 609 25.88 43.57 -21.49
CA GLN A 609 25.43 42.27 -21.00
C GLN A 609 24.92 42.35 -19.56
N LEU A 610 25.80 42.74 -18.65
CA LEU A 610 25.46 42.85 -17.23
C LEU A 610 24.48 43.99 -16.96
N ASP A 611 23.45 43.69 -16.17
CA ASP A 611 22.53 44.69 -15.66
C ASP A 611 23.27 45.65 -14.73
N GLU A 612 22.78 46.88 -14.61
CA GLU A 612 23.41 47.89 -13.75
C GLU A 612 23.60 47.40 -12.32
N SER A 613 22.64 46.60 -11.85
CA SER A 613 22.74 45.97 -10.54
C SER A 613 23.86 44.93 -10.54
N GLU A 614 23.98 44.18 -11.63
CA GLU A 614 24.97 43.12 -11.74
C GLU A 614 26.40 43.66 -11.85
N ILE A 615 26.52 44.89 -12.36
CA ILE A 615 27.82 45.53 -12.48
C ILE A 615 28.41 45.79 -11.09
N PHE A 616 27.54 46.12 -10.15
CA PHE A 616 27.96 46.30 -8.76
C PHE A 616 28.46 44.99 -8.19
N ASP A 617 27.69 43.92 -8.40
CA ASP A 617 28.09 42.59 -7.95
C ASP A 617 29.46 42.27 -8.51
N ALA A 618 29.61 42.54 -9.81
CA ALA A 618 30.88 42.36 -10.51
C ALA A 618 32.01 43.05 -9.78
N ALA A 619 31.91 44.37 -9.61
CA ALA A 619 32.91 45.15 -8.89
C ALA A 619 33.12 44.66 -7.46
N PHE A 620 32.04 44.20 -6.81
CA PHE A 620 32.18 43.64 -5.48
C PHE A 620 32.95 42.33 -5.54
N LYS A 621 32.55 41.46 -6.46
CA LYS A 621 33.15 40.14 -6.60
C LYS A 621 34.63 40.18 -6.97
N THR A 622 35.05 41.19 -7.74
CA THR A 622 36.46 41.28 -8.13
C THR A 622 37.30 41.83 -6.98
N MET A 623 36.74 42.78 -6.22
CA MET A 623 37.41 43.30 -5.04
C MET A 623 37.60 42.20 -4.01
N MET A 624 36.63 41.29 -3.96
CA MET A 624 36.70 40.11 -3.09
C MET A 624 38.00 39.35 -3.23
N ILE A 625 38.44 39.16 -4.47
CA ILE A 625 39.68 38.44 -4.77
C ILE A 625 40.86 38.94 -3.93
N PHE A 626 40.95 40.26 -3.80
CA PHE A 626 42.06 40.89 -3.09
C PHE A 626 42.02 40.57 -1.59
N THR A 627 40.83 40.38 -1.06
CA THR A 627 40.66 40.04 0.35
C THR A 627 40.92 38.55 0.61
N THR A 628 40.39 37.69 -0.27
CA THR A 628 40.41 36.24 -0.05
C THR A 628 41.69 35.51 -0.52
N TRP A 629 42.50 36.15 -1.37
CA TRP A 629 43.63 35.45 -2.00
C TRP A 629 44.71 35.05 -1.00
N THR A 630 45.21 36.02 -0.24
CA THR A 630 46.21 35.76 0.79
C THR A 630 45.66 35.91 2.19
N ALA A 631 45.16 37.10 2.50
CA ALA A 631 44.71 37.47 3.85
C ALA A 631 43.79 36.44 4.50
N LYS A 632 42.89 35.87 3.71
CA LYS A 632 41.95 34.88 4.23
C LYS A 632 42.62 33.56 4.61
N ASP A 633 43.78 33.29 4.04
CA ASP A 633 44.51 32.06 4.38
C ASP A 633 45.05 32.20 5.80
N LEU A 634 44.63 31.28 6.67
CA LEU A 634 45.06 31.32 8.07
C LEU A 634 46.48 30.81 8.25
N HIS A 635 46.87 29.83 7.44
CA HIS A 635 48.19 29.22 7.54
C HIS A 635 49.30 30.24 7.27
N ILE A 636 49.07 31.13 6.31
CA ILE A 636 50.04 32.17 6.00
C ILE A 636 50.14 33.13 7.17
N LEU A 637 48.99 33.48 7.75
CA LEU A 637 48.94 34.36 8.91
C LEU A 637 49.60 33.71 10.12
N HIS A 638 49.16 32.50 10.45
CA HIS A 638 49.67 31.76 11.61
C HIS A 638 51.20 31.69 11.65
N THR A 639 51.83 31.54 10.50
CA THR A 639 53.28 31.49 10.45
C THR A 639 53.91 32.87 10.60
N HIS A 640 53.46 33.84 9.80
CA HIS A 640 54.11 35.14 9.76
C HIS A 640 53.58 36.16 10.78
N VAL A 641 52.39 35.93 11.31
CA VAL A 641 51.83 36.82 12.33
C VAL A 641 51.08 36.04 13.41
N PRO A 642 51.80 35.24 14.20
CA PRO A 642 51.20 34.43 15.25
C PRO A 642 50.67 35.32 16.38
N GLU A 643 51.26 36.51 16.47
CA GLU A 643 50.91 37.51 17.47
C GLU A 643 49.42 37.86 17.42
N VAL A 644 48.86 37.83 16.22
CA VAL A 644 47.44 38.12 16.03
C VAL A 644 46.57 37.07 16.72
N PHE A 645 47.06 35.84 16.77
CA PHE A 645 46.29 34.70 17.30
C PHE A 645 46.61 34.30 18.76
N THR A 646 47.48 35.05 19.43
CA THR A 646 48.09 34.59 20.68
C THR A 646 47.13 34.31 21.84
N CYS A 647 46.17 35.20 22.01
CA CYS A 647 45.21 35.13 23.10
C CYS A 647 43.97 34.38 22.66
N GLN A 648 42.89 34.55 23.41
CA GLN A 648 41.60 33.94 23.08
C GLN A 648 41.02 34.63 21.84
N ASP A 649 41.84 35.48 21.21
CA ASP A 649 41.43 36.36 20.13
C ASP A 649 40.63 35.63 19.07
N ALA A 650 39.38 36.06 18.91
CA ALA A 650 38.46 35.57 17.90
C ALA A 650 38.61 36.33 16.59
N ALA A 651 38.80 37.65 16.74
CA ALA A 651 38.70 38.61 15.64
C ALA A 651 39.49 38.21 14.40
N ALA A 652 40.62 37.54 14.62
CA ALA A 652 41.45 37.09 13.52
C ALA A 652 40.66 36.22 12.53
N ARG A 653 39.96 35.22 13.05
CA ARG A 653 39.19 34.30 12.22
C ARG A 653 37.78 34.82 11.94
N ASN A 654 37.35 35.83 12.69
CA ASN A 654 36.05 36.45 12.45
C ASN A 654 36.17 37.61 11.49
N GLY A 655 37.40 37.85 11.03
CA GLY A 655 37.69 38.92 10.09
C GLY A 655 37.27 40.27 10.60
N GLU A 656 37.44 40.50 11.91
CA GLU A 656 37.18 41.80 12.48
C GLU A 656 38.44 42.64 12.35
N TYR A 657 39.54 41.97 11.99
CA TYR A 657 40.76 42.68 11.72
C TYR A 657 40.77 42.95 10.24
N VAL A 658 40.56 44.22 9.91
CA VAL A 658 40.38 44.65 8.54
C VAL A 658 41.72 44.76 7.83
N LEU A 659 42.73 45.19 8.57
CA LEU A 659 44.06 45.38 8.02
C LEU A 659 45.09 44.86 9.02
N ILE A 660 46.15 44.24 8.51
CA ILE A 660 47.22 43.73 9.37
C ILE A 660 48.58 44.27 8.90
N LEU A 661 49.34 44.83 9.83
CA LEU A 661 50.62 45.47 9.49
C LEU A 661 51.75 44.95 10.35
N PRO A 662 52.49 43.95 9.83
CA PRO A 662 53.63 43.39 10.58
C PRO A 662 54.63 44.46 11.00
N ALA A 663 54.99 44.42 12.27
CA ALA A 663 55.92 45.35 12.90
C ALA A 663 57.15 44.55 13.33
N VAL A 664 58.03 45.17 14.10
CA VAL A 664 59.22 44.49 14.61
C VAL A 664 58.83 43.17 15.28
N GLN A 665 59.73 42.19 15.20
CA GLN A 665 59.43 40.79 15.44
C GLN A 665 58.63 40.56 16.73
N GLY A 666 57.52 39.83 16.62
CA GLY A 666 56.67 39.59 17.75
C GLY A 666 55.47 40.52 17.80
N HIS A 667 55.45 41.50 16.90
CA HIS A 667 54.39 42.52 16.92
C HIS A 667 53.82 42.87 15.54
N SER A 668 52.54 43.23 15.50
CA SER A 668 51.90 43.72 14.30
C SER A 668 50.80 44.71 14.66
N TYR A 669 50.61 45.75 13.85
CA TYR A 669 49.47 46.62 14.04
C TYR A 669 48.21 45.91 13.56
N VAL A 670 47.06 46.52 13.79
CA VAL A 670 45.80 45.98 13.35
C VAL A 670 44.79 47.10 13.22
N ILE A 671 43.87 46.99 12.27
CA ILE A 671 42.77 47.93 12.22
C ILE A 671 41.50 47.13 12.41
N THR A 672 40.70 47.53 13.39
CA THR A 672 39.48 46.82 13.70
C THR A 672 38.35 47.84 13.80
N ARG A 673 37.18 47.45 13.30
CA ARG A 673 36.00 48.30 13.37
C ARG A 673 35.32 48.21 14.73
N ASN A 674 35.42 47.06 15.39
CA ASN A 674 34.75 46.87 16.68
C ASN A 674 35.55 47.40 17.86
N LYS A 675 35.05 47.13 19.06
CA LYS A 675 35.70 47.49 20.30
C LYS A 675 36.79 46.47 20.59
N PRO A 676 38.06 46.88 20.50
CA PRO A 676 39.18 45.95 20.65
C PRO A 676 39.29 45.40 22.07
N GLN A 677 39.41 44.07 22.18
CA GLN A 677 39.49 43.41 23.48
C GLN A 677 40.91 43.12 23.98
N ARG A 678 41.91 43.68 23.31
CA ARG A 678 43.31 43.33 23.59
C ARG A 678 44.23 44.25 22.78
N GLY A 679 45.49 44.33 23.20
CA GLY A 679 46.49 45.14 22.54
C GLY A 679 46.45 46.61 22.90
N LEU A 680 47.49 47.34 22.50
CA LEU A 680 47.55 48.78 22.73
C LEU A 680 46.68 49.49 21.70
N VAL A 681 45.69 50.23 22.19
CA VAL A 681 44.65 50.77 21.31
C VAL A 681 44.70 52.29 21.11
N TYR A 682 44.85 52.69 19.84
CA TYR A 682 44.71 54.09 19.47
C TYR A 682 43.40 54.26 18.71
N SER A 683 42.43 54.90 19.34
CA SER A 683 41.15 55.14 18.71
C SER A 683 41.13 56.53 18.09
N LEU A 684 41.05 56.59 16.76
CA LEU A 684 41.04 57.87 16.07
C LEU A 684 39.65 58.47 16.28
N ALA A 685 39.60 59.65 16.89
CA ALA A 685 38.33 60.22 17.32
C ALA A 685 37.71 61.23 16.35
N ASP A 686 38.43 61.55 15.29
CA ASP A 686 37.91 62.46 14.28
C ASP A 686 37.02 61.70 13.30
N VAL A 687 37.07 60.38 13.41
CA VAL A 687 36.35 59.48 12.53
C VAL A 687 34.87 59.39 12.88
N ASP A 688 34.00 59.29 11.87
CA ASP A 688 32.57 59.09 12.06
C ASP A 688 32.33 57.88 12.98
N VAL A 689 31.39 58.04 13.90
CA VAL A 689 31.18 57.07 14.96
C VAL A 689 30.61 55.74 14.46
N TYR A 690 29.76 55.81 13.44
CA TYR A 690 29.08 54.62 12.92
C TYR A 690 30.04 53.75 12.11
N ASN A 691 31.21 54.31 11.78
CA ASN A 691 32.24 53.57 11.06
C ASN A 691 33.62 53.88 11.64
N PRO A 692 33.89 53.38 12.86
CA PRO A 692 35.10 53.75 13.60
C PRO A 692 36.37 53.04 13.14
N ILE A 693 37.51 53.69 13.32
CA ILE A 693 38.81 53.08 13.03
C ILE A 693 39.63 53.00 14.31
N SER A 694 39.96 51.79 14.73
CA SER A 694 40.80 51.60 15.91
C SER A 694 42.12 50.95 15.53
N VAL A 695 43.20 51.72 15.61
CA VAL A 695 44.54 51.21 15.34
C VAL A 695 45.06 50.53 16.60
N VAL A 696 45.39 49.24 16.48
CA VAL A 696 45.73 48.45 17.65
C VAL A 696 47.06 47.72 17.47
N TYR A 697 47.95 47.89 18.44
CA TYR A 697 49.27 47.27 18.42
C TYR A 697 49.24 45.97 19.23
N LEU A 698 49.41 44.85 18.55
CA LEU A 698 49.33 43.54 19.19
C LEU A 698 50.72 43.00 19.52
N SER A 699 50.82 42.30 20.65
CA SER A 699 52.10 41.73 21.08
C SER A 699 51.95 40.23 21.31
N LYS A 700 53.00 39.48 20.97
CA LYS A 700 52.96 38.02 21.10
C LYS A 700 52.82 37.56 22.55
N ASP A 701 53.67 38.11 23.41
CA ASP A 701 53.72 37.67 24.80
C ASP A 701 52.89 38.51 25.76
N THR A 702 52.29 39.59 25.24
CA THR A 702 51.49 40.49 26.07
C THR A 702 50.03 40.47 25.66
N CYS A 703 49.17 39.92 26.51
CA CYS A 703 47.73 39.82 26.24
C CYS A 703 46.95 40.96 26.87
N VAL A 704 47.66 41.93 27.43
CA VAL A 704 46.99 43.02 28.16
C VAL A 704 46.25 43.94 27.19
N SER A 705 45.34 44.75 27.75
CA SER A 705 44.57 45.70 26.98
C SER A 705 44.72 47.11 27.54
N GLU A 706 45.22 48.04 26.72
CA GLU A 706 45.43 49.41 27.14
C GLU A 706 45.10 50.40 26.02
N HIS A 707 45.24 51.69 26.32
CA HIS A 707 44.99 52.73 25.34
C HIS A 707 46.18 53.68 25.31
N GLY A 708 46.64 54.02 24.11
CA GLY A 708 47.78 54.89 23.97
C GLY A 708 47.37 56.30 23.61
N VAL A 709 48.33 57.22 23.67
CA VAL A 709 48.08 58.60 23.29
C VAL A 709 48.86 58.87 22.02
N ILE A 710 48.23 59.56 21.07
CA ILE A 710 48.95 59.90 19.86
C ILE A 710 49.57 61.26 20.05
N GLU A 711 50.90 61.27 20.23
CA GLU A 711 51.64 62.51 20.34
C GLU A 711 51.81 63.06 18.93
N THR A 712 52.09 64.35 18.82
CA THR A 712 52.29 64.93 17.51
C THR A 712 53.71 65.47 17.34
N VAL A 713 54.26 65.32 16.13
CA VAL A 713 55.57 65.85 15.80
C VAL A 713 55.47 66.57 14.47
N ALA A 714 56.51 67.31 14.12
CA ALA A 714 56.54 67.98 12.83
C ALA A 714 57.69 67.43 11.99
N LEU A 715 57.63 67.70 10.70
CA LEU A 715 58.65 67.21 9.78
C LEU A 715 59.73 68.26 9.59
N PRO A 716 61.01 67.82 9.55
CA PRO A 716 62.11 68.74 9.28
C PRO A 716 62.13 69.10 7.80
N HIS A 717 63.07 69.94 7.39
CA HIS A 717 63.26 70.22 5.98
C HIS A 717 63.85 68.96 5.35
N PRO A 718 63.38 68.59 4.15
CA PRO A 718 63.82 67.39 3.44
C PRO A 718 65.35 67.28 3.32
N ASP A 719 66.01 68.41 3.12
CA ASP A 719 67.46 68.42 2.94
C ASP A 719 68.25 68.39 4.26
N ASN A 720 67.58 68.73 5.36
CA ASN A 720 68.26 69.02 6.62
C ASN A 720 69.12 67.90 7.22
N LEU A 721 68.62 66.67 7.18
CA LEU A 721 69.35 65.55 7.78
C LEU A 721 69.73 64.46 6.79
N LYS A 722 71.03 64.22 6.62
CA LYS A 722 71.51 63.14 5.77
C LYS A 722 71.37 61.81 6.51
N GLU A 723 71.19 61.88 7.83
CA GLU A 723 70.91 60.71 8.64
C GLU A 723 69.40 60.47 8.71
N CYS A 724 68.99 59.21 8.75
CA CYS A 724 67.57 58.86 8.67
C CYS A 724 67.09 58.25 9.98
N LEU A 725 66.30 59.03 10.73
CA LEU A 725 65.67 58.53 11.96
C LEU A 725 64.22 58.08 11.77
N TYR A 726 63.66 58.40 10.60
CA TYR A 726 62.26 58.11 10.30
C TYR A 726 61.96 56.72 9.74
N CYS A 727 62.87 56.25 8.89
CA CYS A 727 62.64 55.08 8.03
C CYS A 727 62.19 53.82 8.78
N GLY A 728 61.29 53.07 8.16
CA GLY A 728 60.75 51.87 8.76
C GLY A 728 59.33 52.04 9.25
N SER A 729 58.88 53.29 9.38
CA SER A 729 57.53 53.58 9.84
C SER A 729 56.50 53.39 8.73
N VAL A 730 55.24 53.67 9.03
CA VAL A 730 54.15 53.52 8.06
C VAL A 730 53.24 54.74 8.06
N PHE A 731 53.07 55.35 6.90
CA PHE A 731 52.19 56.51 6.78
C PHE A 731 50.81 56.01 6.42
N LEU A 732 49.86 56.15 7.34
CA LEU A 732 48.50 55.69 7.12
C LEU A 732 47.58 56.87 6.82
N ARG A 733 46.92 56.82 5.67
CA ARG A 733 45.98 57.88 5.28
C ARG A 733 44.56 57.34 5.29
N TYR A 734 43.72 57.93 6.12
CA TYR A 734 42.34 57.50 6.28
C TYR A 734 41.40 58.67 6.08
N LEU A 735 40.10 58.42 6.20
CA LEU A 735 39.10 59.47 6.04
C LEU A 735 38.30 59.58 7.34
N THR A 736 37.61 60.70 7.50
CA THR A 736 36.80 60.90 8.70
C THR A 736 35.52 60.07 8.59
N THR A 737 35.32 59.45 7.44
CA THR A 737 34.14 58.62 7.20
C THR A 737 34.40 57.19 7.64
N GLY A 738 35.64 56.93 8.03
CA GLY A 738 36.03 55.62 8.52
C GLY A 738 36.62 54.73 7.45
N ALA A 739 36.95 55.35 6.33
CA ALA A 739 37.51 54.63 5.20
C ALA A 739 39.03 54.67 5.25
N ILE A 740 39.64 53.51 5.11
CA ILE A 740 41.09 53.40 5.04
C ILE A 740 41.55 53.47 3.59
N MET A 741 42.50 54.35 3.32
CA MET A 741 42.95 54.57 1.95
C MET A 741 44.35 54.03 1.69
N ASP A 742 45.35 54.71 2.22
CA ASP A 742 46.74 54.44 1.85
C ASP A 742 47.65 54.02 3.02
N ILE A 743 48.29 52.87 2.85
CA ILE A 743 49.13 52.22 3.85
C ILE A 743 50.65 52.49 3.70
N ILE A 744 51.03 53.45 2.87
CA ILE A 744 52.41 53.61 2.40
C ILE A 744 53.50 53.57 3.50
N ILE A 745 54.49 52.70 3.30
CA ILE A 745 55.67 52.59 4.15
C ILE A 745 56.72 53.63 3.75
N ILE A 746 57.51 54.10 4.70
CA ILE A 746 58.67 54.90 4.32
C ILE A 746 59.82 53.91 4.22
N ASP A 747 60.21 53.61 2.97
CA ASP A 747 61.27 52.65 2.70
C ASP A 747 62.68 53.26 2.72
N SER A 748 62.80 54.45 2.14
CA SER A 748 64.10 55.06 1.90
C SER A 748 64.14 56.51 2.38
N LYS A 749 65.36 57.05 2.45
CA LYS A 749 65.57 58.43 2.87
C LYS A 749 64.94 59.41 1.88
N ASP A 750 64.72 58.96 0.65
CA ASP A 750 64.08 59.79 -0.37
C ASP A 750 62.56 59.84 -0.18
N THR A 751 61.97 58.70 0.19
CA THR A 751 60.54 58.64 0.47
C THR A 751 60.25 59.54 1.67
N GLU A 752 61.17 59.54 2.61
CA GLU A 752 61.12 60.44 3.76
C GLU A 752 61.12 61.90 3.33
N ARG A 753 61.99 62.22 2.37
CA ARG A 753 62.05 63.58 1.82
C ARG A 753 60.74 63.93 1.13
N GLN A 754 60.14 62.95 0.46
CA GLN A 754 58.88 63.19 -0.23
C GLN A 754 57.75 63.29 0.79
N LEU A 755 57.98 62.74 1.99
CA LEU A 755 56.98 62.81 3.05
C LEU A 755 56.90 64.23 3.61
N ALA A 756 58.06 64.84 3.80
CA ALA A 756 58.15 66.20 4.33
C ALA A 756 57.64 67.24 3.32
N ALA A 757 57.36 66.79 2.09
CA ALA A 757 56.93 67.69 1.04
C ALA A 757 55.44 68.06 1.13
N MET A 758 55.14 69.28 0.70
CA MET A 758 53.83 69.90 0.89
C MET A 758 52.85 69.64 -0.25
N GLY A 759 53.20 68.71 -1.14
CA GLY A 759 52.59 68.68 -2.46
C GLY A 759 53.61 68.95 -3.54
N ASN A 760 54.83 69.25 -3.12
CA ASN A 760 55.98 69.16 -4.00
C ASN A 760 56.45 67.69 -4.06
N SER A 761 55.71 66.84 -3.38
CA SER A 761 55.98 65.40 -3.38
C SER A 761 55.37 64.71 -4.59
N THR A 762 56.18 63.89 -5.24
CA THR A 762 55.71 63.04 -6.33
C THR A 762 54.63 62.08 -5.85
N ILE A 763 54.83 61.52 -4.66
CA ILE A 763 53.91 60.55 -4.08
C ILE A 763 52.60 61.20 -3.61
N PRO A 764 51.49 60.84 -4.27
CA PRO A 764 50.16 61.44 -4.01
C PRO A 764 49.56 61.28 -2.61
N PRO A 765 49.71 60.11 -1.93
CA PRO A 765 49.11 60.08 -0.60
C PRO A 765 49.81 61.01 0.39
N PHE A 766 51.07 61.32 0.14
CA PHE A 766 51.81 62.27 0.97
C PHE A 766 51.40 63.71 0.67
N ASN A 767 50.59 63.88 -0.36
CA ASN A 767 50.22 65.22 -0.82
C ASN A 767 48.77 65.58 -0.50
N PRO A 768 48.59 66.48 0.48
CA PRO A 768 47.25 66.97 0.86
C PRO A 768 46.75 68.06 -0.08
N ASP A 769 46.78 67.78 -1.38
CA ASP A 769 46.20 68.65 -2.40
C ASP A 769 45.26 67.84 -3.27
N MET A 770 45.80 66.80 -3.90
CA MET A 770 45.03 65.86 -4.69
C MET A 770 43.90 65.23 -3.86
N HIS A 771 44.09 65.22 -2.54
CA HIS A 771 43.08 64.78 -1.58
C HIS A 771 42.18 65.94 -1.15
N GLY A 772 41.42 65.73 -0.08
CA GLY A 772 40.44 66.72 0.34
C GLY A 772 40.27 66.78 1.85
N ASP A 773 39.33 67.61 2.29
CA ASP A 773 39.16 67.90 3.72
C ASP A 773 38.93 66.65 4.57
N ASP A 774 38.25 65.66 4.00
CA ASP A 774 37.96 64.41 4.70
C ASP A 774 39.23 63.63 5.03
N SER A 775 40.27 63.82 4.22
CA SER A 775 41.50 63.04 4.34
C SER A 775 42.28 63.42 5.61
N LYS A 776 42.64 62.40 6.39
CA LYS A 776 43.44 62.61 7.58
C LYS A 776 44.58 61.59 7.54
N ALA A 777 45.67 61.87 8.25
CA ALA A 777 46.84 61.00 8.15
C ALA A 777 47.53 60.78 9.50
N VAL A 778 48.10 59.60 9.66
CA VAL A 778 48.76 59.20 10.89
C VAL A 778 49.99 58.33 10.59
N LEU A 779 51.06 58.53 11.35
CA LEU A 779 52.31 57.82 11.12
C LEU A 779 52.56 56.76 12.19
N LEU A 780 52.68 55.50 11.78
CA LEU A 780 52.88 54.37 12.69
C LEU A 780 54.33 53.93 12.79
N PHE A 781 54.95 54.09 13.96
CA PHE A 781 56.28 53.55 14.20
C PHE A 781 56.20 52.07 14.55
N PRO A 782 57.26 51.30 14.24
CA PRO A 782 57.32 49.89 14.63
C PRO A 782 57.33 49.73 16.14
N ASN A 783 57.74 50.78 16.84
CA ASN A 783 57.77 50.81 18.31
C ASN A 783 56.41 50.52 18.93
N GLY A 784 55.36 50.88 18.21
CA GLY A 784 54.01 50.87 18.74
C GLY A 784 53.57 52.30 18.96
N THR A 785 54.49 53.22 18.69
CA THR A 785 54.23 54.64 18.85
C THR A 785 53.52 55.19 17.62
N VAL A 786 52.39 55.85 17.85
CA VAL A 786 51.58 56.40 16.79
C VAL A 786 51.60 57.93 16.88
N VAL A 787 51.89 58.60 15.77
CA VAL A 787 52.13 60.03 15.79
C VAL A 787 51.34 60.78 14.71
N THR A 788 50.85 61.97 15.05
CA THR A 788 50.26 62.87 14.09
C THR A 788 51.29 63.86 13.57
N LEU A 789 51.27 64.12 12.27
CA LEU A 789 52.21 65.05 11.65
C LEU A 789 51.57 66.42 11.47
N LEU A 790 52.36 67.47 11.66
CA LEU A 790 51.86 68.83 11.51
C LEU A 790 52.09 69.31 10.07
N GLY A 791 51.00 69.50 9.34
CA GLY A 791 51.08 69.91 7.95
C GLY A 791 50.25 69.03 7.03
N THR B 7 27.79 -2.86 16.96
CA THR B 7 27.75 -3.54 15.66
C THR B 7 28.75 -4.69 15.60
N PRO B 8 28.74 -5.42 14.49
CA PRO B 8 29.65 -6.55 14.31
C PRO B 8 30.26 -6.54 12.91
N LEU B 9 31.59 -6.58 12.85
CA LEU B 9 32.30 -6.59 11.57
C LEU B 9 32.77 -8.01 11.23
N PHE B 10 33.40 -8.13 10.06
CA PHE B 10 33.91 -9.43 9.61
C PHE B 10 35.27 -9.25 8.93
N PHE B 11 36.26 -10.03 9.37
CA PHE B 11 37.60 -9.94 8.80
C PHE B 11 37.65 -10.48 7.38
N GLY B 12 36.55 -11.08 6.96
CA GLY B 12 36.40 -11.55 5.59
C GLY B 12 36.52 -13.05 5.40
N ALA B 13 37.17 -13.72 6.33
CA ALA B 13 37.29 -15.17 6.25
C ALA B 13 37.40 -15.85 7.60
N LYS B 14 36.72 -16.99 7.74
CA LYS B 14 37.01 -17.94 8.80
C LYS B 14 37.77 -19.08 8.12
N PRO B 15 38.26 -20.06 8.89
CA PRO B 15 38.72 -21.21 8.12
C PRO B 15 37.62 -22.25 7.98
N LEU B 16 37.85 -23.27 7.16
CA LEU B 16 37.02 -24.47 7.12
C LEU B 16 37.89 -25.63 6.62
N SER B 17 37.72 -26.82 7.19
CA SER B 17 38.49 -27.97 6.73
C SER B 17 37.76 -28.82 5.69
N ASP B 18 36.46 -28.60 5.54
CA ASP B 18 35.69 -29.35 4.55
C ASP B 18 34.89 -28.40 3.65
N VAL B 19 34.26 -28.96 2.62
CA VAL B 19 33.37 -28.18 1.77
C VAL B 19 31.89 -28.33 2.19
N SER B 20 31.62 -29.29 3.06
CA SER B 20 30.26 -29.53 3.54
C SER B 20 29.91 -28.48 4.58
N LEU B 21 30.96 -27.90 5.17
CA LEU B 21 30.81 -26.87 6.18
C LEU B 21 30.25 -25.59 5.57
N ILE B 22 30.84 -25.17 4.45
CA ILE B 22 30.49 -23.91 3.80
C ILE B 22 29.02 -23.83 3.40
N ILE B 23 28.49 -24.93 2.89
CA ILE B 23 27.10 -24.98 2.44
C ILE B 23 26.17 -24.83 3.64
N THR B 24 26.50 -25.54 4.73
CA THR B 24 25.71 -25.50 5.95
C THR B 24 26.01 -24.25 6.79
N GLU B 25 27.13 -23.58 6.50
CA GLU B 25 27.50 -22.35 7.19
C GLU B 25 26.37 -21.32 7.05
N PRO B 26 26.15 -20.52 8.10
CA PRO B 26 25.06 -19.53 8.10
C PRO B 26 25.32 -18.38 7.12
N CYS B 27 24.41 -17.42 7.09
CA CYS B 27 24.53 -16.29 6.18
C CYS B 27 25.08 -15.07 6.91
N VAL B 28 26.25 -14.60 6.45
CA VAL B 28 26.88 -13.40 6.98
C VAL B 28 25.92 -12.22 6.92
N SER B 29 25.06 -12.23 5.90
CA SER B 29 24.03 -11.22 5.75
C SER B 29 23.10 -11.17 6.96
N SER B 30 22.66 -12.34 7.42
CA SER B 30 21.74 -12.43 8.55
C SER B 30 22.43 -12.33 9.91
N VAL B 31 23.59 -12.95 10.03
CA VAL B 31 24.32 -13.00 11.30
C VAL B 31 24.91 -11.66 11.72
N TYR B 32 25.62 -11.01 10.81
CA TYR B 32 26.26 -9.74 11.11
C TYR B 32 25.48 -8.57 10.52
N GLU B 33 26.00 -7.36 10.69
CA GLU B 33 25.40 -6.16 10.12
C GLU B 33 26.27 -5.66 8.98
N ALA B 34 27.49 -5.27 9.31
CA ALA B 34 28.46 -4.83 8.31
C ALA B 34 29.59 -5.85 8.17
N TRP B 35 29.88 -6.24 6.94
CA TRP B 35 30.95 -7.21 6.69
C TRP B 35 31.96 -6.65 5.69
N ASP B 36 33.14 -7.25 5.66
CA ASP B 36 34.18 -6.85 4.71
C ASP B 36 34.63 -8.06 3.89
N TYR B 37 34.43 -7.99 2.58
CA TYR B 37 34.92 -9.03 1.69
C TYR B 37 36.44 -9.05 1.71
N ALA B 38 37.04 -10.22 1.48
CA ALA B 38 38.49 -10.35 1.54
C ALA B 38 39.07 -11.15 0.37
N ALA B 39 40.36 -10.96 0.14
CA ALA B 39 41.06 -11.67 -0.92
C ALA B 39 42.25 -12.42 -0.32
N PRO B 40 42.50 -13.63 -0.82
CA PRO B 40 43.61 -14.47 -0.31
C PRO B 40 44.99 -13.89 -0.57
N PRO B 41 45.92 -14.08 0.38
CA PRO B 41 47.31 -13.61 0.28
C PRO B 41 48.13 -14.47 -0.68
N VAL B 42 47.64 -14.67 -1.89
CA VAL B 42 48.31 -15.48 -2.91
C VAL B 42 48.14 -14.80 -4.27
N SER B 43 49.10 -14.92 -5.07
CA SER B 43 49.04 -14.19 -6.33
C SER B 43 48.05 -14.80 -7.29
N ASN B 44 48.35 -16.03 -7.70
CA ASN B 44 47.49 -16.73 -8.63
C ASN B 44 46.42 -17.61 -7.96
N LEU B 45 45.08 -17.30 -8.17
CA LEU B 45 43.96 -17.99 -7.53
C LEU B 45 43.91 -19.43 -8.02
N SER B 46 44.25 -19.62 -9.28
CA SER B 46 44.12 -20.92 -9.93
C SER B 46 45.05 -21.97 -9.32
N GLU B 47 46.28 -21.57 -9.01
CA GLU B 47 47.26 -22.49 -8.44
C GLU B 47 46.87 -22.87 -7.02
N ALA B 48 45.88 -22.17 -6.47
CA ALA B 48 45.46 -22.35 -5.09
C ALA B 48 44.00 -22.76 -4.95
N LEU B 49 43.10 -21.89 -5.41
CA LEU B 49 41.66 -22.03 -5.18
C LEU B 49 41.13 -23.39 -5.63
N SER B 50 40.49 -24.10 -4.72
CA SER B 50 39.93 -25.42 -5.02
C SER B 50 38.43 -25.42 -5.32
N GLY B 51 37.76 -24.27 -5.18
CA GLY B 51 36.32 -24.23 -5.41
C GLY B 51 35.60 -22.93 -5.09
N ILE B 52 34.38 -22.81 -5.62
CA ILE B 52 33.56 -21.60 -5.46
C ILE B 52 32.14 -21.98 -5.06
N VAL B 53 31.69 -21.48 -3.92
CA VAL B 53 30.33 -21.75 -3.43
C VAL B 53 29.45 -20.52 -3.54
N VAL B 54 28.25 -20.69 -4.09
CA VAL B 54 27.32 -19.58 -4.28
C VAL B 54 26.04 -19.76 -3.46
N LYS B 55 25.73 -18.77 -2.63
CA LYS B 55 24.49 -18.80 -1.86
C LYS B 55 23.50 -17.79 -2.43
N THR B 56 22.45 -18.30 -3.06
CA THR B 56 21.46 -17.46 -3.73
C THR B 56 20.51 -16.71 -2.79
N LYS B 57 19.86 -17.44 -1.89
CA LYS B 57 18.68 -16.92 -1.19
C LYS B 57 18.94 -16.06 0.05
N CYS B 58 20.20 -15.82 0.39
CA CYS B 58 20.54 -14.89 1.46
C CYS B 58 20.01 -13.50 1.13
N PRO B 59 19.59 -12.73 2.16
CA PRO B 59 19.08 -11.37 1.97
C PRO B 59 20.05 -10.52 1.16
N VAL B 60 21.34 -10.77 1.35
CA VAL B 60 22.38 -10.24 0.49
C VAL B 60 23.17 -11.44 -0.01
N PRO B 61 22.80 -11.96 -1.19
CA PRO B 61 23.38 -13.18 -1.77
C PRO B 61 24.91 -13.13 -1.74
N GLU B 62 25.56 -14.25 -1.48
CA GLU B 62 27.01 -14.25 -1.29
C GLU B 62 27.73 -15.37 -2.03
N VAL B 63 29.04 -15.20 -2.20
CA VAL B 63 29.87 -16.14 -2.94
C VAL B 63 31.13 -16.40 -2.13
N ILE B 64 31.47 -17.68 -1.94
CA ILE B 64 32.63 -18.05 -1.14
C ILE B 64 33.71 -18.73 -1.98
N LEU B 65 34.95 -18.28 -1.80
CA LEU B 65 36.10 -18.90 -2.45
C LEU B 65 36.79 -19.81 -1.44
N TRP B 66 36.68 -21.11 -1.65
CA TRP B 66 37.25 -22.08 -0.70
C TRP B 66 38.60 -22.61 -1.17
N PHE B 67 39.52 -22.74 -0.23
CA PHE B 67 40.84 -23.28 -0.53
C PHE B 67 41.08 -24.56 0.25
N LYS B 68 41.65 -25.57 -0.41
CA LYS B 68 41.90 -26.86 0.20
C LYS B 68 43.13 -26.80 1.12
N ASP B 69 44.29 -26.63 0.50
CA ASP B 69 45.56 -26.63 1.22
C ASP B 69 45.63 -25.55 2.29
N LYS B 70 45.16 -24.36 1.96
CA LYS B 70 45.14 -23.25 2.92
C LYS B 70 44.08 -23.48 3.98
N GLN B 71 43.04 -24.24 3.62
CA GLN B 71 41.90 -24.50 4.50
C GLN B 71 41.19 -23.23 4.95
N MET B 72 41.29 -22.19 4.13
CA MET B 72 40.60 -20.93 4.38
C MET B 72 39.44 -20.73 3.40
N ALA B 73 38.37 -20.10 3.88
CA ALA B 73 37.22 -19.79 3.03
C ALA B 73 36.97 -18.29 3.02
N TYR B 74 37.21 -17.66 1.87
CA TYR B 74 37.12 -16.21 1.76
C TYR B 74 35.80 -15.74 1.15
N TRP B 75 35.28 -14.64 1.67
CA TRP B 75 34.09 -14.01 1.13
C TRP B 75 34.49 -12.90 0.15
N THR B 76 33.92 -12.96 -1.04
CA THR B 76 34.23 -12.00 -2.10
C THR B 76 32.95 -11.37 -2.64
N ASN B 77 33.09 -10.27 -3.37
CA ASN B 77 31.94 -9.59 -3.95
C ASN B 77 31.18 -10.53 -4.87
N PRO B 78 29.91 -10.81 -4.53
CA PRO B 78 29.08 -11.80 -5.21
C PRO B 78 28.90 -11.49 -6.69
N TYR B 79 28.58 -10.24 -7.00
CA TYR B 79 28.29 -9.82 -8.37
C TYR B 79 29.56 -9.68 -9.21
N VAL B 80 30.57 -9.03 -8.65
CA VAL B 80 31.83 -8.83 -9.36
C VAL B 80 32.55 -10.15 -9.66
N THR B 81 32.55 -11.07 -8.70
CA THR B 81 33.28 -12.33 -8.85
C THR B 81 32.68 -13.22 -9.94
N LEU B 82 31.37 -13.45 -9.86
CA LEU B 82 30.69 -14.28 -10.85
C LEU B 82 30.72 -13.64 -12.24
N LYS B 83 30.67 -12.31 -12.30
CA LYS B 83 30.81 -11.60 -13.57
C LYS B 83 32.17 -11.95 -14.17
N GLY B 84 33.22 -11.74 -13.38
CA GLY B 84 34.57 -12.10 -13.79
C GLY B 84 34.73 -13.58 -14.08
N LEU B 85 33.86 -14.40 -13.51
CA LEU B 85 33.87 -15.83 -13.75
C LEU B 85 33.29 -16.12 -15.13
N THR B 86 32.02 -15.77 -15.33
CA THR B 86 31.35 -16.00 -16.60
C THR B 86 32.05 -15.34 -17.78
N GLN B 87 32.90 -14.36 -17.48
CA GLN B 87 33.70 -13.70 -18.51
C GLN B 87 34.85 -14.58 -18.97
N SER B 88 35.71 -14.94 -18.03
CA SER B 88 36.91 -15.74 -18.35
C SER B 88 36.59 -17.08 -18.98
N VAL B 89 35.41 -17.63 -18.67
CA VAL B 89 35.01 -18.93 -19.22
C VAL B 89 34.15 -18.77 -20.47
N GLY B 90 33.89 -17.53 -20.86
CA GLY B 90 33.00 -17.26 -21.98
C GLY B 90 33.68 -16.75 -23.24
N GLU B 91 35.01 -16.79 -23.24
CA GLU B 91 35.80 -16.30 -24.37
C GLU B 91 35.54 -17.11 -25.66
N GLU B 92 35.75 -16.45 -26.79
CA GLU B 92 35.50 -17.05 -28.11
C GLU B 92 36.30 -18.33 -28.33
N HIS B 93 37.55 -18.33 -27.88
CA HIS B 93 38.45 -19.45 -28.14
C HIS B 93 38.14 -20.65 -27.25
N LYS B 94 37.45 -20.39 -26.15
CA LYS B 94 37.09 -21.46 -25.22
C LYS B 94 36.03 -22.38 -25.82
N SER B 95 36.32 -23.68 -25.83
CA SER B 95 35.39 -24.67 -26.36
C SER B 95 35.30 -25.89 -25.47
N GLY B 96 34.09 -26.22 -25.02
CA GLY B 96 33.84 -27.45 -24.30
C GLY B 96 32.37 -27.68 -23.99
N ASP B 97 32.00 -28.94 -23.78
CA ASP B 97 30.66 -29.27 -23.32
C ASP B 97 30.56 -29.07 -21.81
N ILE B 98 31.67 -29.30 -21.11
CA ILE B 98 31.77 -29.05 -19.68
C ILE B 98 31.59 -27.56 -19.44
N ARG B 99 32.29 -26.76 -20.24
CA ARG B 99 32.23 -25.31 -20.19
C ARG B 99 30.80 -24.81 -20.35
N ASP B 100 30.04 -25.48 -21.20
CA ASP B 100 28.64 -25.11 -21.43
C ASP B 100 27.80 -25.33 -20.17
N ALA B 101 28.16 -26.35 -19.39
CA ALA B 101 27.46 -26.65 -18.15
C ALA B 101 27.68 -25.56 -17.12
N LEU B 102 28.91 -25.04 -17.06
CA LEU B 102 29.24 -23.88 -16.26
C LEU B 102 28.30 -22.72 -16.60
N LEU B 103 28.23 -22.39 -17.88
CA LEU B 103 27.42 -21.29 -18.36
C LEU B 103 25.93 -21.56 -18.13
N ASP B 104 25.53 -22.81 -18.32
CA ASP B 104 24.15 -23.23 -18.04
C ASP B 104 23.76 -22.96 -16.58
N ALA B 105 24.70 -23.20 -15.67
CA ALA B 105 24.48 -22.97 -14.25
C ALA B 105 24.60 -21.49 -13.87
N LEU B 106 25.56 -20.82 -14.49
CA LEU B 106 25.84 -19.41 -14.23
C LEU B 106 24.79 -18.44 -14.79
N SER B 107 23.78 -18.97 -15.47
CA SER B 107 22.83 -18.14 -16.22
C SER B 107 21.88 -17.36 -15.30
N GLY B 108 21.03 -18.08 -14.56
CA GLY B 108 19.95 -17.45 -13.83
C GLY B 108 20.22 -17.28 -12.34
N VAL B 109 21.51 -17.21 -12.00
CA VAL B 109 21.98 -17.13 -10.60
C VAL B 109 21.29 -16.10 -9.69
N TRP B 110 21.20 -14.86 -10.12
CA TRP B 110 20.59 -13.78 -9.34
C TRP B 110 19.14 -13.47 -9.69
N VAL B 111 18.53 -14.32 -10.51
CA VAL B 111 17.14 -14.09 -10.90
C VAL B 111 16.16 -14.23 -9.73
N ASP B 112 16.41 -15.17 -8.83
CA ASP B 112 15.51 -15.37 -7.69
C ASP B 112 15.82 -14.39 -6.56
N SER B 113 17.10 -14.17 -6.29
CA SER B 113 17.55 -13.35 -5.16
C SER B 113 17.31 -11.84 -5.29
N THR B 114 17.64 -11.12 -4.22
CA THR B 114 17.42 -9.68 -4.12
C THR B 114 18.25 -8.88 -5.13
N PRO B 115 17.70 -7.75 -5.60
CA PRO B 115 18.36 -6.90 -6.62
C PRO B 115 19.69 -6.30 -6.15
N SER B 116 20.50 -5.87 -7.12
CA SER B 116 21.75 -5.17 -6.83
C SER B 116 21.46 -3.72 -6.42
N SER B 117 22.46 -3.05 -5.85
CA SER B 117 22.28 -1.70 -5.33
C SER B 117 21.99 -0.66 -6.41
N THR B 118 21.00 0.19 -6.15
CA THR B 118 20.80 1.41 -6.93
C THR B 118 21.39 2.60 -6.20
N ASN B 119 22.03 2.34 -5.06
CA ASN B 119 22.45 3.39 -4.14
C ASN B 119 23.66 4.22 -4.59
N ILE B 120 23.68 5.46 -4.14
CA ILE B 120 24.80 6.37 -4.35
C ILE B 120 25.86 6.04 -3.32
N PRO B 121 27.15 6.10 -3.70
CA PRO B 121 28.12 5.84 -2.63
C PRO B 121 28.22 7.04 -1.69
N GLU B 122 28.99 6.88 -0.61
CA GLU B 122 29.21 7.96 0.34
C GLU B 122 30.30 8.91 -0.14
N ASN B 123 30.26 10.16 0.36
CA ASN B 123 31.27 11.14 -0.01
C ASN B 123 32.62 10.80 0.61
N GLY B 124 33.61 11.65 0.38
CA GLY B 124 34.94 11.38 0.91
C GLY B 124 35.94 10.99 -0.16
N CYS B 125 37.22 11.19 0.15
CA CYS B 125 38.32 10.92 -0.77
C CYS B 125 38.42 9.43 -1.11
N VAL B 126 39.09 9.12 -2.22
CA VAL B 126 39.35 7.74 -2.60
C VAL B 126 40.83 7.55 -2.88
N TRP B 127 41.39 6.45 -2.39
CA TRP B 127 42.80 6.11 -2.68
C TRP B 127 42.82 5.36 -4.00
N GLY B 128 43.98 4.85 -4.39
CA GLY B 128 44.11 4.13 -5.63
C GLY B 128 43.90 2.64 -5.44
N ALA B 129 44.53 1.84 -6.30
CA ALA B 129 44.39 0.39 -6.24
C ALA B 129 45.26 -0.23 -5.15
N ASP B 130 46.33 0.46 -4.77
CA ASP B 130 47.32 -0.09 -3.84
C ASP B 130 46.65 -0.49 -2.53
N ARG B 131 46.05 0.49 -1.86
CA ARG B 131 45.15 0.23 -0.75
C ARG B 131 43.77 0.31 -1.37
N LEU B 132 43.08 -0.82 -1.47
CA LEU B 132 41.98 -0.92 -2.41
C LEU B 132 40.85 0.02 -2.03
N PHE B 133 40.65 1.02 -2.90
CA PHE B 133 39.56 2.00 -2.80
C PHE B 133 39.20 2.39 -1.37
N GLN B 134 40.18 2.97 -0.70
CA GLN B 134 40.13 3.29 0.70
C GLN B 134 39.66 4.72 0.82
N ARG B 135 38.88 5.03 1.84
CA ARG B 135 38.44 6.41 1.97
C ARG B 135 39.36 7.09 2.96
N VAL B 136 40.33 7.80 2.42
CA VAL B 136 41.32 8.58 3.16
C VAL B 136 41.80 9.60 2.14
N CYS B 137 42.31 10.73 2.59
CA CYS B 137 42.89 11.71 1.69
C CYS B 137 44.41 11.57 1.71
N GLN B 138 45.01 11.74 2.88
CA GLN B 138 46.45 11.60 3.02
C GLN B 138 46.83 11.06 4.40
N ASP C 1 12.57 7.62 -33.37
CA ASP C 1 12.16 6.23 -33.42
C ASP C 1 12.85 5.48 -34.56
N ILE C 2 13.70 4.52 -34.20
CA ILE C 2 14.44 3.73 -35.16
C ILE C 2 13.57 2.69 -35.88
N GLN C 3 13.63 2.67 -37.21
CA GLN C 3 12.89 1.70 -38.01
C GLN C 3 13.78 0.49 -38.32
N MET C 4 13.18 -0.70 -38.33
CA MET C 4 13.93 -1.94 -38.50
C MET C 4 13.52 -2.69 -39.78
N THR C 5 14.51 -3.16 -40.52
CA THR C 5 14.25 -3.89 -41.76
C THR C 5 14.78 -5.32 -41.68
N GLN C 6 14.01 -6.28 -42.18
CA GLN C 6 14.44 -7.68 -42.24
C GLN C 6 14.33 -8.24 -43.66
N SER C 7 15.36 -8.96 -44.07
CA SER C 7 15.34 -9.66 -45.36
C SER C 7 15.99 -11.03 -45.21
N PRO C 8 15.44 -12.05 -45.88
CA PRO C 8 14.23 -12.02 -46.72
C PRO C 8 12.98 -11.90 -45.85
N SER C 9 11.85 -11.54 -46.46
CA SER C 9 10.59 -11.49 -45.75
C SER C 9 10.06 -12.91 -45.58
N PHE C 10 10.28 -13.74 -46.60
CA PHE C 10 9.83 -15.12 -46.60
C PHE C 10 10.93 -15.97 -47.20
N LEU C 11 11.13 -17.17 -46.65
CA LEU C 11 12.02 -18.15 -47.28
C LEU C 11 11.60 -19.57 -46.90
N SER C 12 11.91 -20.52 -47.77
CA SER C 12 11.73 -21.94 -47.46
C SER C 12 13.00 -22.67 -47.82
N ALA C 13 13.39 -23.60 -46.97
CA ALA C 13 14.63 -24.36 -47.17
C ALA C 13 14.41 -25.81 -46.79
N SER C 14 15.49 -26.60 -46.81
CA SER C 14 15.40 -28.02 -46.53
C SER C 14 16.20 -28.37 -45.28
N VAL C 15 15.85 -29.51 -44.67
CA VAL C 15 16.53 -29.97 -43.46
C VAL C 15 18.01 -30.20 -43.71
N GLY C 16 18.86 -29.58 -42.88
CA GLY C 16 20.29 -29.72 -43.00
C GLY C 16 20.96 -28.51 -43.63
N ASP C 17 20.16 -27.64 -44.23
CA ASP C 17 20.67 -26.44 -44.90
C ASP C 17 21.17 -25.40 -43.90
N ARG C 18 21.64 -24.27 -44.43
CA ARG C 18 22.03 -23.14 -43.62
C ARG C 18 21.20 -21.93 -44.02
N VAL C 19 20.36 -21.47 -43.11
CA VAL C 19 19.49 -20.32 -43.37
C VAL C 19 20.11 -19.06 -42.78
N THR C 20 20.11 -17.99 -43.56
CA THR C 20 20.67 -16.72 -43.10
C THR C 20 19.65 -15.59 -43.21
N ILE C 21 19.23 -15.06 -42.07
CA ILE C 21 18.27 -13.97 -42.01
C ILE C 21 19.00 -12.69 -41.61
N THR C 22 18.58 -11.55 -42.17
CA THR C 22 19.30 -10.30 -41.95
C THR C 22 18.43 -9.25 -41.25
N CYS C 23 19.07 -8.35 -40.52
CA CYS C 23 18.37 -7.26 -39.84
C CYS C 23 19.07 -5.93 -40.12
N ARG C 24 18.27 -4.89 -40.31
CA ARG C 24 18.80 -3.58 -40.67
C ARG C 24 18.17 -2.49 -39.79
N ALA C 25 19.00 -1.60 -39.26
CA ALA C 25 18.52 -0.53 -38.41
C ALA C 25 18.71 0.85 -39.05
N SER C 26 17.82 1.78 -38.71
CA SER C 26 17.89 3.15 -39.23
C SER C 26 19.22 3.81 -38.88
N GLN C 27 19.75 3.46 -37.72
CA GLN C 27 21.07 3.95 -37.30
C GLN C 27 21.72 2.99 -36.32
N GLY C 28 22.95 3.31 -35.91
CA GLY C 28 23.77 2.37 -35.16
C GLY C 28 23.17 1.93 -33.83
N LEU C 29 23.01 0.61 -33.69
CA LEU C 29 22.54 0.01 -32.45
C LEU C 29 23.70 -0.49 -31.61
N ASP C 30 24.92 -0.35 -32.14
CA ASP C 30 26.13 -0.86 -31.49
C ASP C 30 25.97 -2.35 -31.18
N ASN C 31 26.03 -2.67 -29.89
CA ASN C 31 25.99 -4.05 -29.42
C ASN C 31 24.55 -4.56 -29.31
N PHE C 32 23.58 -3.65 -29.28
CA PHE C 32 22.26 -4.01 -28.78
C PHE C 32 21.29 -4.45 -29.87
N LEU C 33 21.03 -5.75 -29.91
CA LEU C 33 20.02 -6.33 -30.79
C LEU C 33 19.61 -7.69 -30.24
N ALA C 34 18.38 -8.12 -30.50
CA ALA C 34 17.92 -9.42 -30.06
C ALA C 34 17.30 -10.21 -31.21
N TRP C 35 17.24 -11.53 -31.07
CA TRP C 35 16.61 -12.39 -32.07
C TRP C 35 15.61 -13.32 -31.40
N TYR C 36 14.37 -13.31 -31.90
CA TYR C 36 13.31 -14.12 -31.31
C TYR C 36 12.77 -15.17 -32.28
N GLN C 37 12.26 -16.27 -31.72
CA GLN C 37 11.63 -17.33 -32.51
C GLN C 37 10.18 -17.50 -32.08
N GLN C 38 9.24 -17.21 -32.97
CA GLN C 38 7.83 -17.38 -32.66
C GLN C 38 7.20 -18.47 -33.51
N LYS C 39 6.86 -19.59 -32.88
CA LYS C 39 6.14 -20.66 -33.55
C LYS C 39 4.67 -20.27 -33.64
N PRO C 40 3.92 -20.86 -34.58
CA PRO C 40 2.51 -20.50 -34.73
C PRO C 40 1.70 -20.86 -33.49
N GLY C 41 0.90 -19.90 -33.01
CA GLY C 41 0.03 -20.11 -31.86
C GLY C 41 0.71 -20.04 -30.51
N LYS C 42 2.04 -20.06 -30.50
CA LYS C 42 2.79 -19.99 -29.24
C LYS C 42 3.41 -18.62 -28.98
N ALA C 43 4.08 -18.49 -27.85
CA ALA C 43 4.71 -17.23 -27.45
C ALA C 43 6.14 -17.17 -27.96
N PRO C 44 6.61 -15.95 -28.31
CA PRO C 44 7.99 -15.73 -28.76
C PRO C 44 9.03 -16.28 -27.77
N LYS C 45 10.16 -16.74 -28.30
CA LYS C 45 11.23 -17.29 -27.48
C LYS C 45 12.55 -16.60 -27.84
N LEU C 46 13.30 -16.16 -26.83
CA LEU C 46 14.55 -15.46 -27.07
C LEU C 46 15.65 -16.41 -27.53
N LEU C 47 16.39 -16.00 -28.57
CA LEU C 47 17.47 -16.80 -29.10
C LEU C 47 18.83 -16.15 -28.82
N ILE C 48 19.04 -14.98 -29.41
CA ILE C 48 20.30 -14.25 -29.29
C ILE C 48 20.07 -12.90 -28.58
N TYR C 49 20.52 -12.75 -27.33
CA TYR C 49 20.22 -11.51 -26.59
C TYR C 49 21.11 -10.32 -26.91
N ALA C 50 22.43 -10.53 -26.97
CA ALA C 50 23.32 -9.51 -27.50
C ALA C 50 23.36 -9.83 -28.97
N ALA C 51 24.12 -9.07 -29.76
CA ALA C 51 24.15 -9.36 -31.19
C ALA C 51 24.70 -10.76 -31.44
N SER C 52 25.79 -11.11 -30.76
CA SER C 52 26.45 -12.40 -30.93
C SER C 52 26.12 -13.53 -29.94
N THR C 53 25.44 -13.24 -28.83
CA THR C 53 25.36 -14.22 -27.74
C THR C 53 24.13 -15.13 -27.75
N LEU C 54 24.36 -16.41 -27.52
CA LEU C 54 23.31 -17.41 -27.54
C LEU C 54 22.76 -17.64 -26.14
N GLN C 55 21.45 -17.43 -25.98
CA GLN C 55 20.78 -17.70 -24.71
C GLN C 55 20.95 -19.16 -24.31
N ARG C 56 21.32 -19.38 -23.06
CA ARG C 56 21.47 -20.74 -22.55
C ARG C 56 20.16 -21.49 -22.65
N GLY C 57 20.22 -22.70 -23.21
CA GLY C 57 19.02 -23.51 -23.42
C GLY C 57 18.56 -23.51 -24.87
N VAL C 58 18.98 -22.50 -25.62
CA VAL C 58 18.69 -22.43 -27.04
C VAL C 58 19.71 -23.28 -27.80
N PRO C 59 19.24 -24.08 -28.77
CA PRO C 59 20.12 -24.99 -29.52
C PRO C 59 21.33 -24.30 -30.13
N SER C 60 22.45 -25.02 -30.20
CA SER C 60 23.71 -24.47 -30.71
C SER C 60 23.63 -24.17 -32.21
N ARG C 61 22.61 -24.70 -32.86
CA ARG C 61 22.43 -24.48 -34.30
C ARG C 61 22.17 -23.01 -34.60
N PHE C 62 21.67 -22.28 -33.61
CA PHE C 62 21.39 -20.86 -33.77
C PHE C 62 22.61 -20.04 -33.37
N GLY C 63 22.94 -19.05 -34.20
CA GLY C 63 24.05 -18.16 -33.93
C GLY C 63 23.77 -16.78 -34.48
N GLY C 64 24.56 -15.80 -34.06
CA GLY C 64 24.37 -14.46 -34.55
C GLY C 64 25.64 -13.67 -34.64
N SER C 65 25.62 -12.66 -35.49
CA SER C 65 26.79 -11.82 -35.75
C SER C 65 26.29 -10.48 -36.25
N GLY C 66 27.09 -9.44 -36.03
CA GLY C 66 26.72 -8.13 -36.50
C GLY C 66 27.26 -6.99 -35.65
N SER C 67 26.96 -5.77 -36.07
CA SER C 67 27.38 -4.56 -35.40
C SER C 67 26.79 -3.40 -36.16
N GLY C 68 26.71 -2.24 -35.52
CA GLY C 68 26.20 -1.05 -36.19
C GLY C 68 24.77 -1.22 -36.69
N THR C 69 24.58 -0.98 -37.98
CA THR C 69 23.25 -1.01 -38.59
C THR C 69 22.89 -2.34 -39.25
N GLU C 70 23.82 -3.29 -39.25
CA GLU C 70 23.58 -4.56 -39.97
C GLU C 70 23.80 -5.79 -39.07
N PHE C 71 22.79 -6.66 -39.03
CA PHE C 71 22.86 -7.86 -38.20
C PHE C 71 22.34 -9.08 -38.96
N THR C 72 22.91 -10.25 -38.70
CA THR C 72 22.50 -11.47 -39.40
C THR C 72 22.34 -12.67 -38.47
N LEU C 73 21.18 -13.31 -38.55
CA LEU C 73 20.89 -14.54 -37.80
C LEU C 73 21.13 -15.75 -38.70
N THR C 74 21.87 -16.73 -38.19
CA THR C 74 22.17 -17.92 -38.98
C THR C 74 21.78 -19.23 -38.27
N ILE C 75 20.97 -20.04 -38.94
CA ILE C 75 20.67 -21.39 -38.48
C ILE C 75 21.61 -22.34 -39.20
N SER C 76 22.53 -22.95 -38.45
CA SER C 76 23.62 -23.73 -39.04
C SER C 76 23.13 -24.97 -39.79
N SER C 77 22.27 -25.75 -39.13
CA SER C 77 21.66 -26.91 -39.75
C SER C 77 20.16 -26.88 -39.48
N LEU C 78 19.38 -26.73 -40.54
CA LEU C 78 17.94 -26.56 -40.40
C LEU C 78 17.27 -27.87 -40.03
N GLN C 79 16.28 -27.79 -39.15
CA GLN C 79 15.51 -28.96 -38.72
C GLN C 79 14.03 -28.64 -38.90
N PRO C 80 13.17 -29.67 -38.97
CA PRO C 80 11.75 -29.44 -39.20
C PRO C 80 11.10 -28.59 -38.11
N GLU C 81 11.64 -28.68 -36.90
CA GLU C 81 11.09 -27.97 -35.74
C GLU C 81 11.32 -26.45 -35.86
N ASP C 82 12.27 -26.08 -36.72
CA ASP C 82 12.65 -24.68 -36.87
C ASP C 82 11.59 -23.85 -37.61
N PHE C 83 10.53 -24.50 -38.09
CA PHE C 83 9.46 -23.77 -38.77
C PHE C 83 8.88 -22.73 -37.83
N ALA C 84 8.98 -21.46 -38.24
CA ALA C 84 8.56 -20.34 -37.42
C ALA C 84 8.68 -19.05 -38.21
N THR C 85 8.39 -17.92 -37.55
CA THR C 85 8.79 -16.61 -38.06
C THR C 85 9.79 -16.01 -37.08
N TYR C 86 10.85 -15.39 -37.60
CA TYR C 86 11.92 -14.89 -36.74
C TYR C 86 11.99 -13.37 -36.72
N TYR C 87 12.01 -12.81 -35.51
CA TYR C 87 12.04 -11.36 -35.33
C TYR C 87 13.34 -10.89 -34.73
N CYS C 88 13.74 -9.68 -35.10
CA CYS C 88 14.86 -9.00 -34.46
C CYS C 88 14.33 -7.80 -33.70
N GLN C 89 14.96 -7.45 -32.59
CA GLN C 89 14.46 -6.34 -31.77
C GLN C 89 15.56 -5.38 -31.35
N GLN C 90 15.25 -4.09 -31.40
CA GLN C 90 16.13 -3.06 -30.89
C GLN C 90 16.20 -3.17 -29.37
N LEU C 91 17.38 -2.94 -28.81
CA LEU C 91 17.57 -3.03 -27.36
C LEU C 91 18.07 -1.70 -26.81
N ASN C 92 17.82 -1.47 -25.53
CA ASN C 92 18.42 -0.36 -24.78
C ASN C 92 18.03 1.04 -25.28
N SER C 93 16.74 1.24 -25.54
CA SER C 93 16.22 2.55 -25.87
C SER C 93 14.87 2.81 -25.22
N TYR C 94 14.44 4.06 -25.22
CA TYR C 94 13.15 4.44 -24.68
C TYR C 94 12.03 3.87 -25.54
N SER C 95 12.33 3.65 -26.81
CA SER C 95 11.40 3.01 -27.73
C SER C 95 12.04 1.79 -28.35
N LEU C 96 11.46 0.62 -28.08
CA LEU C 96 11.99 -0.64 -28.55
C LEU C 96 11.21 -1.11 -29.78
N THR C 97 11.87 -1.15 -30.93
CA THR C 97 11.20 -1.52 -32.17
C THR C 97 11.56 -2.93 -32.65
N PHE C 98 10.60 -3.60 -33.28
CA PHE C 98 10.77 -4.95 -33.78
C PHE C 98 10.91 -4.97 -35.30
N GLY C 99 11.70 -5.93 -35.80
CA GLY C 99 11.77 -6.17 -37.23
C GLY C 99 10.46 -6.78 -37.69
N PRO C 100 10.16 -6.65 -39.00
CA PRO C 100 8.90 -7.16 -39.56
C PRO C 100 8.79 -8.68 -39.46
N GLY C 101 9.91 -9.35 -39.25
CA GLY C 101 9.93 -10.80 -39.11
C GLY C 101 10.24 -11.50 -40.42
N THR C 102 10.67 -12.75 -40.33
CA THR C 102 10.95 -13.54 -41.52
C THR C 102 10.29 -14.91 -41.41
N LYS C 103 9.35 -15.20 -42.30
CA LYS C 103 8.69 -16.48 -42.30
C LYS C 103 9.61 -17.54 -42.87
N VAL C 104 9.74 -18.66 -42.17
CA VAL C 104 10.59 -19.74 -42.63
C VAL C 104 9.82 -21.06 -42.67
N GLU C 105 9.62 -21.60 -43.88
CA GLU C 105 8.95 -22.88 -44.04
C GLU C 105 9.95 -24.00 -44.29
N ILE C 106 9.46 -25.23 -44.41
CA ILE C 106 10.32 -26.38 -44.59
C ILE C 106 9.92 -27.22 -45.80
N LYS C 107 10.82 -27.34 -46.77
CA LYS C 107 10.58 -28.19 -47.93
C LYS C 107 11.02 -29.63 -47.65
N ARG C 108 10.23 -30.58 -48.13
CA ARG C 108 10.42 -31.98 -47.81
C ARG C 108 11.24 -32.73 -48.85
N ARG C 109 12.06 -33.67 -48.38
CA ARG C 109 12.86 -34.52 -49.25
C ARG C 109 11.95 -35.41 -50.08
N THR C 110 10.82 -35.81 -49.48
CA THR C 110 9.90 -36.74 -50.12
C THR C 110 8.48 -36.18 -50.18
N VAL C 111 7.61 -36.84 -50.94
CA VAL C 111 6.21 -36.45 -51.07
C VAL C 111 5.32 -37.46 -50.36
N ALA C 112 4.48 -36.97 -49.44
CA ALA C 112 3.62 -37.85 -48.65
C ALA C 112 2.16 -37.78 -49.10
N ALA C 113 1.56 -38.96 -49.29
CA ALA C 113 0.18 -39.06 -49.75
C ALA C 113 -0.81 -38.89 -48.60
N PRO C 114 -1.88 -38.11 -48.83
CA PRO C 114 -2.90 -37.89 -47.80
C PRO C 114 -3.72 -39.14 -47.50
N SER C 115 -4.01 -39.37 -46.22
CA SER C 115 -4.92 -40.43 -45.84
C SER C 115 -6.32 -39.86 -45.67
N VAL C 116 -7.22 -40.24 -46.58
CA VAL C 116 -8.56 -39.66 -46.62
C VAL C 116 -9.54 -40.43 -45.73
N PHE C 117 -10.14 -39.73 -44.78
CA PHE C 117 -11.17 -40.32 -43.92
C PHE C 117 -12.45 -39.51 -44.04
N ILE C 118 -13.59 -40.17 -43.83
CA ILE C 118 -14.89 -39.53 -43.98
C ILE C 118 -15.82 -39.78 -42.78
N PHE C 119 -16.46 -38.72 -42.31
CA PHE C 119 -17.33 -38.81 -41.13
C PHE C 119 -18.80 -38.59 -41.43
N PRO C 120 -19.59 -39.69 -41.41
CA PRO C 120 -21.04 -39.73 -41.63
C PRO C 120 -21.97 -39.08 -40.57
N PRO C 121 -21.71 -39.26 -39.26
CA PRO C 121 -22.84 -39.06 -38.34
C PRO C 121 -23.35 -37.63 -38.23
N SER C 122 -24.66 -37.49 -38.41
CA SER C 122 -25.42 -36.33 -37.99
C SER C 122 -26.31 -36.56 -36.77
N ASP C 123 -26.18 -37.71 -36.11
CA ASP C 123 -27.18 -38.19 -35.15
C ASP C 123 -27.60 -37.20 -34.04
N GLU C 124 -26.66 -36.66 -33.29
CA GLU C 124 -27.03 -35.72 -32.25
C GLU C 124 -27.51 -34.41 -32.88
N GLN C 125 -26.92 -34.10 -34.03
CA GLN C 125 -27.23 -32.87 -34.77
C GLN C 125 -28.48 -32.97 -35.64
N LEU C 126 -28.80 -34.17 -36.11
CA LEU C 126 -29.90 -34.39 -37.07
C LEU C 126 -31.26 -33.91 -36.59
N LYS C 127 -31.52 -34.03 -35.30
CA LYS C 127 -32.81 -33.60 -34.76
C LYS C 127 -32.77 -32.13 -34.34
N SER C 128 -31.61 -31.49 -34.53
CA SER C 128 -31.47 -30.07 -34.24
C SER C 128 -31.69 -29.22 -35.49
N GLY C 129 -31.89 -29.88 -36.63
CA GLY C 129 -32.19 -29.19 -37.86
C GLY C 129 -31.03 -29.03 -38.83
N THR C 130 -29.89 -29.63 -38.51
CA THR C 130 -28.71 -29.52 -39.36
C THR C 130 -27.94 -30.84 -39.44
N ALA C 131 -27.26 -31.08 -40.56
CA ALA C 131 -26.42 -32.25 -40.73
C ALA C 131 -25.04 -31.86 -41.25
N SER C 132 -23.99 -32.29 -40.55
CA SER C 132 -22.62 -31.92 -40.90
C SER C 132 -21.74 -33.14 -41.22
N VAL C 133 -21.32 -33.27 -42.47
CA VAL C 133 -20.38 -34.32 -42.84
C VAL C 133 -19.04 -33.72 -43.28
N VAL C 134 -18.03 -33.83 -42.42
CA VAL C 134 -16.68 -33.36 -42.75
C VAL C 134 -15.89 -34.38 -43.56
N CYS C 135 -14.91 -33.89 -44.32
CA CYS C 135 -13.95 -34.77 -44.99
C CYS C 135 -12.54 -34.41 -44.55
N LEU C 136 -11.74 -35.42 -44.24
CA LEU C 136 -10.42 -35.21 -43.64
C LEU C 136 -9.26 -35.54 -44.57
N LEU C 137 -8.30 -34.62 -44.65
CA LEU C 137 -7.03 -34.87 -45.32
C LEU C 137 -5.93 -34.72 -44.29
N ASN C 138 -5.26 -35.82 -43.97
CA ASN C 138 -4.31 -35.83 -42.86
C ASN C 138 -2.87 -36.17 -43.26
N ASN C 139 -1.93 -35.37 -42.78
CA ASN C 139 -0.50 -35.63 -42.92
C ASN C 139 0.00 -35.80 -44.37
N PHE C 140 -0.25 -34.80 -45.21
CA PHE C 140 0.18 -34.85 -46.60
C PHE C 140 1.16 -33.73 -46.98
N TYR C 141 2.00 -34.01 -47.98
CA TYR C 141 2.87 -32.99 -48.58
C TYR C 141 2.98 -33.31 -50.06
N PRO C 142 3.06 -32.28 -50.92
CA PRO C 142 3.04 -30.84 -50.66
C PRO C 142 1.64 -30.28 -50.38
N ARG C 143 1.56 -28.96 -50.33
CA ARG C 143 0.34 -28.26 -49.94
C ARG C 143 -0.85 -28.51 -50.86
N GLU C 144 -0.67 -28.34 -52.16
CA GLU C 144 -1.81 -28.32 -53.07
C GLU C 144 -2.61 -29.62 -53.05
N ALA C 145 -3.89 -29.48 -52.70
CA ALA C 145 -4.89 -30.50 -52.90
C ALA C 145 -6.20 -29.77 -53.10
N LYS C 146 -6.98 -30.16 -54.10
CA LYS C 146 -8.28 -29.54 -54.30
C LYS C 146 -9.39 -30.54 -54.01
N VAL C 147 -10.32 -30.15 -53.15
CA VAL C 147 -11.40 -31.06 -52.77
C VAL C 147 -12.65 -30.70 -53.56
N GLN C 148 -13.28 -31.72 -54.15
CA GLN C 148 -14.52 -31.51 -54.88
C GLN C 148 -15.57 -32.49 -54.41
N TRP C 149 -16.80 -32.29 -54.83
CA TRP C 149 -17.92 -33.12 -54.38
C TRP C 149 -18.80 -33.51 -55.54
N LYS C 150 -19.67 -34.50 -55.33
CA LYS C 150 -20.59 -34.94 -56.38
C LYS C 150 -21.62 -33.87 -56.69
N VAL C 151 -22.02 -33.11 -55.68
CA VAL C 151 -22.86 -31.94 -55.90
C VAL C 151 -21.98 -30.90 -56.58
N ASP C 152 -22.58 -29.89 -57.19
CA ASP C 152 -21.81 -28.78 -57.73
C ASP C 152 -21.15 -28.05 -56.57
N ASN C 153 -19.90 -27.62 -56.77
CA ASN C 153 -19.14 -27.03 -55.67
C ASN C 153 -19.61 -25.61 -55.45
N ALA C 154 -20.07 -25.31 -54.23
CA ALA C 154 -20.71 -24.04 -53.96
C ALA C 154 -20.37 -23.49 -52.58
N LEU C 155 -20.22 -22.17 -52.51
CA LEU C 155 -20.05 -21.47 -51.23
C LEU C 155 -21.23 -21.74 -50.30
N GLN C 156 -22.39 -22.01 -50.90
CA GLN C 156 -23.60 -22.33 -50.15
C GLN C 156 -23.39 -23.56 -49.27
N SER C 157 -22.79 -24.59 -49.86
CA SER C 157 -22.45 -25.80 -49.11
C SER C 157 -21.32 -25.52 -48.13
N GLY C 158 -20.56 -24.46 -48.40
CA GLY C 158 -19.43 -24.10 -47.57
C GLY C 158 -18.32 -25.13 -47.71
N ASN C 159 -18.24 -25.75 -48.87
CA ASN C 159 -17.17 -26.70 -49.15
C ASN C 159 -15.84 -25.96 -49.32
N SER C 160 -15.94 -24.66 -49.57
CA SER C 160 -14.75 -23.81 -49.65
C SER C 160 -14.23 -23.48 -48.26
N GLN C 161 -14.96 -23.88 -47.23
CA GLN C 161 -14.42 -23.77 -45.88
C GLN C 161 -13.29 -24.76 -45.81
N GLU C 162 -12.09 -24.26 -45.56
CA GLU C 162 -10.93 -25.12 -45.46
C GLU C 162 -10.06 -24.71 -44.28
N SER C 163 -9.92 -25.61 -43.33
CA SER C 163 -9.05 -25.35 -42.19
C SER C 163 -7.75 -26.11 -42.42
N VAL C 164 -6.68 -25.37 -42.66
CA VAL C 164 -5.39 -25.99 -42.95
C VAL C 164 -4.45 -25.81 -41.76
N THR C 165 -3.97 -26.93 -41.23
CA THR C 165 -3.05 -26.91 -40.11
C THR C 165 -1.69 -26.37 -40.53
N GLU C 166 -1.03 -25.68 -39.61
CA GLU C 166 0.34 -25.25 -39.83
C GLU C 166 1.21 -26.50 -39.92
N GLN C 167 2.36 -26.38 -40.57
CA GLN C 167 3.22 -27.53 -40.83
C GLN C 167 3.57 -28.30 -39.56
N ASP C 168 3.47 -29.62 -39.64
CA ASP C 168 3.79 -30.50 -38.52
C ASP C 168 5.28 -30.36 -38.19
N SER C 169 5.57 -30.18 -36.91
CA SER C 169 6.95 -29.92 -36.46
C SER C 169 7.84 -31.15 -36.55
N LYS C 170 7.26 -32.29 -36.90
CA LYS C 170 8.04 -33.52 -37.06
C LYS C 170 8.25 -33.89 -38.52
N ASP C 171 7.19 -34.29 -39.21
CA ASP C 171 7.31 -34.76 -40.59
C ASP C 171 7.07 -33.69 -41.66
N SER C 172 6.86 -32.45 -41.23
CA SER C 172 6.63 -31.32 -42.14
C SER C 172 5.37 -31.49 -43.00
N THR C 173 4.50 -32.39 -42.59
CA THR C 173 3.27 -32.69 -43.30
C THR C 173 2.21 -31.61 -43.14
N TYR C 174 1.23 -31.62 -44.03
CA TYR C 174 0.09 -30.69 -43.94
C TYR C 174 -1.18 -31.47 -43.66
N SER C 175 -2.17 -30.80 -43.09
CA SER C 175 -3.48 -31.42 -42.86
C SER C 175 -4.59 -30.44 -43.25
N LEU C 176 -5.58 -30.96 -43.96
CA LEU C 176 -6.66 -30.12 -44.49
C LEU C 176 -8.01 -30.66 -44.08
N SER C 177 -8.96 -29.75 -43.85
CA SER C 177 -10.34 -30.15 -43.56
C SER C 177 -11.32 -29.28 -44.34
N SER C 178 -12.11 -29.91 -45.21
CA SER C 178 -13.15 -29.22 -45.96
C SER C 178 -14.50 -29.65 -45.42
N THR C 179 -15.21 -28.72 -44.78
CA THR C 179 -16.42 -29.06 -44.06
C THR C 179 -17.68 -28.89 -44.91
N LEU C 180 -18.54 -29.90 -44.88
CA LEU C 180 -19.82 -29.87 -45.58
C LEU C 180 -20.96 -29.63 -44.59
N THR C 181 -21.56 -28.44 -44.65
CA THR C 181 -22.66 -28.10 -43.79
C THR C 181 -23.84 -27.54 -44.58
N LEU C 182 -24.96 -28.26 -44.57
CA LEU C 182 -26.19 -27.74 -45.16
C LEU C 182 -27.24 -27.56 -44.06
N SER C 183 -27.54 -26.32 -43.73
CA SER C 183 -28.49 -26.01 -42.66
C SER C 183 -29.92 -26.14 -43.16
N LYS C 184 -30.79 -26.64 -42.27
CA LYS C 184 -32.21 -26.82 -42.57
C LYS C 184 -32.50 -27.89 -43.63
N ALA C 185 -31.43 -28.48 -44.16
CA ALA C 185 -31.52 -29.56 -45.15
C ALA C 185 -32.28 -29.18 -46.41
N ASP C 186 -31.69 -28.30 -47.21
CA ASP C 186 -32.26 -27.91 -48.49
C ASP C 186 -31.70 -28.78 -49.62
N VAL C 192 -26.11 -37.66 -53.99
CA VAL C 192 -24.79 -38.27 -54.02
C VAL C 192 -23.76 -37.34 -53.41
N TYR C 193 -22.98 -37.86 -52.47
CA TYR C 193 -21.94 -37.08 -51.79
C TYR C 193 -20.59 -37.78 -51.87
N ALA C 194 -19.58 -37.07 -52.35
CA ALA C 194 -18.24 -37.64 -52.47
C ALA C 194 -17.14 -36.64 -52.15
N CYS C 195 -16.01 -37.15 -51.67
CA CYS C 195 -14.84 -36.32 -51.44
C CYS C 195 -13.83 -36.59 -52.56
N GLU C 196 -13.57 -35.58 -53.37
CA GLU C 196 -12.69 -35.73 -54.52
C GLU C 196 -11.38 -34.97 -54.33
N VAL C 197 -10.30 -35.71 -54.16
CA VAL C 197 -9.00 -35.10 -53.87
C VAL C 197 -8.01 -35.22 -55.02
N THR C 198 -7.38 -34.11 -55.38
CA THR C 198 -6.35 -34.10 -56.41
C THR C 198 -5.00 -33.79 -55.76
N HIS C 199 -4.11 -34.77 -55.74
CA HIS C 199 -2.80 -34.60 -55.13
C HIS C 199 -1.72 -35.33 -55.92
N GLN C 200 -0.52 -34.77 -55.95
CA GLN C 200 0.57 -35.32 -56.75
C GLN C 200 1.14 -36.60 -56.14
N GLY C 201 0.71 -36.92 -54.94
CA GLY C 201 1.15 -38.12 -54.25
C GLY C 201 0.22 -39.29 -54.52
N LEU C 202 -0.68 -39.08 -55.47
CA LEU C 202 -1.65 -40.11 -55.85
C LEU C 202 -1.58 -40.39 -57.35
N SER C 203 -1.71 -41.67 -57.71
CA SER C 203 -1.61 -42.10 -59.12
C SER C 203 -2.61 -41.32 -59.98
N SER C 204 -3.86 -41.36 -59.55
CA SER C 204 -4.95 -40.63 -60.21
C SER C 204 -5.75 -40.03 -59.07
N PRO C 205 -6.59 -39.01 -59.36
CA PRO C 205 -7.32 -38.48 -58.20
C PRO C 205 -8.26 -39.54 -57.63
N VAL C 206 -7.98 -39.96 -56.40
CA VAL C 206 -8.78 -41.00 -55.75
C VAL C 206 -9.89 -40.39 -54.92
N THR C 207 -11.08 -40.98 -54.98
CA THR C 207 -12.22 -40.43 -54.26
C THR C 207 -12.81 -41.43 -53.29
N LYS C 208 -13.09 -40.96 -52.08
CA LYS C 208 -13.85 -41.75 -51.11
C LYS C 208 -15.21 -41.09 -51.00
N SER C 209 -16.26 -41.90 -50.93
CA SER C 209 -17.61 -41.35 -51.04
C SER C 209 -18.57 -41.94 -50.01
N PHE C 210 -19.66 -41.21 -49.78
CA PHE C 210 -20.73 -41.70 -48.91
C PHE C 210 -22.06 -41.22 -49.46
N ASN C 211 -23.04 -42.12 -49.51
CA ASN C 211 -24.37 -41.78 -49.99
C ASN C 211 -25.48 -42.24 -49.05
N ARG C 212 -26.59 -41.53 -49.06
CA ARG C 212 -27.77 -41.91 -48.29
C ARG C 212 -28.99 -41.09 -48.70
N GLN D 20 11.93 -22.30 -11.52
CA GLN D 20 11.27 -22.15 -12.81
C GLN D 20 10.51 -20.82 -12.90
N VAL D 21 11.02 -19.91 -13.74
CA VAL D 21 10.35 -18.63 -13.96
C VAL D 21 9.14 -18.83 -14.86
N GLN D 22 7.97 -18.41 -14.39
CA GLN D 22 6.75 -18.50 -15.19
C GLN D 22 5.89 -17.24 -15.08
N LEU D 23 5.12 -16.99 -16.13
CA LEU D 23 4.17 -15.87 -16.15
C LEU D 23 2.85 -16.35 -16.73
N VAL D 24 1.78 -16.25 -15.94
CA VAL D 24 0.46 -16.70 -16.39
C VAL D 24 -0.47 -15.50 -16.62
N GLN D 25 -0.98 -15.37 -17.84
CA GLN D 25 -1.88 -14.27 -18.15
C GLN D 25 -3.33 -14.72 -17.98
N SER D 26 -4.29 -13.81 -18.10
CA SER D 26 -5.65 -14.17 -17.71
C SER D 26 -6.86 -13.43 -18.30
N GLY D 27 -7.93 -14.20 -18.49
CA GLY D 27 -7.75 -15.55 -18.97
C GLY D 27 -7.70 -15.46 -20.48
N ALA D 28 -8.85 -15.05 -21.01
CA ALA D 28 -9.04 -14.53 -22.35
C ALA D 28 -10.38 -13.78 -22.27
N GLU D 29 -10.61 -12.74 -23.06
CA GLU D 29 -11.92 -12.08 -23.05
C GLU D 29 -12.26 -11.27 -24.30
N MET D 30 -13.55 -10.98 -24.45
CA MET D 30 -14.05 -10.14 -25.54
C MET D 30 -14.71 -8.88 -24.99
N LYS D 31 -14.35 -7.73 -25.55
CA LYS D 31 -14.98 -6.46 -25.18
C LYS D 31 -15.35 -5.64 -26.41
N LYS D 32 -16.53 -5.03 -26.39
CA LYS D 32 -16.99 -4.16 -27.47
C LYS D 32 -16.09 -2.93 -27.61
N PRO D 33 -16.13 -2.26 -28.78
CA PRO D 33 -15.33 -1.05 -28.98
C PRO D 33 -15.64 0.06 -27.98
N GLY D 34 -14.66 0.92 -27.71
CA GLY D 34 -14.82 2.04 -26.81
C GLY D 34 -14.70 1.68 -25.34
N ALA D 35 -14.57 0.38 -25.07
CA ALA D 35 -14.51 -0.10 -23.70
C ALA D 35 -13.10 0.00 -23.12
N SER D 36 -12.91 -0.61 -21.95
CA SER D 36 -11.60 -0.67 -21.31
C SER D 36 -11.39 -2.09 -20.78
N VAL D 37 -10.23 -2.66 -21.09
CA VAL D 37 -9.97 -4.06 -20.76
C VAL D 37 -8.74 -4.19 -19.86
N LYS D 38 -8.75 -5.19 -18.99
CA LYS D 38 -7.61 -5.44 -18.10
C LYS D 38 -7.07 -6.83 -18.31
N VAL D 39 -5.75 -6.94 -18.46
CA VAL D 39 -5.09 -8.23 -18.54
C VAL D 39 -4.12 -8.33 -17.36
N SER D 40 -3.96 -9.53 -16.80
CA SER D 40 -3.10 -9.71 -15.64
C SER D 40 -1.96 -10.67 -15.96
N CYS D 41 -0.81 -10.43 -15.33
CA CYS D 41 0.34 -11.31 -15.48
C CYS D 41 0.74 -11.84 -14.11
N LYS D 42 0.78 -13.16 -13.94
CA LYS D 42 1.11 -13.74 -12.65
C LYS D 42 2.56 -14.21 -12.59
N ALA D 43 3.38 -13.49 -11.82
CA ALA D 43 4.81 -13.80 -11.72
C ALA D 43 5.08 -15.04 -10.88
N SER D 44 6.28 -15.59 -11.06
CA SER D 44 6.76 -16.74 -10.29
C SER D 44 8.22 -17.00 -10.68
N GLY D 45 8.92 -17.73 -9.83
CA GLY D 45 10.28 -18.17 -10.13
C GLY D 45 11.35 -17.10 -10.01
N TYR D 46 10.95 -15.83 -9.91
CA TYR D 46 11.92 -14.74 -9.88
C TYR D 46 11.51 -13.62 -8.92
N THR D 47 12.44 -12.70 -8.63
CA THR D 47 12.12 -11.57 -7.76
C THR D 47 11.31 -10.56 -8.57
N PHE D 48 10.07 -10.34 -8.15
CA PHE D 48 9.16 -9.47 -8.89
C PHE D 48 9.68 -8.04 -8.96
N ILE D 49 10.12 -7.53 -7.81
CA ILE D 49 10.62 -6.16 -7.70
C ILE D 49 11.87 -5.89 -8.57
N GLY D 50 12.62 -6.94 -8.89
CA GLY D 50 13.94 -6.80 -9.49
C GLY D 50 14.08 -6.81 -11.00
N TYR D 51 12.98 -7.05 -11.72
CA TYR D 51 13.02 -7.08 -13.18
C TYR D 51 11.79 -6.43 -13.82
N HIS D 52 12.03 -5.61 -14.83
CA HIS D 52 10.97 -4.84 -15.49
C HIS D 52 9.95 -5.74 -16.19
N LEU D 53 8.76 -5.21 -16.39
CA LEU D 53 7.67 -5.95 -17.03
C LEU D 53 7.31 -5.26 -18.34
N HIS D 54 7.37 -6.01 -19.44
CA HIS D 54 7.10 -5.46 -20.77
C HIS D 54 5.79 -5.97 -21.34
N TRP D 55 5.12 -5.13 -22.14
CA TRP D 55 3.90 -5.53 -22.82
C TRP D 55 4.02 -5.42 -24.33
N VAL D 56 3.75 -6.53 -25.03
CA VAL D 56 3.83 -6.59 -26.48
C VAL D 56 2.57 -7.24 -27.03
N ARG D 57 1.96 -6.61 -28.02
CA ARG D 57 0.71 -7.12 -28.60
C ARG D 57 0.92 -7.58 -30.02
N GLN D 58 0.13 -8.56 -30.45
CA GLN D 58 0.24 -9.09 -31.80
C GLN D 58 -1.13 -9.24 -32.47
N ALA D 59 -1.35 -8.47 -33.53
CA ALA D 59 -2.56 -8.59 -34.33
C ALA D 59 -2.54 -9.91 -35.08
N PRO D 60 -3.72 -10.44 -35.43
CA PRO D 60 -3.76 -11.71 -36.19
C PRO D 60 -3.05 -11.59 -37.54
N GLY D 61 -2.13 -12.51 -37.83
CA GLY D 61 -1.41 -12.50 -39.09
C GLY D 61 -0.36 -11.42 -39.21
N GLN D 62 -0.12 -10.70 -38.12
CA GLN D 62 0.86 -9.61 -38.13
C GLN D 62 2.03 -9.84 -37.19
N GLY D 63 2.91 -8.86 -37.08
CA GLY D 63 4.12 -8.99 -36.30
C GLY D 63 3.97 -8.52 -34.86
N LEU D 64 5.10 -8.28 -34.21
CA LEU D 64 5.10 -7.87 -32.80
C LEU D 64 5.15 -6.35 -32.67
N GLU D 65 4.44 -5.83 -31.67
CA GLU D 65 4.47 -4.40 -31.38
C GLU D 65 4.64 -4.16 -29.88
N TRP D 66 5.72 -3.47 -29.51
CA TRP D 66 6.01 -3.20 -28.11
C TRP D 66 5.17 -2.03 -27.63
N MET D 67 4.32 -2.30 -26.64
CA MET D 67 3.41 -1.28 -26.11
C MET D 67 4.08 -0.38 -25.07
N GLY D 68 4.85 -0.99 -24.18
CA GLY D 68 5.55 -0.26 -23.13
C GLY D 68 6.05 -1.16 -22.03
N TRP D 69 6.78 -0.59 -21.06
CA TRP D 69 7.23 -1.35 -19.89
C TRP D 69 6.86 -0.65 -18.59
N ILE D 70 6.93 -1.41 -17.49
CA ILE D 70 6.69 -0.87 -16.16
C ILE D 70 7.72 -1.42 -15.16
N ASN D 71 8.27 -0.53 -14.34
CA ASN D 71 9.12 -0.95 -13.24
C ASN D 71 8.24 -1.41 -12.09
N PRO D 72 8.31 -2.71 -11.76
CA PRO D 72 7.49 -3.33 -10.72
C PRO D 72 7.85 -2.84 -9.32
N ASN D 73 9.06 -2.30 -9.16
CA ASN D 73 9.48 -1.71 -7.90
C ASN D 73 9.06 -0.25 -7.83
N SER D 74 9.65 0.56 -8.71
CA SER D 74 9.36 1.99 -8.78
C SER D 74 7.88 2.28 -8.99
N GLY D 75 7.22 1.49 -9.83
CA GLY D 75 5.84 1.72 -10.19
C GLY D 75 5.77 2.56 -11.46
N GLU D 76 6.91 3.17 -11.80
CA GLU D 76 7.03 4.03 -12.97
C GLU D 76 6.81 3.25 -14.27
N THR D 77 6.26 3.92 -15.28
CA THR D 77 5.96 3.29 -16.55
C THR D 77 6.58 4.05 -17.72
N ASN D 78 6.92 3.31 -18.77
CA ASN D 78 7.38 3.89 -20.03
C ASN D 78 6.47 3.42 -21.15
N TYR D 79 5.91 4.37 -21.90
CA TYR D 79 4.95 4.02 -22.93
C TYR D 79 5.43 4.40 -24.33
N ALA D 80 4.94 3.67 -25.33
CA ALA D 80 5.18 4.02 -26.72
C ALA D 80 4.24 5.15 -27.13
N GLN D 81 4.66 5.95 -28.11
CA GLN D 81 3.83 7.05 -28.59
C GLN D 81 2.47 6.59 -29.10
N LYS D 82 2.43 5.44 -29.75
CA LYS D 82 1.19 4.89 -30.29
C LYS D 82 0.16 4.64 -29.19
N PHE D 83 0.63 4.14 -28.06
CA PHE D 83 -0.25 3.81 -26.94
C PHE D 83 -0.32 4.87 -25.84
N GLN D 84 0.34 6.00 -26.04
CA GLN D 84 0.61 6.93 -24.94
C GLN D 84 -0.62 7.41 -24.17
N ASP D 85 -1.65 7.85 -24.89
CA ASP D 85 -2.85 8.34 -24.22
C ASP D 85 -3.94 7.27 -24.13
N TRP D 86 -3.69 6.12 -24.75
CA TRP D 86 -4.70 5.06 -24.81
C TRP D 86 -4.47 3.91 -23.82
N VAL D 87 -3.37 3.93 -23.08
CA VAL D 87 -3.03 2.80 -22.22
C VAL D 87 -2.51 3.21 -20.82
N THR D 88 -2.72 2.32 -19.85
CA THR D 88 -2.23 2.52 -18.49
C THR D 88 -1.76 1.18 -17.90
N MET D 89 -0.56 1.17 -17.32
CA MET D 89 0.00 -0.06 -16.75
C MET D 89 0.23 0.07 -15.24
N THR D 90 -0.18 -0.96 -14.48
CA THR D 90 -0.06 -0.94 -13.02
C THR D 90 0.26 -2.32 -12.47
N ARG D 91 0.85 -2.38 -11.28
CA ARG D 91 1.21 -3.65 -10.66
C ARG D 91 0.80 -3.73 -9.18
N ASP D 92 1.02 -4.89 -8.58
CA ASP D 92 0.82 -5.10 -7.14
C ASP D 92 1.99 -5.90 -6.59
N THR D 93 2.75 -5.31 -5.67
CA THR D 93 3.98 -5.92 -5.16
C THR D 93 3.71 -7.17 -4.32
N SER D 94 2.48 -7.34 -3.87
CA SER D 94 2.13 -8.41 -2.93
C SER D 94 1.94 -9.76 -3.62
N ILE D 95 0.96 -9.84 -4.51
CA ILE D 95 0.68 -11.08 -5.23
C ILE D 95 1.58 -11.25 -6.44
N ASN D 96 2.49 -10.29 -6.64
CA ASN D 96 3.42 -10.31 -7.76
C ASN D 96 2.70 -10.36 -9.11
N THR D 97 1.77 -9.45 -9.32
CA THR D 97 1.03 -9.40 -10.57
C THR D 97 1.11 -8.03 -11.22
N ALA D 98 1.00 -8.00 -12.54
CA ALA D 98 1.02 -6.75 -13.29
C ALA D 98 -0.24 -6.63 -14.13
N TYR D 99 -0.72 -5.41 -14.33
CA TYR D 99 -1.98 -5.19 -15.02
C TYR D 99 -1.81 -4.25 -16.21
N MET D 100 -2.54 -4.53 -17.28
CA MET D 100 -2.50 -3.69 -18.48
C MET D 100 -3.92 -3.27 -18.85
N GLU D 101 -4.16 -1.96 -18.86
CA GLU D 101 -5.48 -1.44 -19.18
C GLU D 101 -5.45 -0.59 -20.45
N LEU D 102 -6.24 -0.99 -21.44
CA LEU D 102 -6.22 -0.35 -22.76
C LEU D 102 -7.62 0.08 -23.22
N ARG D 103 -7.69 1.25 -23.84
CA ARG D 103 -8.95 1.73 -24.41
C ARG D 103 -9.07 1.28 -25.86
N LEU D 104 -10.08 0.46 -26.14
CA LEU D 104 -10.22 -0.15 -27.45
C LEU D 104 -10.77 0.81 -28.50
N ARG D 105 -10.00 0.99 -29.57
CA ARG D 105 -10.40 1.81 -30.71
C ARG D 105 -10.96 0.96 -31.86
N SER D 106 -11.09 -0.34 -31.61
CA SER D 106 -11.56 -1.35 -32.58
C SER D 106 -10.47 -1.78 -33.58
N ASP D 107 -9.38 -1.04 -33.62
CA ASP D 107 -8.18 -1.46 -34.34
C ASP D 107 -7.26 -2.19 -33.36
N ASP D 108 -7.72 -2.34 -32.13
CA ASP D 108 -6.90 -2.88 -31.04
C ASP D 108 -7.03 -4.38 -30.85
N THR D 109 -7.75 -5.04 -31.75
CA THR D 109 -7.95 -6.49 -31.63
C THR D 109 -6.62 -7.20 -31.86
N ALA D 110 -6.18 -7.96 -30.86
CA ALA D 110 -4.88 -8.63 -30.91
C ALA D 110 -4.72 -9.62 -29.76
N VAL D 111 -3.57 -10.28 -29.72
CA VAL D 111 -3.18 -11.11 -28.59
C VAL D 111 -2.17 -10.32 -27.77
N TYR D 112 -2.35 -10.24 -26.47
CA TYR D 112 -1.50 -9.40 -25.63
C TYR D 112 -0.57 -10.21 -24.73
N TYR D 113 0.73 -9.95 -24.86
CA TYR D 113 1.75 -10.68 -24.12
C TYR D 113 2.40 -9.80 -23.05
N CYS D 114 2.80 -10.42 -21.94
CA CYS D 114 3.61 -9.74 -20.95
C CYS D 114 4.90 -10.53 -20.79
N ALA D 115 6.02 -9.82 -20.63
CA ALA D 115 7.32 -10.48 -20.59
C ALA D 115 8.32 -9.78 -19.68
N ARG D 116 9.20 -10.57 -19.09
CA ARG D 116 10.19 -10.07 -18.14
C ARG D 116 11.48 -9.61 -18.82
N GLY D 117 11.89 -8.38 -18.51
CA GLY D 117 13.22 -7.93 -18.90
C GLY D 117 14.24 -8.74 -18.13
N GLY D 118 15.17 -9.36 -18.85
CA GLY D 118 16.13 -10.25 -18.22
C GLY D 118 17.45 -9.61 -17.88
N MET D 119 17.66 -8.39 -18.38
CA MET D 119 18.91 -7.68 -18.12
C MET D 119 18.64 -6.37 -17.39
N THR D 120 19.26 -6.21 -16.22
CA THR D 120 19.04 -5.02 -15.40
C THR D 120 19.73 -3.80 -15.98
N MET D 121 20.89 -4.02 -16.60
CA MET D 121 21.66 -2.92 -17.18
C MET D 121 21.46 -2.70 -18.68
N VAL D 122 20.60 -3.51 -19.30
CA VAL D 122 20.22 -3.30 -20.70
C VAL D 122 18.71 -3.48 -20.86
N ARG D 123 18.04 -2.43 -21.32
CA ARG D 123 16.59 -2.47 -21.47
C ARG D 123 16.19 -3.22 -22.74
N GLY D 124 15.10 -3.97 -22.67
CA GLY D 124 14.50 -4.53 -23.85
C GLY D 124 14.66 -6.02 -24.12
N VAL D 125 15.45 -6.69 -23.30
CA VAL D 125 15.68 -8.12 -23.50
C VAL D 125 14.55 -8.91 -22.84
N MET D 126 13.76 -9.61 -23.64
CA MET D 126 12.69 -10.41 -23.06
C MET D 126 13.21 -11.83 -22.86
N MET D 127 13.48 -12.17 -21.61
CA MET D 127 14.05 -13.48 -21.29
C MET D 127 12.97 -14.55 -21.21
N ASP D 128 11.83 -14.18 -20.61
CA ASP D 128 10.73 -15.11 -20.39
C ASP D 128 9.38 -14.49 -20.75
N TRP D 129 8.50 -15.27 -21.38
CA TRP D 129 7.23 -14.76 -21.87
C TRP D 129 6.03 -15.44 -21.21
N GLY D 130 4.89 -14.74 -21.22
CA GLY D 130 3.64 -15.33 -20.77
C GLY D 130 3.04 -16.20 -21.85
N GLN D 131 1.81 -16.67 -21.64
CA GLN D 131 1.14 -17.50 -22.64
C GLN D 131 0.24 -16.70 -23.57
N GLY D 132 0.11 -15.40 -23.30
CA GLY D 132 -0.65 -14.51 -24.16
C GLY D 132 -2.14 -14.53 -23.87
N THR D 133 -2.80 -13.41 -24.14
CA THR D 133 -4.24 -13.31 -23.94
C THR D 133 -4.90 -12.66 -25.16
N LEU D 134 -5.79 -13.39 -25.81
CA LEU D 134 -6.47 -12.88 -26.99
C LEU D 134 -7.64 -12.00 -26.61
N VAL D 135 -7.66 -10.78 -27.15
CA VAL D 135 -8.75 -9.85 -26.91
C VAL D 135 -9.44 -9.51 -28.21
N THR D 136 -10.73 -9.83 -28.29
CA THR D 136 -11.50 -9.61 -29.50
C THR D 136 -12.43 -8.41 -29.33
N VAL D 137 -12.42 -7.51 -30.29
CA VAL D 137 -13.25 -6.31 -30.23
C VAL D 137 -14.35 -6.36 -31.31
N SER D 138 -15.59 -6.55 -30.87
CA SER D 138 -16.72 -6.62 -31.80
C SER D 138 -18.02 -6.19 -31.12
N SER D 139 -18.95 -5.68 -31.92
CA SER D 139 -20.26 -5.24 -31.43
C SER D 139 -21.17 -6.42 -31.10
N ALA D 140 -20.81 -7.59 -31.61
CA ALA D 140 -21.62 -8.79 -31.44
C ALA D 140 -21.65 -9.28 -29.99
N SER D 141 -22.64 -10.12 -29.68
CA SER D 141 -22.79 -10.69 -28.35
C SER D 141 -22.22 -12.10 -28.30
N THR D 142 -21.55 -12.43 -27.20
CA THR D 142 -20.93 -13.74 -27.00
C THR D 142 -21.94 -14.89 -27.13
N LYS D 143 -21.49 -15.98 -27.74
CA LYS D 143 -22.32 -17.16 -27.93
C LYS D 143 -21.56 -18.43 -27.55
N GLY D 144 -22.28 -19.51 -27.28
CA GLY D 144 -21.65 -20.76 -26.89
C GLY D 144 -21.46 -21.76 -28.01
N PRO D 145 -20.52 -22.70 -27.82
CA PRO D 145 -20.19 -23.80 -28.73
C PRO D 145 -21.14 -24.99 -28.61
N SER D 146 -21.19 -25.81 -29.66
CA SER D 146 -21.94 -27.06 -29.63
C SER D 146 -21.10 -28.20 -30.21
N VAL D 147 -20.85 -29.23 -29.40
CA VAL D 147 -19.98 -30.33 -29.80
C VAL D 147 -20.76 -31.54 -30.34
N PHE D 148 -20.25 -32.13 -31.42
CA PHE D 148 -20.90 -33.26 -32.08
C PHE D 148 -19.92 -34.37 -32.47
N PRO D 149 -19.69 -35.33 -31.57
CA PRO D 149 -18.72 -36.43 -31.72
C PRO D 149 -18.87 -37.19 -33.03
N LEU D 150 -17.76 -37.73 -33.54
CA LEU D 150 -17.75 -38.39 -34.83
C LEU D 150 -17.51 -39.90 -34.72
N ALA D 151 -18.05 -40.66 -35.68
CA ALA D 151 -17.91 -42.10 -35.72
C ALA D 151 -17.22 -42.53 -37.02
N PRO D 152 -16.54 -43.70 -37.02
CA PRO D 152 -16.35 -44.65 -35.92
C PRO D 152 -15.41 -44.13 -34.85
N ALA D 163 -9.63 -42.47 -37.18
CA ALA D 163 -9.93 -41.04 -37.03
C ALA D 163 -11.08 -40.81 -36.05
N LEU D 164 -10.73 -40.55 -34.79
CA LEU D 164 -11.71 -40.44 -33.71
C LEU D 164 -12.16 -39.03 -33.29
N GLY D 165 -11.73 -38.00 -34.02
CA GLY D 165 -11.94 -36.64 -33.56
C GLY D 165 -13.37 -36.13 -33.42
N CYS D 166 -13.51 -34.89 -32.94
CA CYS D 166 -14.82 -34.28 -32.71
C CYS D 166 -14.99 -33.03 -33.57
N LEU D 167 -16.16 -32.39 -33.46
CA LEU D 167 -16.43 -31.16 -34.19
C LEU D 167 -17.09 -30.09 -33.32
N VAL D 168 -16.41 -28.95 -33.14
CA VAL D 168 -17.01 -27.81 -32.45
C VAL D 168 -17.58 -26.87 -33.51
N LYS D 169 -18.73 -26.25 -33.23
CA LYS D 169 -19.34 -25.36 -34.20
C LYS D 169 -20.14 -24.21 -33.58
N ASP D 170 -20.16 -23.09 -34.30
CA ASP D 170 -21.01 -21.94 -33.96
C ASP D 170 -20.76 -21.33 -32.59
N TYR D 171 -19.59 -20.72 -32.42
CA TYR D 171 -19.26 -20.00 -31.20
C TYR D 171 -18.70 -18.63 -31.60
N PHE D 172 -18.35 -17.82 -30.60
CA PHE D 172 -17.78 -16.49 -30.84
C PHE D 172 -17.45 -15.89 -29.48
N PRO D 173 -16.31 -15.19 -29.38
CA PRO D 173 -15.22 -15.12 -30.36
C PRO D 173 -14.14 -16.16 -30.09
N GLU D 174 -13.06 -16.10 -30.85
CA GLU D 174 -11.85 -16.85 -30.58
C GLU D 174 -11.32 -16.51 -29.19
N PRO D 175 -10.56 -17.42 -28.56
CA PRO D 175 -10.19 -18.77 -29.00
C PRO D 175 -11.10 -19.86 -28.43
N VAL D 176 -10.83 -21.11 -28.82
CA VAL D 176 -11.37 -22.28 -28.13
C VAL D 176 -10.30 -23.37 -28.10
N THR D 177 -10.00 -23.90 -26.92
CA THR D 177 -8.97 -24.93 -26.79
C THR D 177 -9.58 -26.32 -26.64
N VAL D 178 -8.94 -27.31 -27.27
CA VAL D 178 -9.43 -28.69 -27.23
C VAL D 178 -8.31 -29.65 -26.82
N SER D 179 -8.54 -30.38 -25.73
CA SER D 179 -7.59 -31.37 -25.25
C SER D 179 -8.25 -32.74 -25.16
N TRP D 180 -7.47 -33.78 -25.43
CA TRP D 180 -8.01 -35.14 -25.44
C TRP D 180 -7.72 -35.90 -24.15
N ASN D 181 -8.79 -36.31 -23.48
CA ASN D 181 -8.72 -36.97 -22.18
C ASN D 181 -7.99 -36.11 -21.16
N SER D 182 -7.09 -36.74 -20.40
CA SER D 182 -6.33 -36.04 -19.37
C SER D 182 -5.00 -35.54 -19.93
N GLY D 183 -4.87 -35.62 -21.26
CA GLY D 183 -3.63 -35.26 -21.93
C GLY D 183 -2.80 -36.51 -22.14
N ALA D 184 -3.48 -37.65 -22.14
CA ALA D 184 -2.82 -38.94 -22.35
C ALA D 184 -2.43 -39.12 -23.81
N LEU D 185 -3.16 -38.46 -24.71
CA LEU D 185 -2.86 -38.53 -26.13
C LEU D 185 -1.95 -37.35 -26.51
N THR D 186 -0.71 -37.66 -26.84
CA THR D 186 0.27 -36.64 -27.23
C THR D 186 0.34 -36.55 -28.75
N SER D 187 0.81 -37.62 -29.37
CA SER D 187 0.91 -37.70 -30.82
C SER D 187 -0.45 -38.02 -31.46
N GLY D 188 -0.63 -37.58 -32.70
CA GLY D 188 -1.83 -37.91 -33.45
C GLY D 188 -2.92 -36.86 -33.45
N VAL D 189 -2.87 -35.95 -32.48
CA VAL D 189 -3.91 -34.92 -32.38
C VAL D 189 -3.64 -33.73 -33.31
N HIS D 190 -4.59 -33.48 -34.22
CA HIS D 190 -4.55 -32.30 -35.06
C HIS D 190 -5.72 -31.39 -34.76
N THR D 191 -5.44 -30.24 -34.13
CA THR D 191 -6.48 -29.27 -33.86
C THR D 191 -6.47 -28.22 -34.96
N PHE D 192 -7.50 -28.23 -35.79
CA PHE D 192 -7.56 -27.39 -36.97
C PHE D 192 -7.89 -25.94 -36.63
N PRO D 193 -7.32 -25.00 -37.40
CA PRO D 193 -7.63 -23.56 -37.26
C PRO D 193 -9.12 -23.29 -37.41
N ALA D 194 -9.59 -22.21 -36.78
CA ALA D 194 -11.00 -21.87 -36.82
C ALA D 194 -11.45 -21.38 -38.20
N VAL D 195 -12.67 -21.75 -38.57
CA VAL D 195 -13.25 -21.31 -39.84
C VAL D 195 -14.47 -20.44 -39.57
N LEU D 196 -14.44 -19.20 -40.06
CA LEU D 196 -15.55 -18.28 -39.88
C LEU D 196 -16.67 -18.58 -40.86
N GLN D 197 -17.86 -18.85 -40.34
CA GLN D 197 -19.02 -19.10 -41.17
C GLN D 197 -19.59 -17.78 -41.70
N SER D 198 -20.64 -17.87 -42.49
CA SER D 198 -21.33 -16.69 -42.99
C SER D 198 -22.37 -16.25 -41.96
N SER D 199 -22.58 -17.10 -40.96
CA SER D 199 -23.51 -16.79 -39.88
C SER D 199 -22.89 -15.77 -38.93
N GLY D 200 -21.57 -15.67 -38.96
CA GLY D 200 -20.85 -14.75 -38.09
C GLY D 200 -20.13 -15.46 -36.96
N LEU D 201 -20.34 -16.76 -36.86
CA LEU D 201 -19.74 -17.56 -35.80
C LEU D 201 -18.60 -18.43 -36.33
N TYR D 202 -17.56 -18.59 -35.53
CA TYR D 202 -16.43 -19.44 -35.89
C TYR D 202 -16.73 -20.92 -35.67
N SER D 203 -16.05 -21.78 -36.41
CA SER D 203 -16.16 -23.22 -36.23
C SER D 203 -14.87 -23.93 -36.59
N LEU D 204 -14.53 -24.98 -35.84
CA LEU D 204 -13.33 -25.77 -36.11
C LEU D 204 -13.50 -27.18 -35.58
N SER D 205 -12.68 -28.10 -36.07
CA SER D 205 -12.68 -29.45 -35.53
C SER D 205 -11.34 -29.80 -34.90
N SER D 206 -11.27 -30.98 -34.30
CA SER D 206 -10.02 -31.52 -33.77
C SER D 206 -10.06 -33.02 -33.99
N VAL D 207 -8.99 -33.59 -34.56
CA VAL D 207 -8.98 -35.02 -34.84
C VAL D 207 -7.74 -35.75 -34.33
N VAL D 208 -7.91 -37.04 -34.06
CA VAL D 208 -6.81 -37.95 -33.75
C VAL D 208 -7.05 -39.18 -34.61
N THR D 209 -6.06 -40.06 -34.76
CA THR D 209 -6.26 -41.22 -35.62
C THR D 209 -5.83 -42.53 -34.98
N VAL D 210 -6.80 -43.42 -34.76
CA VAL D 210 -6.52 -44.76 -34.23
C VAL D 210 -5.84 -45.70 -35.25
N PRO D 211 -6.42 -45.84 -36.46
CA PRO D 211 -5.81 -46.77 -37.41
C PRO D 211 -4.48 -46.26 -37.95
N THR D 219 -12.12 -45.87 -26.51
CA THR D 219 -13.15 -44.93 -26.07
C THR D 219 -12.53 -43.76 -25.33
N TYR D 220 -12.47 -42.60 -25.98
CA TYR D 220 -11.88 -41.41 -25.39
C TYR D 220 -12.83 -40.22 -25.46
N ILE D 221 -12.39 -39.08 -24.92
CA ILE D 221 -13.24 -37.89 -24.85
C ILE D 221 -12.51 -36.67 -25.40
N CYS D 222 -13.26 -35.74 -25.97
CA CYS D 222 -12.71 -34.47 -26.41
C CYS D 222 -13.16 -33.34 -25.47
N ASN D 223 -12.20 -32.72 -24.80
CA ASN D 223 -12.51 -31.69 -23.82
C ASN D 223 -12.48 -30.30 -24.44
N VAL D 224 -13.65 -29.68 -24.57
CA VAL D 224 -13.76 -28.35 -25.14
C VAL D 224 -13.79 -27.28 -24.05
N ASN D 225 -13.06 -26.18 -24.26
CA ASN D 225 -13.05 -25.09 -23.30
C ASN D 225 -13.20 -23.75 -24.01
N HIS D 226 -14.28 -23.04 -23.69
CA HIS D 226 -14.50 -21.71 -24.24
C HIS D 226 -14.48 -20.68 -23.11
N LYS D 227 -13.42 -19.87 -23.09
CA LYS D 227 -13.24 -18.89 -22.02
C LYS D 227 -14.23 -17.71 -22.00
N PRO D 228 -14.49 -17.06 -23.15
CA PRO D 228 -15.43 -15.93 -23.12
C PRO D 228 -16.85 -16.29 -22.71
N SER D 229 -17.38 -17.38 -23.23
CA SER D 229 -18.77 -17.75 -22.97
C SER D 229 -18.90 -18.72 -21.79
N ASN D 230 -17.77 -19.07 -21.20
CA ASN D 230 -17.73 -20.00 -20.07
C ASN D 230 -18.43 -21.33 -20.37
N THR D 231 -17.86 -22.10 -21.29
CA THR D 231 -18.45 -23.37 -21.68
C THR D 231 -17.42 -24.49 -21.68
N LYS D 232 -17.75 -25.59 -21.02
CA LYS D 232 -16.92 -26.78 -21.05
C LYS D 232 -17.80 -27.99 -21.35
N VAL D 233 -17.58 -28.62 -22.50
CA VAL D 233 -18.40 -29.75 -22.91
C VAL D 233 -17.56 -31.00 -23.13
N ASP D 234 -17.75 -32.00 -22.27
CA ASP D 234 -17.08 -33.28 -22.44
C ASP D 234 -17.96 -34.24 -23.23
N LYS D 235 -17.46 -34.66 -24.38
CA LYS D 235 -18.18 -35.61 -25.23
C LYS D 235 -17.30 -36.82 -25.50
N ARG D 236 -17.87 -38.02 -25.36
CA ARG D 236 -17.07 -39.22 -25.48
C ARG D 236 -17.21 -39.86 -26.85
N VAL D 237 -16.36 -40.85 -27.13
CA VAL D 237 -16.40 -41.54 -28.41
C VAL D 237 -16.83 -42.99 -28.24
N GLU D 238 -18.05 -43.29 -28.70
CA GLU D 238 -18.57 -44.65 -28.73
C GLU D 238 -19.23 -44.87 -30.10
N PRO D 239 -18.48 -45.47 -31.03
CA PRO D 239 -18.88 -45.59 -32.44
C PRO D 239 -20.25 -46.21 -32.61
N LYS D 240 -20.93 -45.85 -33.71
CA LYS D 240 -22.27 -46.34 -33.98
C LYS D 240 -22.40 -46.92 -35.38
N SER D 241 -23.58 -47.45 -35.67
CA SER D 241 -23.84 -48.13 -36.94
C SER D 241 -24.32 -47.17 -38.02
N CYS D 242 -23.72 -47.27 -39.20
CA CYS D 242 -24.10 -46.44 -40.33
C CYS D 242 -24.87 -47.26 -41.36
N ASP D 243 -25.28 -46.61 -42.45
CA ASP D 243 -26.09 -47.27 -43.46
C ASP D 243 -25.32 -47.47 -44.75
N ALA E 36 -22.61 -46.47 21.52
CA ALA E 36 -21.74 -45.33 21.77
C ALA E 36 -20.35 -45.55 21.20
N LEU E 37 -20.10 -44.98 20.02
CA LEU E 37 -18.81 -45.09 19.36
C LEU E 37 -18.23 -43.76 18.91
N LEU E 38 -17.00 -43.47 19.33
CA LEU E 38 -16.23 -42.36 18.80
C LEU E 38 -15.18 -42.91 17.84
N ARG E 39 -15.26 -42.49 16.57
CA ARG E 39 -14.34 -42.98 15.56
C ARG E 39 -13.77 -41.86 14.71
N GLU E 40 -12.45 -41.74 14.72
CA GLU E 40 -11.75 -40.71 13.96
C GLU E 40 -10.95 -41.38 12.85
N TYR E 41 -11.15 -40.92 11.60
CA TYR E 41 -10.53 -41.59 10.47
C TYR E 41 -9.48 -40.72 9.79
N SER E 42 -8.78 -41.34 8.85
CA SER E 42 -7.94 -40.65 7.88
C SER E 42 -8.31 -41.22 6.51
N ASP E 43 -8.55 -40.35 5.53
CA ASP E 43 -8.95 -40.83 4.21
C ASP E 43 -7.74 -41.01 3.31
N ARG E 44 -7.79 -42.03 2.46
CA ARG E 44 -6.72 -42.31 1.52
C ARG E 44 -7.22 -42.26 0.08
N SER E 47 -12.12 -44.64 -3.19
CA SER E 47 -11.16 -44.44 -2.12
C SER E 47 -11.48 -45.30 -0.91
N LEU E 48 -10.53 -45.40 0.01
CA LEU E 48 -10.66 -46.29 1.16
C LEU E 48 -11.00 -45.57 2.46
N LYS E 49 -11.20 -46.35 3.52
CA LYS E 49 -11.33 -45.83 4.87
C LYS E 49 -10.64 -46.74 5.88
N LEU E 50 -9.78 -46.17 6.71
CA LEU E 50 -9.09 -46.91 7.76
C LEU E 50 -8.97 -46.09 9.04
N GLU E 51 -9.21 -46.73 10.18
CA GLU E 51 -9.31 -46.01 11.45
C GLU E 51 -9.33 -46.91 12.67
N ALA E 52 -9.37 -46.28 13.85
CA ALA E 52 -9.64 -46.96 15.10
C ALA E 52 -10.81 -46.28 15.80
N PHE E 53 -11.82 -47.07 16.15
CA PHE E 53 -13.02 -46.56 16.82
C PHE E 53 -13.00 -46.83 18.32
N TYR E 54 -13.27 -45.79 19.11
CA TYR E 54 -13.23 -45.91 20.57
C TYR E 54 -14.61 -45.73 21.21
N PRO E 55 -15.21 -46.84 21.68
CA PRO E 55 -16.43 -46.97 22.49
C PRO E 55 -16.19 -46.74 23.97
N THR E 56 -16.38 -45.52 24.46
CA THR E 56 -16.02 -45.22 25.83
C THR E 56 -16.81 -45.98 26.91
N GLY E 57 -18.11 -45.76 26.97
CA GLY E 57 -18.91 -46.38 28.01
C GLY E 57 -19.96 -47.43 27.65
N PHE E 58 -20.22 -47.66 26.37
CA PHE E 58 -21.40 -48.44 25.99
C PHE E 58 -21.24 -49.43 24.85
N ASP E 59 -22.17 -50.37 24.78
CA ASP E 59 -22.18 -51.42 23.77
C ASP E 59 -22.77 -50.96 22.43
N GLU E 60 -22.06 -51.27 21.35
CA GLU E 60 -22.55 -51.05 20.00
C GLU E 60 -22.23 -52.34 19.24
N GLU E 61 -22.66 -52.43 17.98
CA GLU E 61 -22.25 -53.54 17.14
C GLU E 61 -20.86 -53.20 16.61
N LEU E 62 -19.88 -54.04 16.92
CA LEU E 62 -18.50 -53.79 16.51
C LEU E 62 -18.41 -53.80 14.99
N ILE E 63 -19.33 -54.52 14.37
CA ILE E 63 -19.40 -54.65 12.91
C ILE E 63 -20.16 -53.47 12.29
N LYS E 64 -20.88 -52.72 13.10
CA LYS E 64 -21.68 -51.59 12.60
C LYS E 64 -20.82 -50.42 12.15
N SER E 65 -19.54 -50.42 12.50
CA SER E 65 -18.64 -49.33 12.14
C SER E 65 -18.15 -49.44 10.70
N LEU E 66 -18.42 -50.58 10.08
CA LEU E 66 -17.92 -50.87 8.74
C LEU E 66 -18.75 -50.18 7.64
N HIS E 67 -20.06 -50.12 7.83
CA HIS E 67 -20.93 -49.24 7.05
C HIS E 67 -21.68 -48.38 8.06
N TRP E 68 -21.81 -47.08 7.80
CA TRP E 68 -22.28 -46.12 8.80
C TRP E 68 -23.58 -46.57 9.45
N GLY E 69 -23.70 -46.42 10.77
CA GLY E 69 -24.82 -47.05 11.42
C GLY E 69 -26.11 -46.34 11.09
N ASN E 70 -26.91 -46.98 10.26
CA ASN E 70 -28.28 -46.57 9.99
C ASN E 70 -29.28 -47.18 10.97
N ASP E 71 -29.03 -48.45 11.26
CA ASP E 71 -29.98 -49.35 11.93
C ASP E 71 -30.57 -48.86 13.24
N ARG E 72 -29.71 -48.40 14.15
CA ARG E 72 -30.19 -47.98 15.46
C ARG E 72 -30.91 -46.64 15.39
N LYS E 73 -31.74 -46.37 16.38
CA LYS E 73 -32.47 -45.10 16.47
C LYS E 73 -31.54 -43.91 16.72
N HIS E 74 -30.29 -44.19 17.06
CA HIS E 74 -29.33 -43.13 17.37
C HIS E 74 -28.85 -42.39 16.12
N VAL E 75 -28.52 -41.12 16.30
CA VAL E 75 -28.01 -40.28 15.21
C VAL E 75 -26.48 -40.27 15.23
N PHE E 76 -25.87 -40.23 14.06
CA PHE E 76 -24.41 -40.14 13.97
C PHE E 76 -24.02 -38.76 13.44
N LEU E 77 -22.84 -38.31 13.82
CA LEU E 77 -22.30 -37.05 13.34
C LEU E 77 -20.98 -37.29 12.63
N VAL E 78 -20.81 -36.68 11.46
CA VAL E 78 -19.58 -36.84 10.69
C VAL E 78 -19.00 -35.49 10.31
N ILE E 79 -17.78 -35.23 10.75
CA ILE E 79 -17.06 -34.02 10.37
C ILE E 79 -16.08 -34.39 9.27
N VAL E 80 -16.20 -33.73 8.11
CA VAL E 80 -15.40 -34.07 6.95
C VAL E 80 -14.54 -32.90 6.48
N LYS E 81 -13.22 -33.06 6.58
CA LYS E 81 -12.30 -32.06 6.04
C LYS E 81 -11.59 -32.60 4.81
N VAL E 82 -11.95 -32.06 3.64
CA VAL E 82 -11.31 -32.46 2.39
C VAL E 82 -10.94 -31.23 1.55
N ASN E 83 -9.65 -31.09 1.26
CA ASN E 83 -9.17 -30.03 0.38
C ASN E 83 -9.25 -30.51 -1.06
N PRO E 84 -10.11 -29.86 -1.87
CA PRO E 84 -10.33 -30.36 -3.23
C PRO E 84 -9.15 -30.09 -4.16
N THR E 85 -7.96 -30.43 -3.69
CA THR E 85 -6.77 -30.52 -4.52
C THR E 85 -6.60 -31.99 -4.87
N THR E 86 -7.61 -32.77 -4.47
CA THR E 86 -7.59 -34.24 -4.38
C THR E 86 -6.86 -34.68 -3.11
N HIS E 87 -6.34 -33.71 -2.37
CA HIS E 87 -5.67 -33.96 -1.11
C HIS E 87 -6.62 -34.68 -0.14
N GLU E 88 -6.07 -35.63 0.61
CA GLU E 88 -6.88 -36.54 1.41
C GLU E 88 -7.62 -35.87 2.56
N GLY E 89 -6.88 -35.21 3.45
CA GLY E 89 -7.45 -34.66 4.66
C GLY E 89 -7.87 -35.77 5.62
N ASP E 90 -8.69 -35.43 6.60
CA ASP E 90 -9.17 -36.42 7.56
C ASP E 90 -10.61 -36.19 7.99
N VAL E 91 -11.26 -37.23 8.50
CA VAL E 91 -12.65 -37.15 8.93
C VAL E 91 -12.83 -37.75 10.33
N GLY E 92 -14.02 -37.54 10.91
CA GLY E 92 -14.33 -38.08 12.21
C GLY E 92 -15.80 -38.41 12.40
N LEU E 93 -16.09 -39.27 13.37
CA LEU E 93 -17.44 -39.75 13.62
C LEU E 93 -17.74 -39.89 15.10
N VAL E 94 -18.93 -39.47 15.49
CA VAL E 94 -19.45 -39.78 16.82
C VAL E 94 -20.92 -40.20 16.73
N ILE E 95 -21.20 -41.42 17.18
CA ILE E 95 -22.57 -41.89 17.27
C ILE E 95 -23.08 -41.61 18.69
N PHE E 96 -24.19 -40.89 18.78
CA PHE E 96 -24.71 -40.44 20.06
C PHE E 96 -26.18 -40.83 20.18
N PRO E 97 -26.66 -41.07 21.41
CA PRO E 97 -28.05 -41.54 21.58
C PRO E 97 -29.08 -40.50 21.13
N LYS E 98 -30.34 -40.88 21.15
CA LYS E 98 -31.41 -40.02 20.63
C LYS E 98 -31.86 -38.96 21.63
N TYR E 99 -31.95 -39.34 22.91
CA TYR E 99 -32.49 -38.45 23.94
C TYR E 99 -31.72 -37.14 24.11
N LEU E 100 -30.50 -37.10 23.59
CA LEU E 100 -29.66 -35.91 23.69
C LEU E 100 -30.23 -34.74 22.89
N LEU E 101 -31.14 -35.02 21.97
CA LEU E 101 -31.76 -33.98 21.16
C LEU E 101 -33.06 -33.48 21.79
N SER E 102 -33.50 -34.15 22.84
CA SER E 102 -34.71 -33.76 23.54
C SER E 102 -34.40 -32.72 24.62
N PRO E 103 -35.26 -31.71 24.77
CA PRO E 103 -35.04 -30.67 25.78
C PRO E 103 -35.38 -31.18 27.18
N TYR E 104 -35.27 -30.32 28.18
CA TYR E 104 -35.57 -30.70 29.56
C TYR E 104 -37.04 -30.49 29.88
N GLY E 120 -53.32 -13.15 36.06
CA GLY E 120 -52.34 -14.13 36.48
C GLY E 120 -51.14 -14.15 35.56
N PHE E 121 -49.96 -13.84 36.10
CA PHE E 121 -48.73 -13.84 35.32
C PHE E 121 -47.98 -15.15 35.46
N LEU E 122 -48.41 -15.98 36.41
CA LEU E 122 -47.81 -17.29 36.64
C LEU E 122 -48.64 -18.34 35.92
N SER E 123 -49.73 -17.89 35.30
CA SER E 123 -50.67 -18.75 34.62
C SER E 123 -50.24 -18.95 33.18
N HIS E 124 -50.19 -17.86 32.43
CA HIS E 124 -49.73 -17.89 31.06
C HIS E 124 -48.36 -17.24 31.00
N PRO E 125 -47.28 -18.05 31.01
CA PRO E 125 -45.95 -17.46 31.02
C PRO E 125 -45.38 -17.32 29.61
N VAL E 126 -44.23 -16.67 29.49
CA VAL E 126 -43.52 -16.59 28.23
C VAL E 126 -42.26 -17.47 28.31
N THR E 127 -42.26 -18.60 27.60
CA THR E 127 -41.15 -19.54 27.72
C THR E 127 -40.38 -19.74 26.40
N PRO E 128 -39.12 -19.29 26.35
CA PRO E 128 -38.24 -19.52 25.21
C PRO E 128 -37.83 -20.98 25.11
N ASP E 129 -37.88 -21.56 23.92
CA ASP E 129 -37.36 -22.91 23.70
C ASP E 129 -35.84 -22.90 23.55
N VAL E 130 -35.22 -24.04 23.84
CA VAL E 130 -33.77 -24.16 23.80
C VAL E 130 -33.25 -24.09 22.37
N SER E 131 -33.93 -24.80 21.48
CA SER E 131 -33.52 -24.91 20.08
C SER E 131 -34.73 -25.25 19.21
N PHE E 132 -34.50 -25.51 17.94
CA PHE E 132 -35.59 -25.82 17.01
C PHE E 132 -36.19 -27.22 17.21
N PHE E 133 -35.47 -28.07 17.93
CA PHE E 133 -35.80 -29.50 17.98
C PHE E 133 -37.22 -29.88 18.43
N ASP E 134 -37.70 -29.29 19.53
CA ASP E 134 -39.06 -29.53 19.96
C ASP E 134 -40.01 -28.45 19.46
N SER E 135 -39.48 -27.57 18.62
CA SER E 135 -40.18 -26.38 18.15
C SER E 135 -40.32 -26.46 16.64
N SER E 136 -40.78 -25.38 16.02
CA SER E 136 -40.94 -25.40 14.58
C SER E 136 -39.53 -25.22 14.00
N PHE E 137 -39.07 -26.27 13.33
CA PHE E 137 -37.70 -26.36 12.85
C PHE E 137 -37.56 -25.92 11.40
N ALA E 138 -38.69 -25.76 10.72
CA ALA E 138 -38.69 -25.49 9.29
C ALA E 138 -38.00 -24.17 8.91
N PRO E 139 -38.38 -23.04 9.54
CA PRO E 139 -37.73 -21.80 9.11
C PRO E 139 -36.24 -21.75 9.47
N TYR E 140 -35.83 -22.49 10.50
CA TYR E 140 -34.44 -22.48 10.94
C TYR E 140 -33.52 -23.25 10.01
N LEU E 141 -33.98 -24.39 9.51
CA LEU E 141 -33.18 -25.19 8.59
C LEU E 141 -33.08 -24.51 7.23
N THR E 142 -34.18 -23.86 6.84
CA THR E 142 -34.31 -23.33 5.49
C THR E 142 -33.92 -21.86 5.33
N THR E 143 -33.52 -21.22 6.42
CA THR E 143 -33.20 -19.79 6.35
C THR E 143 -31.81 -19.58 5.77
N GLN E 144 -31.65 -18.50 5.03
CA GLN E 144 -30.37 -18.16 4.42
C GLN E 144 -29.54 -17.34 5.41
N HIS E 145 -30.10 -17.13 6.60
CA HIS E 145 -29.44 -16.40 7.68
C HIS E 145 -28.05 -16.97 7.98
N LEU E 146 -27.09 -16.07 8.16
CA LEU E 146 -25.68 -16.41 8.41
C LEU E 146 -24.94 -16.92 7.17
N VAL E 147 -25.68 -17.24 6.12
CA VAL E 147 -25.10 -17.69 4.85
C VAL E 147 -25.04 -16.54 3.83
N ALA E 148 -26.21 -16.04 3.46
CA ALA E 148 -26.31 -14.87 2.59
C ALA E 148 -26.07 -13.59 3.38
N PHE E 149 -26.91 -13.36 4.38
CA PHE E 149 -26.87 -12.15 5.19
C PHE E 149 -26.82 -12.48 6.68
N THR E 150 -26.85 -11.43 7.50
CA THR E 150 -27.09 -11.58 8.93
C THR E 150 -28.15 -10.58 9.38
N THR E 151 -29.05 -11.03 10.24
CA THR E 151 -30.10 -10.16 10.76
C THR E 151 -29.53 -9.19 11.80
N PHE E 152 -28.50 -9.63 12.51
CA PHE E 152 -27.86 -8.79 13.51
C PHE E 152 -26.72 -7.99 12.88
N PRO E 153 -26.41 -6.82 13.46
CA PRO E 153 -25.21 -6.04 13.12
C PRO E 153 -23.96 -6.91 13.18
N PRO E 154 -23.01 -6.70 12.25
CA PRO E 154 -21.79 -7.50 12.23
C PRO E 154 -20.88 -7.18 13.41
N ASN E 155 -20.98 -5.96 13.93
CA ASN E 155 -20.22 -5.56 15.10
C ASN E 155 -21.01 -5.87 16.36
N PRO E 156 -20.53 -6.84 17.16
CA PRO E 156 -21.23 -7.29 18.37
C PRO E 156 -21.35 -6.22 19.44
N LEU E 157 -20.44 -5.26 19.41
CA LEU E 157 -20.36 -4.24 20.45
C LEU E 157 -21.38 -3.11 20.28
N VAL E 158 -22.11 -3.14 19.16
CA VAL E 158 -23.17 -2.16 18.91
C VAL E 158 -24.54 -2.74 19.29
N TRP E 159 -24.55 -4.01 19.72
CA TRP E 159 -25.80 -4.70 20.03
C TRP E 159 -26.57 -4.11 21.21
N HIS E 160 -25.86 -3.66 22.24
CA HIS E 160 -26.55 -3.20 23.44
C HIS E 160 -26.96 -1.75 23.31
N LEU E 161 -28.27 -1.51 23.29
CA LEU E 161 -28.82 -0.17 23.23
C LEU E 161 -28.93 0.47 24.61
N GLU E 162 -28.87 1.79 24.65
CA GLU E 162 -29.11 2.52 25.90
C GLU E 162 -30.62 2.67 26.13
N ARG E 163 -31.01 2.79 27.39
CA ARG E 163 -32.43 2.98 27.71
C ARG E 163 -32.85 4.43 27.59
N ALA E 164 -34.00 4.66 26.98
CA ALA E 164 -34.50 6.01 26.72
C ALA E 164 -35.04 6.66 28.00
N GLU E 165 -35.08 8.00 27.99
CA GLU E 165 -35.63 8.78 29.09
C GLU E 165 -37.10 8.44 29.36
N THR E 166 -37.91 8.44 28.30
CA THR E 166 -39.35 8.20 28.42
C THR E 166 -39.69 6.76 28.82
N ALA E 167 -38.69 5.88 28.82
CA ALA E 167 -38.90 4.48 29.19
C ALA E 167 -39.30 4.37 30.67
N ALA E 168 -39.96 3.27 31.01
CA ALA E 168 -40.46 3.06 32.37
C ALA E 168 -39.34 3.04 33.40
N THR E 169 -39.67 3.44 34.62
CA THR E 169 -38.71 3.51 35.72
C THR E 169 -39.27 2.80 36.94
N ALA E 170 -38.42 2.62 37.96
CA ALA E 170 -38.84 1.99 39.21
C ALA E 170 -40.08 2.67 39.81
N GLU E 171 -40.10 4.00 39.74
CA GLU E 171 -41.22 4.77 40.26
C GLU E 171 -42.45 4.70 39.36
N ARG E 172 -42.23 4.53 38.06
CA ARG E 172 -43.33 4.39 37.09
C ARG E 172 -43.23 3.05 36.39
N PRO E 173 -43.63 1.97 37.09
CA PRO E 173 -43.41 0.58 36.65
C PRO E 173 -44.02 0.26 35.29
N PHE E 174 -45.02 1.02 34.88
CA PHE E 174 -45.69 0.77 33.61
C PHE E 174 -45.44 1.88 32.58
N GLY E 175 -46.01 3.05 32.81
CA GLY E 175 -45.90 4.13 31.84
C GLY E 175 -46.63 5.41 32.17
N VAL E 176 -46.93 6.18 31.13
CA VAL E 176 -47.60 7.46 31.26
C VAL E 176 -49.04 7.33 30.77
N SER E 177 -50.00 7.57 31.65
CA SER E 177 -51.41 7.48 31.29
C SER E 177 -51.97 8.84 30.92
N LEU E 178 -52.83 8.88 29.91
CA LEU E 178 -53.38 10.14 29.41
C LEU E 178 -54.49 10.66 30.32
N LEU E 179 -54.66 11.98 30.35
CA LEU E 179 -55.53 12.62 31.33
C LEU E 179 -57.03 12.33 31.24
N PRO E 180 -57.58 12.17 30.02
CA PRO E 180 -59.00 11.76 30.02
C PRO E 180 -59.12 10.37 30.62
N ALA E 181 -59.03 10.31 31.95
CA ALA E 181 -58.79 9.09 32.70
C ALA E 181 -59.75 7.97 32.36
N ARG E 182 -59.19 6.77 32.23
CA ARG E 182 -59.99 5.58 31.97
C ARG E 182 -60.93 5.41 33.16
N PRO E 183 -62.25 5.45 32.89
CA PRO E 183 -63.25 5.45 33.96
C PRO E 183 -63.16 4.21 34.85
N THR E 184 -63.14 4.43 36.16
CA THR E 184 -63.07 3.35 37.13
C THR E 184 -64.37 2.58 37.12
N VAL E 185 -64.29 1.27 37.34
CA VAL E 185 -65.49 0.44 37.40
C VAL E 185 -66.28 0.77 38.65
N PRO E 186 -67.60 0.97 38.50
CA PRO E 186 -68.46 1.13 39.68
C PRO E 186 -68.43 -0.14 40.52
N LYS E 187 -68.36 0.03 41.84
CA LYS E 187 -68.14 -1.09 42.76
C LYS E 187 -69.21 -2.18 42.64
N ASN E 188 -70.46 -1.78 42.47
CA ASN E 188 -71.57 -2.71 42.41
C ASN E 188 -71.67 -3.50 41.10
N THR E 189 -71.27 -2.86 40.00
CA THR E 189 -71.49 -3.42 38.66
C THR E 189 -70.85 -4.79 38.43
N ILE E 190 -71.53 -5.62 37.66
CA ILE E 190 -70.99 -6.92 37.25
C ILE E 190 -70.80 -6.91 35.73
N LEU E 191 -69.66 -7.44 35.28
CA LEU E 191 -69.25 -7.32 33.89
C LEU E 191 -69.57 -8.56 33.06
N GLU E 192 -70.26 -8.37 31.94
CA GLU E 192 -70.56 -9.45 31.02
C GLU E 192 -69.29 -9.90 30.27
N HIS E 193 -69.34 -11.11 29.71
CA HIS E 193 -68.22 -11.65 28.95
C HIS E 193 -67.82 -10.75 27.78
N LYS E 194 -68.71 -10.63 26.80
CA LYS E 194 -68.47 -9.75 25.65
C LYS E 194 -69.09 -8.37 25.85
N ALA E 195 -68.97 -7.52 24.83
CA ALA E 195 -69.53 -6.18 24.87
C ALA E 195 -70.67 -6.07 23.86
N HIS E 196 -71.79 -5.49 24.28
CA HIS E 196 -72.94 -5.34 23.41
C HIS E 196 -73.65 -4.00 23.67
N PHE E 197 -74.26 -3.44 22.63
CA PHE E 197 -75.17 -2.32 22.81
C PHE E 197 -76.59 -2.69 22.37
N ALA E 198 -77.49 -2.79 23.35
CA ALA E 198 -78.89 -3.06 23.05
C ALA E 198 -79.67 -1.76 22.93
N THR E 199 -79.02 -0.66 23.28
CA THR E 199 -79.66 0.65 23.30
C THR E 199 -78.78 1.71 22.65
N TRP E 200 -79.38 2.84 22.28
CA TRP E 200 -78.66 3.94 21.66
C TRP E 200 -77.74 4.67 22.63
N ASP E 201 -78.20 4.82 23.87
CA ASP E 201 -77.47 5.58 24.88
C ASP E 201 -76.13 4.93 25.26
N ALA E 202 -76.00 3.64 24.98
CA ALA E 202 -74.82 2.87 25.35
C ALA E 202 -73.53 3.46 24.81
N LEU E 203 -73.58 3.98 23.59
CA LEU E 203 -72.41 4.57 22.94
C LEU E 203 -71.91 5.81 23.68
N ALA E 204 -72.84 6.66 24.11
CA ALA E 204 -72.50 7.89 24.82
C ALA E 204 -71.95 7.57 26.21
N ARG E 205 -72.66 6.71 26.93
CA ARG E 205 -72.25 6.30 28.27
C ARG E 205 -71.10 5.31 28.19
N HIS E 206 -70.61 4.86 29.34
CA HIS E 206 -69.56 3.85 29.36
C HIS E 206 -70.15 2.45 29.43
N THR E 207 -69.60 1.56 28.61
CA THR E 207 -70.02 0.16 28.62
C THR E 207 -68.84 -0.71 29.03
N PHE E 208 -69.05 -1.55 30.04
CA PHE E 208 -67.96 -2.35 30.59
C PHE E 208 -68.14 -3.82 30.27
N PHE E 209 -67.03 -4.53 30.12
CA PHE E 209 -67.05 -5.98 29.99
C PHE E 209 -65.75 -6.60 30.51
N SER E 210 -65.81 -7.91 30.81
CA SER E 210 -64.70 -8.57 31.49
C SER E 210 -63.54 -8.90 30.55
N ALA E 211 -62.33 -8.79 31.08
CA ALA E 211 -61.12 -9.15 30.34
C ALA E 211 -60.80 -10.63 30.51
N GLU E 212 -61.67 -11.36 31.22
CA GLU E 212 -61.44 -12.76 31.56
C GLU E 212 -61.17 -13.63 30.33
N ALA E 213 -61.66 -13.21 29.17
CA ALA E 213 -61.42 -13.94 27.92
C ALA E 213 -59.93 -14.14 27.67
N ILE E 214 -59.12 -13.22 28.17
CA ILE E 214 -57.67 -13.30 28.02
C ILE E 214 -57.10 -14.51 28.79
N ILE E 215 -57.56 -14.68 30.03
CA ILE E 215 -57.06 -15.75 30.89
C ILE E 215 -57.68 -17.13 30.59
N THR E 216 -58.94 -17.14 30.16
CA THR E 216 -59.64 -18.38 29.88
C THR E 216 -59.39 -18.90 28.47
N ASN E 217 -59.89 -18.17 27.48
CA ASN E 217 -59.76 -18.59 26.09
C ASN E 217 -58.51 -18.00 25.45
N SER E 218 -57.54 -18.88 25.21
CA SER E 218 -56.26 -18.50 24.65
C SER E 218 -55.66 -19.75 24.00
N THR E 219 -54.66 -19.54 23.16
CA THR E 219 -53.98 -20.66 22.52
C THR E 219 -52.49 -20.55 22.78
N LEU E 220 -51.89 -21.64 23.23
CA LEU E 220 -50.44 -21.68 23.39
C LEU E 220 -49.83 -21.82 22.00
N ARG E 221 -48.96 -20.88 21.64
CA ARG E 221 -48.40 -20.87 20.30
C ARG E 221 -46.90 -20.65 20.32
N ILE E 222 -46.20 -21.37 19.45
CA ILE E 222 -44.77 -21.19 19.27
C ILE E 222 -44.55 -20.04 18.29
N HIS E 223 -43.55 -19.20 18.55
CA HIS E 223 -43.29 -18.06 17.69
C HIS E 223 -41.84 -18.01 17.19
N VAL E 224 -41.68 -18.12 15.88
CA VAL E 224 -40.37 -17.95 15.26
C VAL E 224 -40.16 -16.48 14.92
N PRO E 225 -39.10 -15.87 15.47
CA PRO E 225 -38.76 -14.48 15.16
C PRO E 225 -38.02 -14.35 13.84
N LEU E 226 -37.69 -13.13 13.45
CA LEU E 226 -37.21 -12.81 12.10
C LEU E 226 -36.02 -13.64 11.61
N PHE E 227 -36.20 -14.25 10.45
CA PHE E 227 -35.15 -14.97 9.73
C PHE E 227 -34.51 -16.11 10.52
N GLY E 228 -35.23 -16.63 11.51
CA GLY E 228 -34.71 -17.66 12.39
C GLY E 228 -33.44 -17.21 13.07
N SER E 229 -33.37 -15.93 13.40
CA SER E 229 -32.19 -15.34 14.03
C SER E 229 -32.15 -15.64 15.52
N VAL E 230 -33.33 -15.89 16.09
CA VAL E 230 -33.45 -16.21 17.52
C VAL E 230 -34.29 -17.47 17.69
N TRP E 231 -33.96 -18.30 18.67
CA TRP E 231 -34.72 -19.53 18.94
C TRP E 231 -36.16 -19.18 19.30
N PRO E 232 -37.09 -20.13 19.08
CA PRO E 232 -38.53 -19.78 19.18
C PRO E 232 -38.98 -19.35 20.57
N ILE E 233 -40.24 -18.92 20.67
CA ILE E 233 -40.82 -18.47 21.93
C ILE E 233 -42.24 -18.98 22.08
N ARG E 234 -42.51 -19.70 23.15
CA ARG E 234 -43.88 -20.14 23.44
C ARG E 234 -44.62 -19.00 24.16
N TYR E 235 -45.85 -18.74 23.75
CA TYR E 235 -46.65 -17.69 24.36
C TYR E 235 -48.14 -17.97 24.24
N TRP E 236 -48.94 -17.25 25.03
CA TRP E 236 -50.39 -17.40 24.99
C TRP E 236 -51.01 -16.22 24.24
N ALA E 237 -51.55 -16.49 23.06
CA ALA E 237 -51.93 -15.42 22.14
C ALA E 237 -53.25 -14.75 22.50
N THR E 238 -53.19 -13.45 22.72
CA THR E 238 -54.38 -12.65 22.97
C THR E 238 -54.92 -12.01 21.68
N GLY E 239 -54.13 -12.07 20.61
CA GLY E 239 -54.56 -11.47 19.36
C GLY E 239 -53.50 -11.34 18.28
N SER E 240 -53.94 -11.01 17.06
CA SER E 240 -53.03 -10.82 15.93
C SER E 240 -53.53 -9.70 15.01
N VAL E 241 -52.61 -9.00 14.36
CA VAL E 241 -52.95 -7.95 13.41
C VAL E 241 -52.10 -8.07 12.15
N LEU E 242 -52.73 -7.96 10.99
CA LEU E 242 -52.01 -8.00 9.71
C LEU E 242 -52.38 -6.80 8.85
N LEU E 243 -51.37 -6.06 8.41
CA LEU E 243 -51.57 -4.95 7.49
C LEU E 243 -50.73 -5.17 6.25
N THR E 244 -51.36 -5.08 5.07
CA THR E 244 -50.67 -5.35 3.81
C THR E 244 -50.95 -4.31 2.73
N SER E 245 -50.01 -4.18 1.80
CA SER E 245 -50.13 -3.27 0.66
C SER E 245 -49.20 -3.74 -0.45
N ASP E 246 -49.00 -2.91 -1.47
CA ASP E 246 -47.99 -3.19 -2.49
C ASP E 246 -46.59 -3.10 -1.93
N SER E 247 -46.30 -1.99 -1.26
CA SER E 247 -44.95 -1.66 -0.84
C SER E 247 -44.61 -2.03 0.61
N GLY E 248 -45.56 -2.60 1.34
CA GLY E 248 -45.28 -2.95 2.72
C GLY E 248 -46.16 -4.03 3.34
N ARG E 249 -45.59 -4.71 4.34
CA ARG E 249 -46.31 -5.69 5.14
C ARG E 249 -45.86 -5.59 6.59
N VAL E 250 -46.83 -5.59 7.50
CA VAL E 250 -46.50 -5.64 8.93
C VAL E 250 -47.34 -6.67 9.69
N GLU E 251 -46.66 -7.63 10.30
CA GLU E 251 -47.32 -8.69 11.07
C GLU E 251 -47.14 -8.44 12.55
N VAL E 252 -48.27 -8.38 13.27
CA VAL E 252 -48.23 -8.13 14.70
C VAL E 252 -48.85 -9.29 15.46
N ASN E 253 -48.03 -10.01 16.22
CA ASN E 253 -48.53 -11.06 17.08
C ASN E 253 -48.45 -10.63 18.54
N ILE E 254 -49.57 -10.72 19.24
CA ILE E 254 -49.66 -10.22 20.61
C ILE E 254 -50.26 -11.28 21.52
N GLY E 255 -49.69 -11.39 22.73
CA GLY E 255 -50.09 -12.38 23.70
C GLY E 255 -49.87 -11.85 25.10
N VAL E 256 -50.10 -12.68 26.11
CA VAL E 256 -49.97 -12.22 27.48
C VAL E 256 -48.50 -11.93 27.78
N GLY E 257 -48.23 -10.68 28.15
CA GLY E 257 -46.87 -10.22 28.37
C GLY E 257 -45.95 -10.37 27.16
N PHE E 258 -46.53 -10.39 25.96
CA PHE E 258 -45.76 -10.64 24.75
C PHE E 258 -46.24 -9.87 23.54
N MET E 259 -45.29 -9.35 22.75
CA MET E 259 -45.59 -8.76 21.46
C MET E 259 -44.48 -9.02 20.46
N SER E 260 -44.86 -9.42 19.25
CA SER E 260 -43.93 -9.47 18.13
C SER E 260 -44.53 -8.68 16.97
N SER E 261 -43.80 -7.66 16.51
CA SER E 261 -44.24 -6.91 15.34
C SER E 261 -43.20 -6.99 14.24
N LEU E 262 -43.53 -7.69 13.16
CA LEU E 262 -42.63 -7.80 12.02
C LEU E 262 -42.92 -6.67 11.05
N ILE E 263 -41.93 -5.81 10.85
CA ILE E 263 -42.12 -4.63 10.03
C ILE E 263 -41.20 -4.69 8.82
N SER E 264 -41.79 -4.61 7.62
CA SER E 264 -41.01 -4.74 6.39
C SER E 264 -41.46 -3.73 5.33
N LEU E 265 -40.49 -3.29 4.52
CA LEU E 265 -40.75 -2.34 3.44
C LEU E 265 -40.24 -2.92 2.12
N SER E 266 -40.94 -2.64 1.03
CA SER E 266 -40.45 -3.01 -0.29
C SER E 266 -39.18 -2.22 -0.61
N SER E 267 -39.16 -0.97 -0.16
CA SER E 267 -38.03 -0.07 -0.38
C SER E 267 -37.05 -0.04 0.79
N GLY E 268 -37.27 -0.89 1.79
CA GLY E 268 -36.44 -0.85 2.98
C GLY E 268 -36.22 -2.16 3.70
N LEU E 269 -35.21 -2.19 4.56
CA LEU E 269 -34.86 -3.37 5.33
C LEU E 269 -35.91 -3.72 6.39
N PRO E 270 -36.13 -5.02 6.61
CA PRO E 270 -37.09 -5.48 7.64
C PRO E 270 -36.52 -5.40 9.05
N ILE E 271 -37.41 -5.20 10.02
CA ILE E 271 -37.06 -5.25 11.44
C ILE E 271 -38.15 -5.98 12.22
N GLU E 272 -37.78 -6.57 13.36
CA GLU E 272 -38.79 -7.12 14.25
C GLU E 272 -38.63 -6.60 15.67
N LEU E 273 -39.75 -6.17 16.25
CA LEU E 273 -39.78 -5.68 17.62
C LEU E 273 -40.42 -6.72 18.52
N ILE E 274 -39.62 -7.30 19.42
CA ILE E 274 -40.10 -8.33 20.33
C ILE E 274 -40.16 -7.82 21.77
N VAL E 275 -41.30 -8.04 22.42
CA VAL E 275 -41.49 -7.65 23.81
C VAL E 275 -41.74 -8.87 24.70
N VAL E 276 -40.88 -9.06 25.69
CA VAL E 276 -41.00 -10.18 26.62
C VAL E 276 -41.00 -9.65 28.05
N PRO E 277 -41.55 -10.42 29.00
CA PRO E 277 -41.46 -10.03 30.41
C PRO E 277 -40.00 -9.87 30.81
N HIS E 278 -39.69 -8.88 31.63
CA HIS E 278 -38.30 -8.49 31.89
C HIS E 278 -37.43 -9.65 32.37
N THR E 279 -38.04 -10.62 33.04
CA THR E 279 -37.32 -11.77 33.59
C THR E 279 -36.87 -12.74 32.49
N VAL E 280 -37.48 -12.62 31.31
CA VAL E 280 -37.20 -13.54 30.21
C VAL E 280 -35.93 -13.16 29.46
N LYS E 281 -35.16 -14.17 29.07
CA LYS E 281 -33.96 -13.97 28.27
C LYS E 281 -34.12 -14.69 26.93
N LEU E 282 -33.76 -14.01 25.85
CA LEU E 282 -33.80 -14.62 24.53
C LEU E 282 -32.39 -14.95 24.05
N ASN E 283 -32.28 -16.00 23.25
CA ASN E 283 -30.97 -16.45 22.78
C ASN E 283 -30.81 -16.27 21.27
N ALA E 284 -29.74 -15.57 20.88
CA ALA E 284 -29.49 -15.26 19.48
C ALA E 284 -28.74 -16.38 18.78
N VAL E 285 -29.13 -16.66 17.53
CA VAL E 285 -28.42 -17.64 16.71
C VAL E 285 -27.22 -16.98 16.04
N THR E 286 -26.04 -17.56 16.27
CA THR E 286 -24.80 -16.96 15.78
C THR E 286 -23.90 -18.01 15.13
N SER E 287 -22.86 -17.55 14.45
CA SER E 287 -21.92 -18.45 13.77
C SER E 287 -21.19 -19.37 14.74
N ASP E 288 -20.61 -18.81 15.79
CA ASP E 288 -19.88 -19.62 16.75
C ASP E 288 -20.84 -20.49 17.54
N THR E 289 -20.64 -21.81 17.45
CA THR E 289 -21.62 -22.76 17.93
C THR E 289 -21.43 -23.12 19.40
N THR E 290 -20.28 -22.75 19.95
CA THR E 290 -19.94 -23.11 21.33
C THR E 290 -20.26 -22.03 22.36
N TRP E 291 -20.80 -20.89 21.90
CA TRP E 291 -21.28 -19.88 22.83
C TRP E 291 -22.77 -20.11 23.07
N PHE E 292 -23.11 -20.49 24.28
CA PHE E 292 -24.45 -20.98 24.59
C PHE E 292 -25.51 -19.90 24.84
N GLN E 293 -25.14 -18.82 25.53
CA GLN E 293 -26.10 -17.75 25.76
C GLN E 293 -25.57 -16.38 25.35
N LEU E 294 -26.22 -15.80 24.34
CA LEU E 294 -25.94 -14.43 23.91
C LEU E 294 -27.26 -13.69 23.74
N ASN E 295 -27.27 -12.42 24.13
CA ASN E 295 -28.47 -11.61 24.05
C ASN E 295 -28.57 -10.85 22.73
N PRO E 296 -29.64 -11.10 21.96
CA PRO E 296 -29.95 -10.33 20.75
C PRO E 296 -30.05 -8.84 21.10
N PRO E 297 -29.72 -7.97 20.14
CA PRO E 297 -29.59 -6.52 20.38
C PRO E 297 -30.83 -5.89 21.03
N GLY E 298 -30.62 -4.87 21.85
CA GLY E 298 -31.68 -4.19 22.54
C GLY E 298 -31.18 -3.41 23.74
N PRO E 299 -32.10 -2.76 24.48
CA PRO E 299 -31.74 -2.02 25.69
C PRO E 299 -31.78 -2.92 26.91
N ASP E 300 -31.43 -2.39 28.08
CA ASP E 300 -31.53 -3.14 29.32
C ASP E 300 -32.99 -3.38 29.66
N PRO E 301 -33.29 -4.49 30.37
CA PRO E 301 -34.67 -4.76 30.76
C PRO E 301 -35.16 -3.76 31.80
N GLY E 302 -36.46 -3.44 31.75
CA GLY E 302 -37.03 -2.47 32.68
C GLY E 302 -37.82 -3.17 33.76
N PRO E 303 -38.61 -2.41 34.53
CA PRO E 303 -39.42 -3.01 35.60
C PRO E 303 -40.44 -4.00 35.05
N SER E 304 -41.22 -3.58 34.07
CA SER E 304 -42.26 -4.44 33.47
C SER E 304 -41.79 -5.39 32.37
N TYR E 305 -40.99 -4.89 31.42
CA TYR E 305 -40.69 -5.68 30.23
C TYR E 305 -39.23 -5.60 29.77
N ARG E 306 -38.88 -6.50 28.86
CA ARG E 306 -37.64 -6.40 28.10
C ARG E 306 -38.00 -6.33 26.62
N VAL E 307 -37.28 -5.49 25.87
CA VAL E 307 -37.56 -5.33 24.45
C VAL E 307 -36.33 -5.72 23.63
N TYR E 308 -36.57 -6.33 22.48
CA TYR E 308 -35.50 -6.73 21.58
C TYR E 308 -35.75 -6.16 20.19
N LEU E 309 -34.70 -5.70 19.53
CA LEU E 309 -34.82 -5.24 18.14
C LEU E 309 -34.01 -6.14 17.23
N LEU E 310 -34.72 -6.88 16.38
CA LEU E 310 -34.09 -7.76 15.41
C LEU E 310 -34.09 -7.06 14.05
N GLY E 311 -33.00 -7.21 13.31
CA GLY E 311 -32.84 -6.53 12.04
C GLY E 311 -31.77 -5.46 12.10
N ARG E 312 -31.20 -5.12 10.95
CA ARG E 312 -30.09 -4.18 10.86
C ARG E 312 -30.55 -2.73 10.91
N GLY E 313 -29.60 -1.81 10.87
CA GLY E 313 -29.91 -0.39 10.93
C GLY E 313 -29.53 0.27 12.24
N LEU E 314 -29.12 -0.54 13.22
CA LEU E 314 -28.81 -0.05 14.56
C LEU E 314 -27.57 0.86 14.56
N THR E 323 -32.18 4.08 16.90
CA THR E 323 -32.31 2.66 17.27
C THR E 323 -33.02 2.54 18.60
N VAL E 324 -32.50 3.23 19.61
CA VAL E 324 -33.08 3.23 20.95
C VAL E 324 -34.45 3.91 20.97
N ASP E 325 -34.71 4.69 19.93
CA ASP E 325 -35.94 5.46 19.81
C ASP E 325 -37.17 4.55 19.70
N ILE E 326 -37.10 3.57 18.81
CA ILE E 326 -38.24 2.68 18.57
C ILE E 326 -38.40 1.66 19.70
N CYS E 327 -37.29 1.17 20.22
CA CYS E 327 -37.29 0.20 21.31
C CYS E 327 -38.01 0.68 22.58
N ALA E 328 -38.05 1.99 22.78
CA ALA E 328 -38.62 2.56 23.99
C ALA E 328 -40.15 2.49 24.00
N TYR E 329 -40.74 2.35 22.81
CA TYR E 329 -42.19 2.41 22.63
C TYR E 329 -43.05 1.59 23.62
N PRO E 330 -42.75 0.29 23.80
CA PRO E 330 -43.64 -0.49 24.68
C PRO E 330 -43.54 -0.09 26.15
N GLU E 331 -42.42 0.50 26.56
CA GLU E 331 -42.22 0.86 27.96
C GLU E 331 -42.57 2.33 28.25
N GLU E 332 -43.04 3.05 27.23
CA GLU E 332 -43.38 4.46 27.39
C GLU E 332 -44.74 4.65 28.07
N SER E 333 -45.62 3.67 27.91
CA SER E 333 -46.95 3.71 28.51
C SER E 333 -47.76 2.45 28.28
N LEU E 334 -48.76 2.24 29.12
CA LEU E 334 -49.72 1.15 28.93
C LEU E 334 -51.02 1.65 28.30
N ASP E 335 -51.07 2.94 28.00
CA ASP E 335 -52.26 3.55 27.43
C ASP E 335 -52.19 3.49 25.90
N TYR E 336 -53.12 2.75 25.31
CA TYR E 336 -53.16 2.60 23.86
C TYR E 336 -53.42 3.95 23.19
N ARG E 337 -54.19 4.79 23.88
CA ARG E 337 -54.50 6.14 23.42
C ARG E 337 -53.24 6.97 23.22
N TYR E 338 -52.22 6.74 24.04
CA TYR E 338 -50.96 7.45 23.94
C TYR E 338 -50.26 7.16 22.62
N HIS E 339 -50.12 5.87 22.31
CA HIS E 339 -49.43 5.44 21.10
C HIS E 339 -50.12 5.95 19.84
N LEU E 340 -51.43 5.74 19.76
CA LEU E 340 -52.23 6.24 18.67
C LEU E 340 -52.13 7.77 18.51
N SER E 341 -51.99 8.46 19.64
CA SER E 341 -51.84 9.92 19.64
C SER E 341 -50.53 10.32 18.96
N MET E 342 -49.47 9.56 19.25
CA MET E 342 -48.16 9.81 18.64
C MET E 342 -48.18 9.45 17.16
N ALA E 343 -49.00 8.46 16.81
CA ALA E 343 -49.13 8.03 15.42
C ALA E 343 -49.79 9.12 14.58
N HIS E 344 -50.90 9.65 15.08
CA HIS E 344 -51.62 10.74 14.42
C HIS E 344 -50.73 11.98 14.24
N THR E 345 -49.78 12.18 15.14
CA THR E 345 -48.89 13.33 15.09
C THR E 345 -47.91 13.22 13.93
N GLU E 346 -47.26 12.07 13.82
CA GLU E 346 -46.34 11.82 12.70
C GLU E 346 -47.09 11.60 11.39
N ALA E 347 -48.36 11.22 11.51
CA ALA E 347 -49.22 11.10 10.33
C ALA E 347 -49.26 12.43 9.60
N LEU E 348 -49.84 13.43 10.24
CA LEU E 348 -49.93 14.78 9.69
C LEU E 348 -48.57 15.34 9.25
N ARG E 349 -47.55 15.09 10.06
CA ARG E 349 -46.21 15.63 9.81
C ARG E 349 -45.60 15.18 8.48
N MET E 350 -45.67 13.88 8.21
CA MET E 350 -45.03 13.31 7.03
C MET E 350 -45.75 13.64 5.72
N THR E 351 -47.03 13.99 5.81
CA THR E 351 -47.80 14.36 4.62
C THR E 351 -47.36 15.72 4.08
N THR E 352 -46.68 16.49 4.93
CA THR E 352 -46.14 17.78 4.53
C THR E 352 -44.87 17.58 3.71
N LYS E 353 -44.20 16.47 3.96
CA LYS E 353 -42.95 16.12 3.29
C LYS E 353 -43.22 15.31 2.02
N ALA E 354 -44.49 15.16 1.67
CA ALA E 354 -44.91 14.35 0.53
C ALA E 354 -44.28 14.74 -0.81
N ASP E 355 -43.87 15.99 -0.93
CA ASP E 355 -43.29 16.50 -2.18
C ASP E 355 -41.97 15.81 -2.57
N GLN E 356 -41.04 15.73 -1.62
CA GLN E 356 -39.69 15.26 -1.92
C GLN E 356 -39.64 13.75 -2.15
N HIS E 357 -40.36 12.99 -1.33
CA HIS E 357 -40.32 11.54 -1.41
C HIS E 357 -41.69 10.90 -1.27
N ASP E 358 -41.97 9.94 -2.15
CA ASP E 358 -43.18 9.12 -2.04
C ASP E 358 -43.09 8.24 -0.80
N ILE E 359 -41.86 7.92 -0.39
CA ILE E 359 -41.62 7.05 0.74
C ILE E 359 -40.84 7.76 1.85
N ASN E 360 -41.38 7.73 3.06
CA ASN E 360 -40.61 8.12 4.24
C ASN E 360 -40.23 6.85 5.01
N GLU E 361 -38.96 6.49 4.95
CA GLU E 361 -38.48 5.24 5.53
C GLU E 361 -38.64 5.19 7.05
N GLU E 362 -38.04 6.15 7.75
CA GLU E 362 -38.16 6.26 9.20
C GLU E 362 -39.60 6.32 9.69
N SER E 363 -40.35 7.30 9.21
CA SER E 363 -41.73 7.53 9.63
C SER E 363 -42.62 6.28 9.48
N TYR E 364 -42.30 5.44 8.50
CA TYR E 364 -43.03 4.20 8.30
C TYR E 364 -42.82 3.25 9.47
N TYR E 365 -41.55 3.01 9.81
CA TYR E 365 -41.19 2.14 10.93
C TYR E 365 -41.86 2.61 12.21
N HIS E 366 -41.72 3.91 12.50
CA HIS E 366 -42.35 4.53 13.66
C HIS E 366 -43.87 4.27 13.73
N ILE E 367 -44.60 4.80 12.75
CA ILE E 367 -46.05 4.65 12.71
C ILE E 367 -46.50 3.19 12.69
N ALA E 368 -45.64 2.30 12.18
CA ALA E 368 -45.93 0.87 12.14
C ALA E 368 -45.82 0.34 13.56
N ALA E 369 -44.63 0.48 14.14
CA ALA E 369 -44.37 0.13 15.53
C ALA E 369 -45.47 0.62 16.46
N ARG E 370 -45.69 1.94 16.46
CA ARG E 370 -46.75 2.56 17.26
C ARG E 370 -48.11 1.84 17.20
N ILE E 371 -48.60 1.61 15.98
CA ILE E 371 -49.83 0.84 15.78
C ILE E 371 -49.81 -0.48 16.54
N ALA E 372 -48.69 -1.19 16.42
CA ALA E 372 -48.53 -2.51 17.04
C ALA E 372 -48.54 -2.44 18.56
N THR E 373 -47.67 -1.61 19.13
CA THR E 373 -47.56 -1.50 20.58
C THR E 373 -48.83 -0.96 21.22
N SER E 374 -49.64 -0.28 20.43
CA SER E 374 -50.91 0.25 20.91
C SER E 374 -51.92 -0.88 21.19
N ILE E 375 -51.87 -1.92 20.37
CA ILE E 375 -52.74 -3.08 20.57
C ILE E 375 -52.17 -3.93 21.70
N PHE E 376 -50.84 -3.96 21.80
CA PHE E 376 -50.17 -4.67 22.88
C PHE E 376 -50.56 -4.05 24.22
N ALA E 377 -50.47 -2.72 24.29
CA ALA E 377 -50.88 -1.99 25.49
C ALA E 377 -52.33 -2.30 25.87
N LEU E 378 -53.25 -2.04 24.95
CA LEU E 378 -54.68 -2.25 25.19
C LEU E 378 -54.99 -3.65 25.71
N SER E 379 -54.43 -4.67 25.06
CA SER E 379 -54.64 -6.05 25.46
C SER E 379 -54.06 -6.26 26.86
N GLU E 380 -52.83 -5.79 27.05
CA GLU E 380 -52.13 -5.95 28.31
C GLU E 380 -52.79 -5.14 29.41
N MET E 381 -53.35 -3.99 29.05
CA MET E 381 -54.04 -3.13 30.01
C MET E 381 -55.24 -3.85 30.60
N GLY E 382 -56.09 -4.40 29.74
CA GLY E 382 -57.27 -5.13 30.17
C GLY E 382 -56.94 -6.31 31.06
N ARG E 383 -55.88 -7.04 30.70
CA ARG E 383 -55.43 -8.18 31.47
C ARG E 383 -55.05 -7.73 32.88
N THR E 384 -54.17 -6.74 32.96
CA THR E 384 -53.75 -6.15 34.23
C THR E 384 -54.93 -5.58 35.02
N THR E 385 -55.86 -4.91 34.34
CA THR E 385 -56.94 -4.19 35.00
C THR E 385 -58.23 -5.01 35.13
N GLU E 386 -58.20 -6.24 34.62
CA GLU E 386 -59.33 -7.18 34.73
C GLU E 386 -60.59 -6.81 33.95
N TYR E 387 -60.62 -5.62 33.35
CA TYR E 387 -61.79 -5.22 32.56
C TYR E 387 -61.45 -4.43 31.29
N PHE E 388 -62.48 -4.11 30.53
CA PHE E 388 -62.36 -3.35 29.29
C PHE E 388 -63.52 -2.36 29.14
N LEU E 389 -63.41 -1.47 28.16
CA LEU E 389 -64.51 -0.59 27.80
C LEU E 389 -64.91 -0.77 26.35
N LEU E 390 -66.12 -0.35 26.01
CA LEU E 390 -66.62 -0.47 24.64
C LEU E 390 -65.93 0.53 23.72
N ASP E 391 -65.77 1.76 24.21
CA ASP E 391 -65.06 2.80 23.46
C ASP E 391 -63.68 2.34 23.03
N GLU E 392 -62.96 1.70 23.96
CA GLU E 392 -61.61 1.20 23.69
C GLU E 392 -61.59 0.19 22.55
N ILE E 393 -62.57 -0.71 22.53
CA ILE E 393 -62.63 -1.77 21.52
C ILE E 393 -63.11 -1.25 20.17
N VAL E 394 -63.93 -0.20 20.19
CA VAL E 394 -64.44 0.39 18.96
C VAL E 394 -63.39 1.27 18.30
N ASP E 395 -62.71 2.09 19.11
CA ASP E 395 -61.72 3.04 18.61
C ASP E 395 -60.58 2.36 17.84
N VAL E 396 -60.15 1.21 18.32
CA VAL E 396 -59.03 0.50 17.70
C VAL E 396 -59.40 -0.06 16.33
N GLN E 397 -60.70 -0.26 16.10
CA GLN E 397 -61.19 -0.71 14.80
C GLN E 397 -61.01 0.39 13.78
N TYR E 398 -61.50 1.58 14.11
CA TYR E 398 -61.36 2.76 13.25
C TYR E 398 -59.90 3.17 13.09
N GLN E 399 -59.15 3.13 14.19
CA GLN E 399 -57.74 3.48 14.15
C GLN E 399 -56.91 2.51 13.30
N LEU E 400 -57.37 1.27 13.20
CA LEU E 400 -56.63 0.25 12.46
C LEU E 400 -56.82 0.40 10.96
N LYS E 401 -57.92 1.04 10.58
CA LYS E 401 -58.16 1.37 9.18
C LYS E 401 -57.43 2.67 8.82
N PHE E 402 -57.86 3.75 9.46
CA PHE E 402 -57.38 5.11 9.18
C PHE E 402 -55.85 5.23 9.22
N LEU E 403 -55.21 4.55 10.17
CA LEU E 403 -53.76 4.63 10.27
C LEU E 403 -53.07 3.73 9.24
N ASN E 404 -53.68 2.60 8.93
CA ASN E 404 -53.13 1.69 7.93
C ASN E 404 -53.13 2.33 6.55
N TYR E 405 -54.21 3.05 6.25
CA TYR E 405 -54.32 3.82 5.02
C TYR E 405 -53.12 4.76 4.86
N ILE E 406 -52.98 5.69 5.80
CA ILE E 406 -51.89 6.66 5.81
C ILE E 406 -50.52 5.99 5.85
N LEU E 407 -50.43 4.88 6.60
CA LEU E 407 -49.17 4.15 6.74
C LEU E 407 -48.68 3.60 5.40
N MET E 408 -49.54 2.88 4.71
CA MET E 408 -49.15 2.21 3.47
C MET E 408 -49.06 3.15 2.26
N ARG E 409 -50.10 3.97 2.07
CA ARG E 409 -50.09 4.94 0.98
C ARG E 409 -48.92 5.92 1.07
N ILE E 410 -48.93 6.74 2.12
CA ILE E 410 -47.97 7.82 2.25
C ILE E 410 -46.60 7.35 2.75
N GLY E 411 -46.58 6.44 3.70
CA GLY E 411 -45.33 5.92 4.23
C GLY E 411 -44.62 4.96 3.31
N ALA E 412 -45.33 3.94 2.84
CA ALA E 412 -44.72 2.93 1.98
C ALA E 412 -44.69 3.32 0.51
N GLY E 413 -45.58 4.24 0.10
CA GLY E 413 -45.62 4.65 -1.30
C GLY E 413 -46.56 3.81 -2.14
N ALA E 414 -47.14 2.78 -1.52
CA ALA E 414 -47.96 1.80 -2.22
C ALA E 414 -49.22 2.39 -2.86
N HIS E 415 -49.73 1.72 -3.88
CA HIS E 415 -50.99 2.09 -4.52
C HIS E 415 -52.13 1.87 -3.55
N PRO E 416 -52.88 2.94 -3.23
CA PRO E 416 -53.99 2.95 -2.26
C PRO E 416 -55.01 1.84 -2.48
N ASN E 417 -55.15 1.38 -3.71
CA ASN E 417 -56.12 0.34 -4.07
C ASN E 417 -55.83 -0.99 -3.38
N THR E 418 -54.55 -1.24 -3.10
CA THR E 418 -54.10 -2.52 -2.57
C THR E 418 -53.98 -2.54 -1.05
N ILE E 419 -54.39 -1.46 -0.39
CA ILE E 419 -54.27 -1.39 1.06
C ILE E 419 -55.36 -2.23 1.71
N SER E 420 -54.95 -3.22 2.50
CA SER E 420 -55.87 -4.09 3.19
C SER E 420 -55.37 -4.38 4.59
N GLY E 421 -56.27 -4.83 5.46
CA GLY E 421 -55.88 -5.18 6.82
C GLY E 421 -56.88 -6.11 7.49
N THR E 422 -56.39 -6.85 8.48
CA THR E 422 -57.22 -7.77 9.25
C THR E 422 -56.74 -7.78 10.70
N SER E 423 -57.68 -7.85 11.63
CA SER E 423 -57.33 -7.94 13.05
C SER E 423 -58.15 -9.04 13.72
N ASP E 424 -57.47 -9.82 14.56
CA ASP E 424 -58.15 -10.87 15.33
C ASP E 424 -57.78 -10.74 16.80
N LEU E 425 -58.77 -10.39 17.63
CA LEU E 425 -58.57 -10.24 19.07
C LEU E 425 -59.67 -11.00 19.80
N ILE E 426 -59.29 -11.76 20.82
CA ILE E 426 -60.24 -12.61 21.53
C ILE E 426 -61.26 -11.80 22.31
N PHE E 427 -60.86 -10.63 22.79
CA PHE E 427 -61.77 -9.76 23.53
C PHE E 427 -62.57 -8.86 22.60
N ALA E 428 -62.40 -9.07 21.30
CA ALA E 428 -63.08 -8.25 20.29
C ALA E 428 -63.88 -9.10 19.32
N ASP E 429 -65.18 -8.83 19.24
CA ASP E 429 -66.04 -9.51 18.28
C ASP E 429 -66.76 -8.46 17.42
N PRO E 430 -66.03 -7.89 16.45
CA PRO E 430 -66.51 -6.77 15.63
C PRO E 430 -67.71 -7.13 14.75
N SER E 431 -67.67 -8.29 14.12
CA SER E 431 -68.73 -8.71 13.21
C SER E 431 -70.05 -8.88 13.93
N GLN E 432 -69.99 -9.29 15.20
CA GLN E 432 -71.17 -9.42 16.04
C GLN E 432 -71.66 -8.02 16.41
N LEU E 433 -70.71 -7.13 16.70
CA LEU E 433 -71.03 -5.74 17.00
C LEU E 433 -71.62 -5.06 15.77
N HIS E 434 -71.18 -5.50 14.60
CA HIS E 434 -71.69 -5.00 13.33
C HIS E 434 -73.18 -5.30 13.19
N ASP E 435 -73.53 -6.56 13.43
CA ASP E 435 -74.93 -7.00 13.33
C ASP E 435 -75.82 -6.33 14.36
N GLU E 436 -75.28 -6.08 15.56
CA GLU E 436 -76.03 -5.42 16.62
C GLU E 436 -76.39 -4.00 16.24
N LEU E 437 -75.43 -3.28 15.66
CA LEU E 437 -75.64 -1.90 15.26
C LEU E 437 -76.49 -1.86 13.98
N SER E 438 -76.36 -2.89 13.15
CA SER E 438 -77.16 -3.00 11.93
C SER E 438 -78.63 -3.14 12.27
N LEU E 439 -78.93 -3.81 13.39
CA LEU E 439 -80.30 -3.98 13.83
C LEU E 439 -80.75 -2.78 14.66
N LEU E 440 -79.78 -1.97 15.08
CA LEU E 440 -80.07 -0.76 15.83
C LEU E 440 -80.50 0.37 14.90
N PHE E 441 -79.82 0.51 13.77
CA PHE E 441 -80.15 1.50 12.76
C PHE E 441 -81.46 1.19 12.04
N GLY E 442 -81.79 -0.09 11.93
CA GLY E 442 -82.94 -0.51 11.14
C GLY E 442 -84.24 -0.50 11.93
N GLN E 443 -84.25 0.26 13.02
CA GLN E 443 -85.44 0.37 13.86
C GLN E 443 -85.52 1.76 14.49
N PHE E 452 -84.07 15.00 15.12
CA PHE E 452 -83.03 16.03 15.25
C PHE E 452 -81.89 15.54 16.14
N ILE E 453 -80.70 15.44 15.55
CA ILE E 453 -79.53 14.92 16.26
C ILE E 453 -78.46 16.00 16.39
N SER E 454 -77.88 16.12 17.59
CA SER E 454 -76.77 17.05 17.79
C SER E 454 -75.49 16.46 17.19
N TYR E 455 -74.53 17.34 16.86
CA TYR E 455 -73.28 16.92 16.24
C TYR E 455 -72.47 15.90 17.06
N ASP E 456 -72.58 15.99 18.38
CA ASP E 456 -71.87 15.06 19.26
C ASP E 456 -72.36 13.64 19.07
N GLU E 457 -73.67 13.44 19.20
CA GLU E 457 -74.29 12.14 19.03
C GLU E 457 -74.04 11.63 17.63
N ALA E 458 -74.13 12.53 16.66
CA ALA E 458 -73.87 12.20 15.25
C ALA E 458 -72.44 11.69 15.08
N ARG E 459 -71.48 12.37 15.73
CA ARG E 459 -70.08 11.96 15.68
C ARG E 459 -69.89 10.54 16.20
N ASP E 460 -70.60 10.21 17.27
CA ASP E 460 -70.47 8.91 17.91
C ASP E 460 -71.17 7.82 17.09
N GLN E 461 -72.35 8.14 16.58
CA GLN E 461 -73.09 7.21 15.72
C GLN E 461 -72.30 6.88 14.45
N LEU E 462 -71.63 7.89 13.90
CA LEU E 462 -70.86 7.72 12.68
C LEU E 462 -69.51 7.05 12.90
N LYS E 463 -68.82 7.43 13.98
CA LYS E 463 -67.52 6.87 14.32
C LYS E 463 -67.62 5.35 14.48
N THR E 464 -68.59 4.91 15.27
CA THR E 464 -68.79 3.49 15.54
C THR E 464 -69.28 2.76 14.30
N ALA E 465 -70.06 3.46 13.47
CA ALA E 465 -70.56 2.89 12.24
C ALA E 465 -69.43 2.68 11.26
N TYR E 466 -68.51 3.64 11.20
CA TYR E 466 -67.33 3.52 10.36
C TYR E 466 -66.38 2.46 10.92
N ALA E 467 -66.26 2.43 12.24
CA ALA E 467 -65.36 1.51 12.91
C ALA E 467 -65.66 0.07 12.57
N LEU E 468 -66.94 -0.29 12.56
CA LEU E 468 -67.34 -1.63 12.17
C LEU E 468 -68.04 -1.61 10.82
N SER E 469 -67.34 -2.05 9.79
CA SER E 469 -67.96 -2.32 8.49
C SER E 469 -67.17 -3.38 7.73
N ARG E 470 -67.88 -4.27 7.05
CA ARG E 470 -67.25 -5.23 6.16
C ARG E 470 -67.33 -4.68 4.73
N GLY E 471 -67.82 -3.46 4.63
CA GLY E 471 -68.16 -2.86 3.36
C GLY E 471 -69.66 -2.70 3.23
N GLN E 472 -70.38 -3.33 4.16
CA GLN E 472 -71.82 -3.14 4.25
C GLN E 472 -72.13 -2.05 5.28
N ASP E 473 -72.60 -0.90 4.79
CA ASP E 473 -73.00 0.19 5.66
C ASP E 473 -74.51 0.30 5.63
N HIS E 474 -75.12 0.44 6.81
CA HIS E 474 -76.57 0.55 6.90
C HIS E 474 -77.04 1.84 6.24
N VAL E 475 -78.14 1.75 5.49
CA VAL E 475 -78.68 2.87 4.73
C VAL E 475 -78.85 4.13 5.58
N ASN E 476 -79.32 3.94 6.81
CA ASN E 476 -79.58 5.07 7.71
C ASN E 476 -78.31 5.69 8.29
N ALA E 477 -77.20 4.97 8.16
CA ALA E 477 -75.89 5.52 8.54
C ALA E 477 -75.44 6.53 7.49
N LEU E 478 -75.54 6.13 6.22
CA LEU E 478 -75.22 7.01 5.10
C LEU E 478 -76.09 8.26 5.12
N SER E 479 -77.40 8.06 5.23
CA SER E 479 -78.36 9.15 5.32
C SER E 479 -77.99 10.14 6.42
N LEU E 480 -77.46 9.62 7.53
CA LEU E 480 -76.98 10.45 8.62
C LEU E 480 -75.70 11.18 8.20
N ALA E 481 -74.83 10.46 7.51
CA ALA E 481 -73.56 11.02 7.03
C ALA E 481 -73.80 12.20 6.09
N ARG E 482 -74.73 12.02 5.16
CA ARG E 482 -75.11 13.09 4.23
C ARG E 482 -75.59 14.32 4.99
N ARG E 483 -76.55 14.12 5.87
CA ARG E 483 -77.18 15.22 6.63
C ARG E 483 -76.17 15.98 7.48
N VAL E 484 -75.16 15.29 8.00
CA VAL E 484 -74.08 15.93 8.74
C VAL E 484 -73.31 16.88 7.83
N ILE E 485 -72.93 16.36 6.66
CA ILE E 485 -72.23 17.15 5.64
C ILE E 485 -72.99 18.42 5.27
N MET E 486 -74.19 18.25 4.72
CA MET E 486 -75.03 19.37 4.28
C MET E 486 -75.25 20.45 5.35
N SER E 487 -75.47 20.02 6.58
CA SER E 487 -75.72 20.97 7.67
C SER E 487 -74.48 21.80 7.96
N ILE E 488 -73.30 21.16 7.85
CA ILE E 488 -72.03 21.85 7.99
C ILE E 488 -71.81 22.79 6.81
N TYR E 489 -72.23 22.34 5.62
CA TYR E 489 -72.11 23.14 4.40
C TYR E 489 -72.83 24.49 4.53
N LYS E 490 -74.09 24.44 4.93
CA LYS E 490 -74.87 25.66 5.13
C LYS E 490 -74.30 26.50 6.27
N GLY E 491 -73.58 25.85 7.17
CA GLY E 491 -72.91 26.55 8.25
C GLY E 491 -71.66 27.24 7.77
N LEU E 492 -70.86 26.53 6.98
CA LEU E 492 -69.56 27.04 6.52
C LEU E 492 -69.64 28.16 5.48
N LEU E 493 -70.81 28.34 4.86
CA LEU E 493 -70.96 29.45 3.93
C LEU E 493 -71.19 30.78 4.64
N VAL E 494 -71.82 30.73 5.81
CA VAL E 494 -71.96 31.93 6.64
C VAL E 494 -70.75 32.17 7.55
N LYS E 495 -69.98 31.13 7.84
CA LYS E 495 -68.87 31.24 8.80
C LYS E 495 -67.58 30.56 8.34
N GLN E 496 -66.44 31.13 8.74
CA GLN E 496 -65.14 30.71 8.22
C GLN E 496 -64.36 29.71 9.07
N ASN E 497 -64.95 29.25 10.17
CA ASN E 497 -64.25 28.29 11.03
C ASN E 497 -65.12 27.16 11.56
N LEU E 498 -64.48 26.11 12.06
CA LEU E 498 -65.16 24.96 12.62
C LEU E 498 -64.60 24.59 14.00
N ASN E 499 -65.49 24.40 14.96
CA ASN E 499 -65.09 23.92 16.29
C ASN E 499 -64.68 22.45 16.27
N ALA E 500 -63.96 22.02 17.31
CA ALA E 500 -63.39 20.68 17.34
C ALA E 500 -64.44 19.58 17.16
N THR E 501 -65.67 19.87 17.52
CA THR E 501 -66.77 18.92 17.38
C THR E 501 -67.17 18.77 15.92
N GLU E 502 -67.32 19.90 15.23
CA GLU E 502 -67.70 19.93 13.82
C GLU E 502 -66.75 19.13 12.94
N ARG E 503 -65.46 19.32 13.18
CA ARG E 503 -64.41 18.66 12.43
C ARG E 503 -64.51 17.13 12.56
N GLN E 504 -64.72 16.66 13.79
CA GLN E 504 -64.85 15.23 14.04
C GLN E 504 -66.09 14.64 13.37
N ALA E 505 -67.18 15.39 13.38
CA ALA E 505 -68.42 14.94 12.77
C ALA E 505 -68.26 14.85 11.26
N LEU E 506 -67.66 15.89 10.69
CA LEU E 506 -67.38 15.94 9.26
C LEU E 506 -66.48 14.78 8.83
N PHE E 507 -65.42 14.56 9.61
CA PHE E 507 -64.43 13.52 9.32
C PHE E 507 -65.06 12.14 9.10
N PHE E 508 -65.83 11.67 10.08
CA PHE E 508 -66.37 10.32 10.01
C PHE E 508 -67.48 10.22 8.98
N ALA E 509 -68.24 11.30 8.82
CA ALA E 509 -69.24 11.39 7.77
C ALA E 509 -68.57 11.23 6.40
N SER E 510 -67.49 11.98 6.21
CA SER E 510 -66.65 11.88 5.01
C SER E 510 -66.19 10.45 4.75
N MET E 511 -65.39 9.93 5.69
CA MET E 511 -64.83 8.58 5.57
C MET E 511 -65.89 7.51 5.34
N ILE E 512 -67.10 7.74 5.82
CA ILE E 512 -68.20 6.80 5.61
C ILE E 512 -68.68 6.80 4.16
N LEU E 513 -68.86 8.00 3.60
CA LEU E 513 -69.36 8.14 2.24
C LEU E 513 -68.26 7.89 1.22
N LEU E 514 -67.02 8.13 1.62
CA LEU E 514 -65.85 7.88 0.78
C LEU E 514 -65.21 6.52 1.05
N ASN E 515 -65.80 5.72 1.93
CA ASN E 515 -65.22 4.44 2.34
C ASN E 515 -64.89 3.53 1.17
N PHE E 516 -65.85 3.31 0.29
CA PHE E 516 -65.60 2.49 -0.90
C PHE E 516 -65.70 3.35 -2.17
N VAL E 526 -71.37 5.38 -6.12
CA VAL E 526 -70.42 6.19 -6.86
C VAL E 526 -70.78 7.67 -6.77
N LEU E 527 -72.08 7.96 -6.93
CA LEU E 527 -72.58 9.33 -6.87
C LEU E 527 -72.28 9.97 -5.53
N ASP E 528 -72.34 9.17 -4.47
CA ASP E 528 -72.07 9.64 -3.11
C ASP E 528 -70.66 10.19 -3.01
N GLY E 529 -69.71 9.50 -3.61
CA GLY E 529 -68.32 9.93 -3.61
C GLY E 529 -68.13 11.28 -4.31
N ARG E 530 -68.66 11.38 -5.52
CA ARG E 530 -68.54 12.58 -6.33
C ARG E 530 -69.20 13.79 -5.65
N THR E 531 -70.44 13.61 -5.17
CA THR E 531 -71.20 14.72 -4.59
C THR E 531 -70.57 15.23 -3.30
N THR E 532 -69.89 14.35 -2.58
CA THR E 532 -69.20 14.75 -1.35
C THR E 532 -67.87 15.44 -1.65
N LEU E 533 -67.10 14.88 -2.58
CA LEU E 533 -65.84 15.49 -3.00
C LEU E 533 -66.09 16.90 -3.53
N LEU E 534 -67.23 17.09 -4.19
CA LEU E 534 -67.64 18.41 -4.65
C LEU E 534 -67.91 19.30 -3.45
N LEU E 535 -68.71 18.80 -2.52
CA LEU E 535 -69.09 19.55 -1.32
C LEU E 535 -67.89 19.92 -0.46
N MET E 536 -66.98 18.96 -0.26
CA MET E 536 -65.74 19.22 0.47
C MET E 536 -64.97 20.35 -0.22
N THR E 537 -64.91 20.29 -1.55
CA THR E 537 -64.22 21.30 -2.35
C THR E 537 -64.88 22.68 -2.26
N SER E 538 -66.20 22.71 -2.34
CA SER E 538 -66.96 23.95 -2.19
C SER E 538 -66.74 24.54 -0.81
N MET E 539 -66.81 23.70 0.22
CA MET E 539 -66.62 24.11 1.60
C MET E 539 -65.25 24.75 1.80
N CYS E 540 -64.29 24.31 1.00
CA CYS E 540 -62.93 24.79 1.15
C CYS E 540 -62.73 26.03 0.31
N THR E 541 -62.55 27.16 0.98
CA THR E 541 -62.34 28.44 0.32
C THR E 541 -60.97 28.95 0.69
N ALA E 542 -60.57 30.07 0.13
CA ALA E 542 -59.29 30.67 0.49
C ALA E 542 -59.32 31.10 1.95
N ALA E 543 -60.46 31.65 2.36
CA ALA E 543 -60.68 32.08 3.73
C ALA E 543 -60.62 30.92 4.73
N HIS E 544 -61.42 29.89 4.49
CA HIS E 544 -61.47 28.74 5.39
C HIS E 544 -60.14 27.99 5.46
N ALA E 545 -59.49 27.83 4.31
CA ALA E 545 -58.21 27.14 4.25
C ALA E 545 -57.20 27.78 5.17
N THR E 546 -57.19 29.11 5.19
CA THR E 546 -56.31 29.87 6.06
C THR E 546 -56.64 29.59 7.52
N GLN E 547 -57.93 29.51 7.82
CA GLN E 547 -58.39 29.16 9.16
C GLN E 547 -58.06 27.70 9.48
N ALA E 548 -58.39 26.82 8.54
CA ALA E 548 -58.16 25.38 8.70
C ALA E 548 -56.68 25.07 8.94
N ALA E 549 -55.80 25.76 8.23
CA ALA E 549 -54.37 25.54 8.36
C ALA E 549 -53.89 26.06 9.70
N LEU E 550 -54.50 27.15 10.16
CA LEU E 550 -54.21 27.71 11.48
C LEU E 550 -54.56 26.70 12.57
N ASN E 551 -55.69 26.00 12.40
CA ASN E 551 -56.07 24.90 13.28
C ASN E 551 -54.97 23.85 13.45
N ILE E 552 -54.61 23.18 12.37
CA ILE E 552 -53.52 22.19 12.37
C ILE E 552 -52.26 22.74 13.03
N GLN E 553 -51.93 23.99 12.71
CA GLN E 553 -50.72 24.62 13.21
C GLN E 553 -50.84 24.94 14.70
N GLU E 554 -52.00 25.44 15.09
CA GLU E 554 -52.30 25.73 16.49
C GLU E 554 -52.29 24.46 17.32
N GLY E 555 -52.94 23.42 16.81
CA GLY E 555 -52.99 22.12 17.46
C GLY E 555 -51.64 21.49 17.68
N LEU E 556 -50.76 21.60 16.68
CA LEU E 556 -49.42 21.05 16.78
C LEU E 556 -48.52 21.93 17.64
N ALA E 557 -48.89 23.21 17.76
CA ALA E 557 -48.10 24.18 18.53
C ALA E 557 -48.25 23.89 20.01
N TYR E 558 -49.49 23.96 20.49
CA TYR E 558 -49.76 23.58 21.87
C TYR E 558 -50.09 22.10 21.89
N LEU E 559 -49.18 21.32 22.45
CA LEU E 559 -49.26 19.86 22.40
C LEU E 559 -48.73 19.28 23.68
N ASN E 560 -49.36 18.23 24.17
CA ASN E 560 -48.93 17.55 25.38
C ASN E 560 -48.98 16.05 25.19
N PRO E 561 -47.90 15.47 24.65
CA PRO E 561 -47.80 14.03 24.41
C PRO E 561 -48.00 13.25 25.71
N SER E 562 -47.56 13.82 26.82
CA SER E 562 -47.64 13.14 28.11
C SER E 562 -49.08 13.04 28.64
N LYS E 563 -49.74 14.17 28.79
CA LYS E 563 -51.08 14.17 29.40
C LYS E 563 -52.32 14.23 28.49
N HIS E 564 -52.15 14.45 27.19
CA HIS E 564 -53.33 14.60 26.32
C HIS E 564 -53.26 13.84 25.00
N MET E 565 -54.43 13.52 24.47
CA MET E 565 -54.52 12.82 23.19
C MET E 565 -54.49 13.82 22.04
N PHE E 566 -53.80 13.46 20.96
CA PHE E 566 -53.95 14.18 19.71
C PHE E 566 -54.63 13.28 18.68
N THR E 567 -55.64 13.81 18.01
CA THR E 567 -56.33 13.08 16.95
C THR E 567 -56.58 13.95 15.73
N ILE E 568 -56.31 13.41 14.55
CA ILE E 568 -56.48 14.13 13.28
C ILE E 568 -57.90 14.69 13.05
N PRO E 569 -58.96 13.92 13.35
CA PRO E 569 -60.30 14.50 13.19
C PRO E 569 -60.56 15.74 14.06
N ASN E 570 -59.72 15.97 15.07
CA ASN E 570 -59.86 17.14 15.93
C ASN E 570 -59.31 18.41 15.26
N VAL E 571 -58.32 18.24 14.39
CA VAL E 571 -57.79 19.34 13.59
C VAL E 571 -58.34 19.38 12.16
N TYR E 572 -59.31 18.52 11.86
CA TYR E 572 -59.74 18.28 10.48
C TYR E 572 -60.45 19.48 9.86
N SER E 573 -60.82 19.33 8.59
CA SER E 573 -61.45 20.40 7.80
C SER E 573 -61.77 19.84 6.40
N PRO E 574 -62.75 20.43 5.71
CA PRO E 574 -63.15 19.92 4.39
C PRO E 574 -62.03 20.01 3.35
N CYS E 575 -61.12 20.96 3.54
CA CYS E 575 -59.98 21.13 2.63
C CYS E 575 -59.12 19.87 2.55
N MET E 576 -59.21 19.03 3.59
CA MET E 576 -58.47 17.78 3.63
C MET E 576 -59.22 16.70 2.86
N GLY E 577 -60.50 16.95 2.61
CA GLY E 577 -61.33 15.98 1.89
C GLY E 577 -61.68 16.46 0.50
N SER E 578 -61.07 17.56 0.08
CA SER E 578 -61.42 18.17 -1.20
C SER E 578 -60.37 17.85 -2.26
N LEU E 579 -60.60 18.29 -3.49
CA LEU E 579 -59.55 18.24 -4.49
C LEU E 579 -59.17 19.66 -4.86
N ARG E 580 -58.06 20.13 -4.29
CA ARG E 580 -57.48 21.41 -4.67
C ARG E 580 -55.95 21.31 -4.62
N THR E 581 -55.29 21.55 -5.74
CA THR E 581 -53.83 21.60 -5.75
C THR E 581 -53.28 23.04 -5.70
N ASP E 582 -54.18 24.01 -5.62
CA ASP E 582 -53.80 25.42 -5.66
C ASP E 582 -53.56 26.09 -4.32
N LEU E 583 -53.69 25.33 -3.22
CA LEU E 583 -53.51 25.93 -1.90
C LEU E 583 -52.04 26.18 -1.60
N THR E 584 -51.16 25.54 -2.38
CA THR E 584 -49.73 25.72 -2.21
C THR E 584 -49.21 26.88 -3.03
N GLU E 585 -50.09 27.50 -3.81
CA GLU E 585 -49.73 28.69 -4.58
C GLU E 585 -49.42 29.85 -3.64
N GLU E 586 -48.46 30.68 -4.03
CA GLU E 586 -47.97 31.79 -3.21
C GLU E 586 -49.10 32.67 -2.66
N ILE E 587 -50.07 32.97 -3.53
CA ILE E 587 -51.17 33.87 -3.20
C ILE E 587 -51.88 33.51 -1.88
N HIS E 588 -52.17 32.23 -1.71
CA HIS E 588 -52.87 31.73 -0.53
C HIS E 588 -51.93 31.64 0.68
N VAL E 589 -50.86 30.86 0.55
CA VAL E 589 -49.85 30.70 1.60
C VAL E 589 -49.40 32.05 2.18
N MET E 590 -49.23 33.05 1.32
CA MET E 590 -48.84 34.37 1.78
C MET E 590 -49.94 34.98 2.65
N ASN E 591 -51.19 34.79 2.25
CA ASN E 591 -52.33 35.26 3.03
C ASN E 591 -52.40 34.51 4.36
N LEU E 592 -52.01 33.24 4.33
CA LEU E 592 -51.92 32.41 5.54
C LEU E 592 -50.93 33.04 6.52
N LEU E 593 -49.74 33.38 6.02
CA LEU E 593 -48.72 34.05 6.82
C LEU E 593 -49.26 35.30 7.51
N SER E 594 -50.13 36.02 6.80
CA SER E 594 -50.68 37.28 7.28
C SER E 594 -51.81 37.07 8.27
N ALA E 595 -52.34 35.84 8.34
CA ALA E 595 -53.42 35.51 9.24
C ALA E 595 -52.93 34.91 10.56
N ILE E 596 -51.63 34.68 10.65
CA ILE E 596 -51.01 34.12 11.85
C ILE E 596 -51.19 34.97 13.13
N PRO E 597 -50.94 36.30 13.05
CA PRO E 597 -51.09 37.12 14.26
C PRO E 597 -52.50 37.16 14.85
N THR E 598 -53.50 36.72 14.09
CA THR E 598 -54.88 36.69 14.58
C THR E 598 -55.10 35.62 15.65
N ARG E 599 -54.10 34.77 15.85
CA ARG E 599 -54.12 33.79 16.92
C ARG E 599 -52.85 33.95 17.75
N PRO E 600 -52.85 34.93 18.66
CA PRO E 600 -51.66 35.48 19.33
C PRO E 600 -50.80 34.42 20.02
N GLY E 601 -51.44 33.41 20.59
CA GLY E 601 -50.72 32.31 21.20
C GLY E 601 -49.90 31.56 20.16
N LEU E 602 -50.57 31.11 19.10
CA LEU E 602 -49.92 30.42 18.00
C LEU E 602 -48.85 31.29 17.35
N ASN E 603 -49.15 32.57 17.19
CA ASN E 603 -48.22 33.53 16.60
C ASN E 603 -46.91 33.59 17.39
N GLU E 604 -47.02 33.75 18.70
CA GLU E 604 -45.85 33.92 19.56
C GLU E 604 -44.94 32.67 19.60
N VAL E 605 -45.55 31.50 19.63
CA VAL E 605 -44.79 30.25 19.68
C VAL E 605 -43.90 30.07 18.46
N LEU E 606 -44.47 30.35 17.29
CA LEU E 606 -43.75 30.20 16.02
C LEU E 606 -42.52 31.11 15.95
N HIS E 607 -42.71 32.37 16.32
CA HIS E 607 -41.65 33.38 16.24
C HIS E 607 -40.51 33.11 17.21
N THR E 608 -40.81 32.45 18.32
CA THR E 608 -39.80 32.21 19.36
C THR E 608 -38.98 30.95 19.12
N GLN E 609 -39.31 30.22 18.06
CA GLN E 609 -38.50 29.07 17.64
C GLN E 609 -38.16 29.12 16.15
N LEU E 610 -39.18 29.06 15.30
CA LEU E 610 -38.98 29.05 13.86
C LEU E 610 -38.47 30.39 13.34
N ASP E 611 -37.45 30.33 12.50
CA ASP E 611 -36.94 31.52 11.81
C ASP E 611 -38.05 32.04 10.89
N GLU E 612 -38.03 33.34 10.64
CA GLU E 612 -39.04 33.98 9.79
C GLU E 612 -39.14 33.32 8.42
N SER E 613 -38.00 32.87 7.90
CA SER E 613 -37.96 32.13 6.65
C SER E 613 -38.64 30.76 6.81
N GLU E 614 -38.38 30.11 7.95
CA GLU E 614 -38.93 28.79 8.23
C GLU E 614 -40.43 28.82 8.47
N ILE E 615 -40.94 29.96 8.92
CA ILE E 615 -42.38 30.14 9.15
C ILE E 615 -43.10 30.05 7.81
N PHE E 616 -42.46 30.53 6.75
CA PHE E 616 -43.01 30.39 5.40
C PHE E 616 -43.10 28.91 5.03
N ASP E 617 -42.01 28.18 5.26
CA ASP E 617 -41.96 26.75 5.00
C ASP E 617 -43.08 26.06 5.79
N ALA E 618 -43.23 26.44 7.05
CA ALA E 618 -44.28 25.93 7.92
C ALA E 618 -45.64 26.07 7.23
N ALA E 619 -46.02 27.32 6.96
CA ALA E 619 -47.29 27.60 6.28
C ALA E 619 -47.42 26.91 4.93
N PHE E 620 -46.30 26.76 4.21
CA PHE E 620 -46.30 26.04 2.95
C PHE E 620 -46.53 24.55 3.19
N LYS E 621 -45.79 23.98 4.15
CA LYS E 621 -45.88 22.56 4.45
C LYS E 621 -47.27 22.13 4.94
N THR E 622 -47.95 23.01 5.67
CA THR E 622 -49.29 22.69 6.18
C THR E 622 -50.37 22.79 5.11
N MET E 623 -50.20 23.75 4.19
CA MET E 623 -51.11 23.87 3.06
C MET E 623 -51.02 22.63 2.17
N MET E 624 -49.82 22.05 2.11
CA MET E 624 -49.59 20.80 1.38
C MET E 624 -50.58 19.72 1.79
N ILE E 625 -50.80 19.60 3.10
CA ILE E 625 -51.71 18.61 3.67
C ILE E 625 -53.08 18.64 3.01
N PHE E 626 -53.60 19.84 2.76
CA PHE E 626 -54.91 20.00 2.15
C PHE E 626 -54.89 19.51 0.70
N THR E 627 -53.75 19.66 0.04
CA THR E 627 -53.58 19.20 -1.33
C THR E 627 -53.31 17.69 -1.43
N THR E 628 -52.43 17.18 -0.57
CA THR E 628 -52.00 15.79 -0.66
C THR E 628 -52.88 14.76 0.05
N TRP E 629 -53.76 15.20 0.95
CA TRP E 629 -54.55 14.28 1.75
C TRP E 629 -55.53 13.45 0.94
N THR E 630 -56.37 14.13 0.17
CA THR E 630 -57.36 13.47 -0.67
C THR E 630 -56.98 13.55 -2.14
N ALA E 631 -56.87 14.78 -2.64
CA ALA E 631 -56.63 15.05 -4.06
C ALA E 631 -55.47 14.25 -4.67
N LYS E 632 -54.39 14.09 -3.92
CA LYS E 632 -53.22 13.38 -4.42
C LYS E 632 -53.44 11.88 -4.62
N ASP E 633 -54.42 11.31 -3.93
CA ASP E 633 -54.70 9.88 -4.06
C ASP E 633 -55.31 9.62 -5.44
N LEU E 634 -54.67 8.75 -6.21
CA LEU E 634 -55.13 8.42 -7.55
C LEU E 634 -56.33 7.47 -7.50
N HIS E 635 -56.34 6.58 -6.51
CA HIS E 635 -57.40 5.59 -6.38
C HIS E 635 -58.77 6.24 -6.12
N ILE E 636 -58.80 7.28 -5.31
CA ILE E 636 -60.03 8.00 -5.04
C ILE E 636 -60.53 8.66 -6.31
N LEU E 637 -59.61 9.26 -7.05
CA LEU E 637 -59.93 9.90 -8.33
C LEU E 637 -60.39 8.90 -9.38
N HIS E 638 -59.58 7.87 -9.62
CA HIS E 638 -59.87 6.86 -10.64
C HIS E 638 -61.29 6.28 -10.52
N THR E 639 -61.76 6.10 -9.30
CA THR E 639 -63.12 5.60 -9.08
C THR E 639 -64.16 6.69 -9.32
N HIS E 640 -63.98 7.84 -8.68
CA HIS E 640 -65.00 8.89 -8.71
C HIS E 640 -64.92 9.86 -9.89
N VAL E 641 -63.77 9.95 -10.55
CA VAL E 641 -63.62 10.81 -11.72
C VAL E 641 -62.75 10.18 -12.81
N PRO E 642 -63.22 9.07 -13.41
CA PRO E 642 -62.44 8.36 -14.43
C PRO E 642 -62.34 9.17 -15.72
N GLU E 643 -63.28 10.09 -15.91
CA GLU E 643 -63.34 10.93 -17.11
C GLU E 643 -62.04 11.71 -17.33
N VAL E 644 -61.41 12.10 -16.23
CA VAL E 644 -60.16 12.84 -16.27
C VAL E 644 -59.02 12.00 -16.85
N PHE E 645 -59.05 10.70 -16.58
CA PHE E 645 -57.96 9.81 -16.96
C PHE E 645 -58.19 9.02 -18.27
N THR E 646 -59.31 9.29 -18.93
CA THR E 646 -59.80 8.41 -20.01
C THR E 646 -58.84 8.22 -21.18
N CYS E 647 -58.22 9.31 -21.61
CA CYS E 647 -57.33 9.30 -22.76
C CYS E 647 -55.89 9.06 -22.33
N GLN E 648 -54.96 9.35 -23.24
CA GLN E 648 -53.54 9.19 -22.98
C GLN E 648 -53.05 10.33 -22.07
N ASP E 649 -54.00 11.12 -21.56
CA ASP E 649 -53.77 12.35 -20.82
C ASP E 649 -52.76 12.22 -19.69
N ALA E 650 -51.75 13.09 -19.75
CA ALA E 650 -50.70 13.15 -18.73
C ALA E 650 -51.12 14.06 -17.57
N ALA E 651 -51.79 15.17 -17.91
CA ALA E 651 -52.04 16.28 -16.99
C ALA E 651 -52.62 15.88 -15.62
N ALA E 652 -53.46 14.86 -15.60
CA ALA E 652 -54.05 14.38 -14.35
C ALA E 652 -52.99 13.98 -13.32
N ARG E 653 -52.05 13.16 -13.73
CA ARG E 653 -51.02 12.65 -12.83
C ARG E 653 -49.83 13.61 -12.74
N ASN E 654 -49.76 14.55 -13.67
CA ASN E 654 -48.73 15.59 -13.64
C ASN E 654 -49.18 16.81 -12.87
N GLY E 655 -50.39 16.73 -12.33
CA GLY E 655 -50.97 17.79 -11.54
C GLY E 655 -51.08 19.11 -12.27
N GLU E 656 -51.43 19.04 -13.55
CA GLU E 656 -51.68 20.25 -14.33
C GLU E 656 -53.14 20.64 -14.14
N TYR E 657 -53.90 19.75 -13.51
CA TYR E 657 -55.28 20.04 -13.19
C TYR E 657 -55.30 20.61 -11.78
N VAL E 658 -55.56 21.91 -11.69
CA VAL E 658 -55.46 22.66 -10.45
C VAL E 658 -56.65 22.41 -9.54
N LEU E 659 -57.83 22.32 -10.16
CA LEU E 659 -59.07 22.10 -9.43
C LEU E 659 -59.96 21.14 -10.22
N ILE E 660 -60.67 20.27 -9.50
CA ILE E 660 -61.59 19.33 -10.15
C ILE E 660 -62.99 19.42 -9.55
N LEU E 661 -63.99 19.56 -10.41
CA LEU E 661 -65.37 19.76 -10.00
C LEU E 661 -66.30 18.75 -10.66
N PRO E 662 -66.59 17.65 -9.95
CA PRO E 662 -67.49 16.61 -10.47
C PRO E 662 -68.83 17.19 -10.90
N ALA E 663 -69.26 16.82 -12.11
CA ALA E 663 -70.51 17.28 -12.69
C ALA E 663 -71.43 16.08 -12.86
N VAL E 664 -72.54 16.29 -13.55
CA VAL E 664 -73.49 15.20 -13.83
C VAL E 664 -72.76 14.02 -14.47
N GLN E 665 -73.28 12.82 -14.23
CA GLN E 665 -72.54 11.57 -14.45
C GLN E 665 -71.85 11.48 -15.79
N GLY E 666 -70.56 11.15 -15.77
CA GLY E 666 -69.75 11.05 -16.97
C GLY E 666 -68.92 12.29 -17.24
N HIS E 667 -69.16 13.35 -16.48
CA HIS E 667 -68.47 14.62 -16.71
C HIS E 667 -68.01 15.30 -15.43
N SER E 668 -66.88 16.01 -15.53
CA SER E 668 -66.37 16.84 -14.45
C SER E 668 -65.62 18.02 -15.05
N TYR E 669 -65.69 19.19 -14.41
CA TYR E 669 -64.91 20.32 -14.86
C TYR E 669 -63.44 20.16 -14.47
N VAL E 670 -62.61 21.09 -14.93
CA VAL E 670 -61.19 21.10 -14.62
C VAL E 670 -60.62 22.50 -14.73
N ILE E 671 -59.63 22.81 -13.89
CA ILE E 671 -58.91 24.08 -14.02
C ILE E 671 -57.45 23.78 -14.32
N THR E 672 -56.93 24.34 -15.40
CA THR E 672 -55.55 24.09 -15.80
C THR E 672 -54.84 25.39 -16.12
N ARG E 673 -53.57 25.48 -15.72
CA ARG E 673 -52.76 26.65 -16.01
C ARG E 673 -52.19 26.59 -17.43
N ASN E 674 -51.93 25.39 -17.91
CA ASN E 674 -51.32 25.20 -19.22
C ASN E 674 -52.34 25.26 -20.35
N LYS E 675 -51.88 24.98 -21.56
CA LYS E 675 -52.74 24.91 -22.73
C LYS E 675 -53.46 23.56 -22.78
N PRO E 676 -54.77 23.57 -22.57
CA PRO E 676 -55.54 22.32 -22.53
C PRO E 676 -55.57 21.63 -23.89
N GLN E 677 -55.24 20.34 -23.90
CA GLN E 677 -55.18 19.54 -25.12
C GLN E 677 -56.46 18.75 -25.40
N ARG E 678 -57.52 19.02 -24.63
CA ARG E 678 -58.73 18.21 -24.68
C ARG E 678 -59.82 18.85 -23.82
N GLY E 679 -61.07 18.45 -24.07
CA GLY E 679 -62.22 18.96 -23.36
C GLY E 679 -62.73 20.29 -23.90
N LEU E 680 -63.91 20.70 -23.44
CA LEU E 680 -64.49 21.98 -23.83
C LEU E 680 -63.83 23.08 -23.02
N VAL E 681 -63.18 24.01 -23.71
CA VAL E 681 -62.30 24.96 -23.05
C VAL E 681 -62.86 26.37 -22.97
N TYR E 682 -63.03 26.87 -21.74
CA TYR E 682 -63.34 28.28 -21.52
C TYR E 682 -62.11 28.93 -20.91
N SER E 683 -61.42 29.74 -21.71
CA SER E 683 -60.24 30.45 -21.22
C SER E 683 -60.62 31.87 -20.81
N LEU E 684 -60.49 32.18 -19.53
CA LEU E 684 -60.84 33.50 -19.04
C LEU E 684 -59.73 34.47 -19.47
N ALA E 685 -60.12 35.49 -20.24
CA ALA E 685 -59.14 36.39 -20.86
C ALA E 685 -58.91 37.68 -20.10
N ASP E 686 -59.68 37.90 -19.03
CA ASP E 686 -59.50 39.08 -18.19
C ASP E 686 -58.38 38.81 -17.20
N VAL E 687 -57.96 37.55 -17.14
CA VAL E 687 -56.92 37.10 -16.24
C VAL E 687 -55.55 37.48 -16.77
N ASP E 688 -54.65 37.87 -15.88
CA ASP E 688 -53.26 38.17 -16.25
C ASP E 688 -52.66 37.02 -17.05
N VAL E 689 -51.90 37.36 -18.08
CA VAL E 689 -51.42 36.38 -19.04
C VAL E 689 -50.39 35.44 -18.42
N TYR E 690 -49.62 35.96 -17.47
CA TYR E 690 -48.55 35.17 -16.86
C TYR E 690 -49.05 34.10 -15.90
N ASN E 691 -50.31 34.19 -15.52
CA ASN E 691 -50.93 33.19 -14.65
C ASN E 691 -52.35 32.90 -15.13
N PRO E 692 -52.49 32.22 -16.28
CA PRO E 692 -53.80 32.03 -16.92
C PRO E 692 -54.66 30.97 -16.25
N ILE E 693 -55.98 31.14 -16.37
CA ILE E 693 -56.94 30.16 -15.87
C ILE E 693 -57.78 29.61 -17.01
N SER E 694 -57.70 28.30 -17.25
CA SER E 694 -58.52 27.68 -18.27
C SER E 694 -59.50 26.70 -17.64
N VAL E 695 -60.77 27.07 -17.65
CA VAL E 695 -61.83 26.20 -17.15
C VAL E 695 -62.21 25.21 -18.26
N VAL E 696 -62.07 23.92 -17.98
CA VAL E 696 -62.25 22.92 -19.02
C VAL E 696 -63.25 21.84 -18.59
N TYR E 697 -64.23 21.60 -19.46
CA TYR E 697 -65.26 20.60 -19.20
C TYR E 697 -64.87 19.29 -19.87
N LEU E 698 -64.56 18.28 -19.05
CA LEU E 698 -64.08 17.00 -19.57
C LEU E 698 -65.18 15.96 -19.66
N SER E 699 -65.11 15.12 -20.69
CA SER E 699 -66.10 14.08 -20.93
C SER E 699 -65.41 12.72 -21.04
N LYS E 700 -66.09 11.69 -20.57
CA LYS E 700 -65.54 10.33 -20.55
C LYS E 700 -65.20 9.82 -21.94
N ASP E 701 -66.13 9.99 -22.87
CA ASP E 701 -65.99 9.46 -24.22
C ASP E 701 -65.42 10.46 -25.23
N THR E 702 -65.10 11.67 -24.80
CA THR E 702 -64.64 12.71 -25.72
C THR E 702 -63.16 13.06 -25.56
N CYS E 703 -62.36 12.65 -26.56
CA CYS E 703 -60.92 12.93 -26.58
C CYS E 703 -60.54 14.13 -27.43
N VAL E 704 -61.54 14.80 -28.02
CA VAL E 704 -61.28 15.89 -28.95
C VAL E 704 -60.81 17.16 -28.22
N SER E 705 -60.39 18.16 -29.00
CA SER E 705 -59.97 19.44 -28.44
C SER E 705 -60.73 20.59 -29.12
N GLU E 706 -61.47 21.36 -28.33
CA GLU E 706 -62.24 22.48 -28.88
C GLU E 706 -62.25 23.69 -27.94
N HIS E 707 -62.88 24.77 -28.39
CA HIS E 707 -62.97 25.99 -27.60
C HIS E 707 -64.41 26.47 -27.51
N GLY E 708 -64.84 26.87 -26.32
CA GLY E 708 -66.20 27.34 -26.12
C GLY E 708 -66.29 28.85 -26.02
N VAL E 709 -67.50 29.37 -26.08
CA VAL E 709 -67.75 30.80 -25.95
C VAL E 709 -68.50 31.05 -24.65
N ILE E 710 -68.09 32.05 -23.88
CA ILE E 710 -68.79 32.38 -22.64
C ILE E 710 -69.84 33.46 -22.88
N GLU E 711 -71.11 33.05 -22.87
CA GLU E 711 -72.22 33.99 -22.97
C GLU E 711 -72.48 34.64 -21.62
N THR E 712 -73.13 35.79 -21.62
CA THR E 712 -73.48 36.45 -20.36
C THR E 712 -74.98 36.61 -20.19
N VAL E 713 -75.46 36.43 -18.96
CA VAL E 713 -76.87 36.64 -18.60
C VAL E 713 -76.94 37.38 -17.27
N ALA E 714 -78.13 37.87 -16.92
CA ALA E 714 -78.34 38.49 -15.62
C ALA E 714 -79.32 37.68 -14.78
N LEU E 715 -79.46 38.06 -13.51
CA LEU E 715 -80.37 37.36 -12.62
C LEU E 715 -81.74 38.03 -12.58
N GLU E 723 -90.17 27.87 -7.49
CA GLU E 723 -89.53 26.73 -8.13
C GLU E 723 -88.08 27.06 -8.50
N CYS E 724 -87.21 26.05 -8.39
CA CYS E 724 -85.79 26.27 -8.58
C CYS E 724 -85.18 25.55 -9.79
N LEU E 725 -84.80 26.33 -10.80
CA LEU E 725 -84.07 25.76 -11.94
C LEU E 725 -82.56 26.01 -11.83
N TYR E 726 -82.14 26.78 -10.82
CA TYR E 726 -80.74 27.17 -10.70
C TYR E 726 -79.79 26.17 -10.02
N CYS E 727 -80.24 25.56 -8.91
CA CYS E 727 -79.38 24.73 -8.07
C CYS E 727 -78.70 23.60 -8.85
N GLY E 728 -77.48 23.26 -8.42
CA GLY E 728 -76.68 22.26 -9.10
C GLY E 728 -75.53 22.90 -9.85
N SER E 729 -75.62 24.21 -10.03
CA SER E 729 -74.56 24.96 -10.70
C SER E 729 -73.41 25.23 -9.73
N VAL E 730 -72.37 25.90 -10.21
CA VAL E 730 -71.21 26.20 -9.39
C VAL E 730 -70.78 27.66 -9.58
N PHE E 731 -70.73 28.40 -8.47
CA PHE E 731 -70.31 29.80 -8.51
C PHE E 731 -68.81 29.88 -8.24
N LEU E 732 -68.06 30.29 -9.26
CA LEU E 732 -66.61 30.39 -9.16
C LEU E 732 -66.17 31.85 -9.02
N ARG E 733 -65.44 32.15 -7.96
CA ARG E 733 -64.91 33.50 -7.76
C ARG E 733 -63.39 33.46 -7.88
N TYR E 734 -62.87 34.17 -8.87
CA TYR E 734 -61.44 34.19 -9.14
C TYR E 734 -60.91 35.61 -9.18
N LEU E 735 -59.61 35.75 -9.45
CA LEU E 735 -58.99 37.06 -9.54
C LEU E 735 -58.38 37.24 -10.92
N THR E 736 -58.11 38.48 -11.29
CA THR E 736 -57.51 38.78 -12.59
C THR E 736 -56.02 38.45 -12.57
N THR E 737 -55.51 38.10 -11.38
CA THR E 737 -54.10 37.76 -11.21
C THR E 737 -53.89 36.26 -11.43
N GLY E 738 -54.98 35.53 -11.61
CA GLY E 738 -54.92 34.10 -11.85
C GLY E 738 -55.12 33.29 -10.58
N ALA E 739 -55.62 33.95 -9.55
CA ALA E 739 -55.85 33.28 -8.27
C ALA E 739 -57.30 32.79 -8.16
N ILE E 740 -57.45 31.51 -7.83
CA ILE E 740 -58.77 30.93 -7.62
C ILE E 740 -59.13 31.02 -6.14
N MET E 741 -60.31 31.55 -5.84
CA MET E 741 -60.71 31.77 -4.45
C MET E 741 -61.82 30.85 -3.95
N ASP E 742 -63.04 31.08 -4.42
CA ASP E 742 -64.21 30.40 -3.87
C ASP E 742 -65.00 29.60 -4.91
N ILE E 743 -65.19 28.32 -4.60
CA ILE E 743 -65.83 27.36 -5.49
C ILE E 743 -67.32 27.14 -5.20
N ILE E 744 -67.90 27.98 -4.34
CA ILE E 744 -69.19 27.69 -3.70
C ILE E 744 -70.30 27.24 -4.65
N ILE E 745 -70.90 26.10 -4.30
CA ILE E 745 -72.05 25.53 -5.00
C ILE E 745 -73.32 26.18 -4.48
N ILE E 746 -74.35 26.27 -5.32
CA ILE E 746 -75.65 26.71 -4.84
C ILE E 746 -76.41 25.43 -4.48
N ASP E 747 -76.57 25.20 -3.18
CA ASP E 747 -77.23 24.00 -2.67
C ASP E 747 -78.76 24.11 -2.63
N SER E 748 -79.25 25.26 -2.20
CA SER E 748 -80.67 25.45 -1.92
C SER E 748 -81.21 26.71 -2.57
N LYS E 749 -82.54 26.82 -2.60
CA LYS E 749 -83.20 27.99 -3.15
C LYS E 749 -82.87 29.24 -2.34
N ASP E 750 -82.43 29.04 -1.11
CA ASP E 750 -82.03 30.12 -0.23
C ASP E 750 -80.64 30.62 -0.64
N THR E 751 -79.77 29.69 -1.01
CA THR E 751 -78.44 30.03 -1.52
C THR E 751 -78.58 30.80 -2.82
N GLU E 752 -79.57 30.40 -3.62
CA GLU E 752 -79.92 31.09 -4.85
C GLU E 752 -80.33 32.54 -4.58
N ARG E 753 -81.15 32.73 -3.56
CA ARG E 753 -81.59 34.07 -3.16
C ARG E 753 -80.43 34.93 -2.69
N GLN E 754 -79.49 34.30 -2.00
CA GLN E 754 -78.32 35.01 -1.49
C GLN E 754 -77.34 35.32 -2.62
N LEU E 755 -77.49 34.60 -3.73
CA LEU E 755 -76.66 34.83 -4.90
C LEU E 755 -77.05 36.13 -5.58
N ALA E 756 -78.35 36.35 -5.72
CA ALA E 756 -78.88 37.56 -6.34
C ALA E 756 -78.68 38.81 -5.49
N ALA E 757 -78.24 38.62 -4.24
CA ALA E 757 -78.09 39.73 -3.31
C ALA E 757 -76.83 40.56 -3.54
N MET E 758 -76.93 41.84 -3.23
CA MET E 758 -75.92 42.84 -3.56
C MET E 758 -74.84 43.05 -2.50
N GLY E 759 -74.81 42.18 -1.49
CA GLY E 759 -74.14 42.51 -0.25
C GLY E 759 -75.11 42.59 0.90
N ASN E 760 -76.39 42.45 0.57
CA ASN E 760 -77.40 42.12 1.56
C ASN E 760 -77.37 40.62 1.81
N SER E 761 -76.46 39.94 1.13
CA SER E 761 -76.25 38.50 1.29
C SER E 761 -75.34 38.18 2.47
N THR E 762 -75.79 37.24 3.29
CA THR E 762 -74.97 36.73 4.39
C THR E 762 -73.68 36.08 3.89
N ILE E 763 -73.79 35.32 2.80
CA ILE E 763 -72.64 34.62 2.22
C ILE E 763 -71.67 35.58 1.56
N PRO E 764 -70.44 35.69 2.11
CA PRO E 764 -69.44 36.66 1.63
C PRO E 764 -68.93 36.51 0.17
N PRO E 765 -68.75 35.29 -0.37
CA PRO E 765 -68.28 35.26 -1.76
C PRO E 765 -69.31 35.78 -2.76
N PHE E 766 -70.59 35.71 -2.38
CA PHE E 766 -71.67 36.25 -3.21
C PHE E 766 -71.72 37.78 -3.14
N ASN E 767 -70.93 38.36 -2.25
CA ASN E 767 -70.97 39.80 -2.01
C ASN E 767 -69.73 40.52 -2.53
N PRO E 768 -69.89 41.28 -3.63
CA PRO E 768 -68.81 42.08 -4.20
C PRO E 768 -68.63 43.41 -3.46
N ASP E 769 -68.47 43.33 -2.14
CA ASP E 769 -68.16 44.48 -1.31
C ASP E 769 -66.91 44.19 -0.48
N MET E 770 -66.99 43.14 0.33
CA MET E 770 -65.85 42.64 1.10
C MET E 770 -64.67 42.31 0.19
N HIS E 771 -64.97 42.04 -1.08
CA HIS E 771 -63.94 41.82 -2.10
C HIS E 771 -63.51 43.16 -2.70
N GLY E 772 -62.81 43.09 -3.84
CA GLY E 772 -62.25 44.27 -4.46
C GLY E 772 -62.21 44.15 -5.97
N ASP E 773 -61.66 45.16 -6.62
CA ASP E 773 -61.70 45.27 -8.08
C ASP E 773 -61.11 44.04 -8.79
N ASP E 774 -60.11 43.41 -8.19
CA ASP E 774 -59.49 42.23 -8.76
C ASP E 774 -60.48 41.06 -8.86
N SER E 775 -61.46 41.05 -7.96
CA SER E 775 -62.40 39.94 -7.85
C SER E 775 -63.34 39.83 -9.04
N LYS E 776 -63.41 38.64 -9.62
CA LYS E 776 -64.31 38.36 -10.73
C LYS E 776 -65.05 37.06 -10.42
N ALA E 777 -66.18 36.84 -11.08
CA ALA E 777 -67.00 35.67 -10.77
C ALA E 777 -67.60 35.04 -12.03
N VAL E 778 -67.74 33.72 -12.00
CA VAL E 778 -68.27 32.96 -13.12
C VAL E 778 -69.12 31.79 -12.62
N LEU E 779 -70.23 31.52 -13.29
CA LEU E 779 -71.15 30.48 -12.85
C LEU E 779 -71.08 29.25 -13.77
N LEU E 780 -70.72 28.11 -13.20
CA LEU E 780 -70.57 26.88 -13.96
C LEU E 780 -71.80 25.97 -13.84
N PHE E 781 -72.50 25.78 -14.95
CA PHE E 781 -73.61 24.84 -15.01
C PHE E 781 -73.09 23.41 -15.28
N PRO E 782 -73.80 22.38 -14.84
CA PRO E 782 -73.41 20.98 -15.07
C PRO E 782 -73.39 20.47 -16.52
N ASN E 783 -74.15 21.10 -17.41
CA ASN E 783 -74.18 20.77 -18.84
C ASN E 783 -72.88 21.07 -19.57
N GLY E 784 -72.07 21.97 -18.99
CA GLY E 784 -70.87 22.45 -19.66
C GLY E 784 -70.95 23.90 -20.05
N THR E 785 -72.10 24.50 -19.72
CA THR E 785 -72.28 25.91 -20.05
C THR E 785 -71.66 26.81 -18.98
N VAL E 786 -70.81 27.74 -19.43
CA VAL E 786 -70.16 28.67 -18.52
C VAL E 786 -70.64 30.09 -18.80
N VAL E 787 -71.08 30.79 -17.76
CA VAL E 787 -71.75 32.08 -17.90
C VAL E 787 -71.20 33.12 -16.92
N THR E 788 -71.10 34.36 -17.38
CA THR E 788 -70.79 35.49 -16.50
C THR E 788 -72.09 36.14 -16.03
N LEU E 789 -72.16 36.51 -14.75
CA LEU E 789 -73.36 37.13 -14.20
C LEU E 789 -73.22 38.65 -14.17
N LEU F 9 -30.71 -23.49 -10.12
CA LEU F 9 -31.12 -23.52 -8.73
C LEU F 9 -31.05 -24.93 -8.16
N PHE F 10 -31.42 -25.08 -6.88
CA PHE F 10 -31.41 -26.37 -6.21
C PHE F 10 -32.65 -26.51 -5.34
N PHE F 11 -33.39 -27.59 -5.52
CA PHE F 11 -34.62 -27.82 -4.75
C PHE F 11 -34.34 -28.15 -3.29
N GLY F 12 -33.07 -28.36 -2.96
CA GLY F 12 -32.65 -28.55 -1.58
C GLY F 12 -32.30 -29.98 -1.20
N ALA F 13 -32.82 -30.94 -1.94
CA ALA F 13 -32.49 -32.33 -1.66
C ALA F 13 -32.51 -33.21 -2.89
N LYS F 14 -31.52 -34.10 -2.97
CA LYS F 14 -31.58 -35.24 -3.87
C LYS F 14 -31.86 -36.43 -2.95
N PRO F 15 -32.09 -37.62 -3.52
CA PRO F 15 -32.06 -38.72 -2.56
C PRO F 15 -30.65 -39.31 -2.50
N LEU F 16 -30.41 -40.22 -1.56
CA LEU F 16 -29.21 -41.06 -1.55
C LEU F 16 -29.57 -42.34 -0.81
N SER F 17 -29.06 -43.48 -1.27
CA SER F 17 -29.34 -44.75 -0.60
C SER F 17 -28.29 -45.16 0.43
N ASP F 18 -27.12 -44.52 0.40
CA ASP F 18 -26.06 -44.83 1.34
C ASP F 18 -25.55 -43.57 2.04
N VAL F 19 -24.67 -43.76 3.01
CA VAL F 19 -24.01 -42.63 3.67
C VAL F 19 -22.64 -42.37 3.04
N SER F 20 -22.18 -43.31 2.22
CA SER F 20 -20.89 -43.17 1.55
C SER F 20 -21.04 -42.23 0.36
N LEU F 21 -22.28 -42.11 -0.12
CA LEU F 21 -22.59 -41.23 -1.25
C LEU F 21 -22.44 -39.78 -0.83
N ILE F 22 -23.02 -39.44 0.31
CA ILE F 22 -23.04 -38.06 0.81
C ILE F 22 -21.63 -37.50 0.98
N ILE F 23 -20.74 -38.32 1.50
CA ILE F 23 -19.36 -37.92 1.74
C ILE F 23 -18.61 -37.65 0.43
N THR F 24 -18.76 -38.56 -0.53
CA THR F 24 -18.08 -38.42 -1.82
C THR F 24 -18.80 -37.48 -2.78
N GLU F 25 -20.08 -37.22 -2.51
CA GLU F 25 -20.88 -36.30 -3.32
C GLU F 25 -20.22 -34.92 -3.39
N PRO F 26 -20.37 -34.23 -4.53
CA PRO F 26 -19.72 -32.93 -4.72
C PRO F 26 -20.31 -31.85 -3.82
N CYS F 27 -19.79 -30.64 -3.93
CA CYS F 27 -20.23 -29.53 -3.10
C CYS F 27 -21.20 -28.64 -3.87
N VAL F 28 -22.42 -28.53 -3.34
CA VAL F 28 -23.45 -27.67 -3.93
C VAL F 28 -22.92 -26.24 -4.08
N SER F 29 -22.04 -25.84 -3.16
CA SER F 29 -21.39 -24.54 -3.21
C SER F 29 -20.61 -24.37 -4.52
N SER F 30 -19.84 -25.38 -4.88
CA SER F 30 -19.00 -25.32 -6.09
C SER F 30 -19.77 -25.62 -7.37
N VAL F 31 -20.68 -26.59 -7.32
CA VAL F 31 -21.42 -27.02 -8.51
C VAL F 31 -22.41 -25.96 -9.00
N TYR F 32 -23.25 -25.46 -8.10
CA TYR F 32 -24.27 -24.50 -8.47
C TYR F 32 -23.89 -23.07 -8.07
N GLU F 33 -24.80 -22.13 -8.33
CA GLU F 33 -24.60 -20.74 -7.96
C GLU F 33 -25.52 -20.38 -6.81
N ALA F 34 -26.83 -20.45 -7.06
CA ALA F 34 -27.82 -20.20 -6.03
C ALA F 34 -28.53 -21.49 -5.63
N TRP F 35 -28.57 -21.76 -4.32
CA TRP F 35 -29.23 -22.95 -3.80
C TRP F 35 -30.26 -22.58 -2.75
N ASP F 36 -31.17 -23.50 -2.47
CA ASP F 36 -32.17 -23.32 -1.42
C ASP F 36 -32.11 -24.48 -0.45
N TYR F 37 -31.81 -24.20 0.81
CA TYR F 37 -31.84 -25.25 1.83
C TYR F 37 -33.28 -25.74 1.99
N ALA F 38 -33.43 -27.00 2.40
CA ALA F 38 -34.75 -27.59 2.52
C ALA F 38 -34.91 -28.33 3.84
N ALA F 39 -36.16 -28.54 4.24
CA ALA F 39 -36.44 -29.22 5.50
C ALA F 39 -37.35 -30.42 5.24
N PRO F 40 -37.11 -31.51 5.97
CA PRO F 40 -37.89 -32.74 5.81
C PRO F 40 -39.35 -32.52 6.19
N PRO F 41 -40.27 -33.21 5.49
CA PRO F 41 -41.71 -33.08 5.72
C PRO F 41 -42.15 -33.68 7.06
N VAL F 42 -41.27 -34.48 7.67
CA VAL F 42 -41.56 -35.13 8.94
C VAL F 42 -41.86 -34.12 10.04
N SER F 43 -42.70 -34.50 11.00
CA SER F 43 -43.09 -33.63 12.10
C SER F 43 -41.99 -33.56 13.16
N ASN F 44 -41.70 -34.71 13.77
CA ASN F 44 -40.62 -34.81 14.73
C ASN F 44 -39.34 -35.20 13.99
N LEU F 45 -38.35 -34.32 14.05
CA LEU F 45 -37.08 -34.56 13.37
C LEU F 45 -36.40 -35.81 13.93
N SER F 46 -36.54 -36.01 15.23
CA SER F 46 -35.87 -37.09 15.93
C SER F 46 -36.40 -38.49 15.57
N GLU F 47 -37.71 -38.63 15.40
CA GLU F 47 -38.33 -39.91 15.10
C GLU F 47 -37.91 -40.42 13.71
N ALA F 48 -37.25 -39.56 12.96
CA ALA F 48 -36.90 -39.82 11.58
C ALA F 48 -35.40 -39.81 11.35
N LEU F 49 -34.76 -38.68 11.66
CA LEU F 49 -33.36 -38.42 11.30
C LEU F 49 -32.41 -39.54 11.72
N SER F 50 -31.70 -40.09 10.74
CA SER F 50 -30.73 -41.14 11.00
C SER F 50 -29.28 -40.67 11.04
N GLY F 51 -29.03 -39.40 10.72
CA GLY F 51 -27.66 -38.91 10.70
C GLY F 51 -27.44 -37.49 10.19
N ILE F 52 -26.26 -36.96 10.50
CA ILE F 52 -25.89 -35.60 10.13
C ILE F 52 -24.49 -35.58 9.51
N VAL F 53 -24.38 -35.08 8.28
CA VAL F 53 -23.08 -35.00 7.62
C VAL F 53 -22.63 -33.55 7.51
N VAL F 54 -21.38 -33.30 7.91
CA VAL F 54 -20.84 -31.95 7.88
C VAL F 54 -19.65 -31.87 6.92
N LYS F 55 -19.74 -30.97 5.96
CA LYS F 55 -18.62 -30.74 5.03
C LYS F 55 -17.96 -29.41 5.37
N THR F 56 -16.75 -29.48 5.92
CA THR F 56 -16.05 -28.29 6.36
C THR F 56 -15.49 -27.44 5.22
N LYS F 57 -14.71 -28.06 4.35
CA LYS F 57 -13.84 -27.31 3.43
C LYS F 57 -14.49 -26.81 2.14
N CYS F 58 -15.79 -27.06 1.99
CA CYS F 58 -16.53 -26.48 0.87
C CYS F 58 -16.45 -24.96 0.94
N PRO F 59 -16.39 -24.29 -0.23
CA PRO F 59 -16.35 -22.83 -0.32
C PRO F 59 -17.46 -22.18 0.49
N VAL F 60 -18.60 -22.84 0.53
CA VAL F 60 -19.68 -22.51 1.45
C VAL F 60 -19.96 -23.80 2.20
N PRO F 61 -19.34 -23.97 3.39
CA PRO F 61 -19.41 -25.20 4.18
C PRO F 61 -20.85 -25.63 4.33
N GLU F 62 -21.11 -26.94 4.29
CA GLU F 62 -22.49 -27.42 4.23
C GLU F 62 -22.80 -28.54 5.21
N VAL F 63 -24.08 -28.73 5.48
CA VAL F 63 -24.54 -29.72 6.44
C VAL F 63 -25.71 -30.47 5.83
N ILE F 64 -25.64 -31.79 5.85
CA ILE F 64 -26.68 -32.63 5.27
C ILE F 64 -27.35 -33.45 6.35
N LEU F 65 -28.69 -33.46 6.34
CA LEU F 65 -29.44 -34.31 7.25
C LEU F 65 -29.89 -35.53 6.48
N TRP F 66 -29.31 -36.68 6.77
CA TRP F 66 -29.61 -37.89 6.02
C TRP F 66 -30.62 -38.77 6.73
N PHE F 67 -31.54 -39.32 5.93
CA PHE F 67 -32.58 -40.19 6.46
C PHE F 67 -32.45 -41.57 5.83
N LYS F 68 -32.61 -42.61 6.63
CA LYS F 68 -32.46 -43.98 6.16
C LYS F 68 -33.67 -44.47 5.38
N ASP F 69 -34.80 -44.59 6.07
CA ASP F 69 -36.03 -45.13 5.48
C ASP F 69 -36.54 -44.33 4.29
N LYS F 70 -36.52 -43.00 4.42
CA LYS F 70 -36.96 -42.12 3.35
C LYS F 70 -35.94 -42.12 2.21
N GLN F 71 -34.69 -42.41 2.54
CA GLN F 71 -33.58 -42.38 1.59
C GLN F 71 -33.42 -41.00 0.94
N MET F 72 -33.83 -39.96 1.67
CA MET F 72 -33.65 -38.59 1.22
C MET F 72 -32.55 -37.90 2.03
N ALA F 73 -31.80 -37.03 1.36
CA ALA F 73 -30.73 -36.28 2.01
C ALA F 73 -30.98 -34.79 1.85
N TYR F 74 -31.29 -34.11 2.95
CA TYR F 74 -31.65 -32.71 2.89
C TYR F 74 -30.48 -31.80 3.25
N TRP F 75 -30.34 -30.70 2.52
CA TRP F 75 -29.34 -29.69 2.82
C TRP F 75 -30.01 -28.61 3.67
N THR F 76 -29.40 -28.30 4.82
CA THR F 76 -29.96 -27.32 5.74
C THR F 76 -28.92 -26.27 6.08
N ASN F 77 -29.35 -25.16 6.67
CA ASN F 77 -28.44 -24.07 7.02
C ASN F 77 -27.34 -24.58 7.95
N PRO F 78 -26.08 -24.52 7.48
CA PRO F 78 -24.90 -25.08 8.13
C PRO F 78 -24.68 -24.50 9.52
N TYR F 79 -24.76 -23.18 9.62
CA TYR F 79 -24.45 -22.48 10.85
C TYR F 79 -25.60 -22.64 11.86
N VAL F 80 -26.82 -22.47 11.38
CA VAL F 80 -28.01 -22.60 12.23
C VAL F 80 -28.20 -24.02 12.77
N THR F 81 -27.96 -25.02 11.92
CA THR F 81 -28.18 -26.41 12.30
C THR F 81 -27.23 -26.85 13.42
N LEU F 82 -25.95 -26.62 13.22
CA LEU F 82 -24.95 -26.98 14.23
C LEU F 82 -25.10 -26.18 15.51
N LYS F 83 -25.54 -24.92 15.40
CA LYS F 83 -25.82 -24.11 16.57
C LYS F 83 -26.93 -24.77 17.37
N GLY F 84 -28.05 -25.03 16.71
CA GLY F 84 -29.17 -25.73 17.31
C GLY F 84 -28.86 -27.12 17.81
N LEU F 85 -27.83 -27.74 17.24
CA LEU F 85 -27.41 -29.07 17.66
C LEU F 85 -26.68 -28.96 18.99
N THR F 86 -25.56 -28.24 18.99
CA THR F 86 -24.75 -28.06 20.18
C THR F 86 -25.51 -27.45 21.35
N GLN F 87 -26.66 -26.84 21.06
CA GLN F 87 -27.50 -26.26 22.10
C GLN F 87 -28.23 -27.35 22.87
N SER F 88 -29.06 -28.12 22.18
CA SER F 88 -29.86 -29.16 22.82
C SER F 88 -29.02 -30.24 23.50
N VAL F 89 -27.82 -30.48 23.00
CA VAL F 89 -26.94 -31.49 23.59
C VAL F 89 -25.96 -30.83 24.56
N GLY F 90 -26.04 -29.51 24.68
CA GLY F 90 -25.10 -28.75 25.49
C GLY F 90 -25.69 -28.19 26.77
N GLU F 91 -26.91 -28.60 27.09
CA GLU F 91 -27.58 -28.11 28.30
C GLU F 91 -26.84 -28.52 29.58
N GLU F 92 -27.00 -27.72 30.63
CA GLU F 92 -26.33 -27.93 31.91
C GLU F 92 -26.61 -29.30 32.53
N HIS F 93 -27.85 -29.73 32.44
CA HIS F 93 -28.30 -30.96 33.08
C HIS F 93 -27.86 -32.22 32.34
N LYS F 94 -27.45 -32.04 31.09
CA LYS F 94 -27.00 -33.15 30.26
C LYS F 94 -25.69 -33.76 30.77
N SER F 95 -25.68 -35.08 30.92
CA SER F 95 -24.50 -35.78 31.39
C SER F 95 -24.20 -37.05 30.60
N GLY F 96 -22.99 -37.13 30.04
CA GLY F 96 -22.54 -38.34 29.38
C GLY F 96 -21.08 -38.24 28.93
N ASP F 97 -20.44 -39.40 28.77
CA ASP F 97 -19.10 -39.46 28.19
C ASP F 97 -19.18 -39.39 26.66
N ILE F 98 -20.27 -39.94 26.12
CA ILE F 98 -20.55 -39.89 24.70
C ILE F 98 -20.79 -38.44 24.29
N ARG F 99 -21.62 -37.76 25.07
CA ARG F 99 -21.97 -36.36 24.85
C ARG F 99 -20.74 -35.46 24.78
N ASP F 100 -19.73 -35.77 25.59
CA ASP F 100 -18.49 -34.99 25.60
C ASP F 100 -17.75 -35.12 24.27
N ALA F 101 -17.86 -36.29 23.65
CA ALA F 101 -17.22 -36.54 22.36
C ALA F 101 -17.90 -35.73 21.27
N LEU F 102 -19.24 -35.66 21.33
CA LEU F 102 -20.01 -34.80 20.45
C LEU F 102 -19.48 -33.38 20.50
N LEU F 103 -19.39 -32.84 21.71
CA LEU F 103 -18.93 -31.47 21.93
C LEU F 103 -17.48 -31.30 21.46
N ASP F 104 -16.67 -32.34 21.66
CA ASP F 104 -15.28 -32.36 21.18
C ASP F 104 -15.20 -32.16 19.66
N ALA F 105 -16.14 -32.77 18.94
CA ALA F 105 -16.21 -32.63 17.49
C ALA F 105 -16.84 -31.29 17.11
N LEU F 106 -17.88 -30.93 17.86
CA LEU F 106 -18.65 -29.70 17.70
C LEU F 106 -17.89 -28.45 18.17
N SER F 107 -16.65 -28.68 18.59
CA SER F 107 -15.78 -27.76 19.33
C SER F 107 -15.16 -26.61 18.53
N GLY F 108 -15.75 -26.19 17.42
CA GLY F 108 -14.98 -25.43 16.47
C GLY F 108 -14.95 -26.05 15.10
N VAL F 109 -16.03 -26.77 14.78
CA VAL F 109 -16.17 -27.48 13.51
C VAL F 109 -15.66 -26.62 12.37
N TRP F 110 -16.10 -25.37 12.26
CA TRP F 110 -15.46 -24.54 11.25
C TRP F 110 -14.52 -23.49 11.88
N VAL F 111 -13.27 -23.88 12.12
CA VAL F 111 -12.21 -22.93 12.41
C VAL F 111 -11.58 -22.51 11.09
N ASP F 112 -11.45 -23.51 10.23
CA ASP F 112 -10.76 -23.42 8.94
C ASP F 112 -11.56 -22.84 7.79
N SER F 113 -12.83 -23.24 7.68
CA SER F 113 -13.64 -22.85 6.51
C SER F 113 -14.04 -21.38 6.48
N THR F 114 -14.69 -20.99 5.40
CA THR F 114 -15.04 -19.60 5.13
C THR F 114 -15.97 -18.99 6.18
N PRO F 115 -15.78 -17.69 6.47
CA PRO F 115 -16.56 -16.96 7.47
C PRO F 115 -18.03 -16.88 7.12
N SER F 116 -18.88 -16.58 8.10
CA SER F 116 -20.29 -16.36 7.83
C SER F 116 -20.49 -14.97 7.25
N SER F 117 -21.70 -14.67 6.81
CA SER F 117 -22.00 -13.39 6.16
C SER F 117 -21.91 -12.19 7.10
N THR F 118 -21.27 -11.13 6.64
CA THR F 118 -21.38 -9.83 7.29
C THR F 118 -22.39 -8.97 6.54
N ASN F 119 -22.99 -9.56 5.51
CA ASN F 119 -23.83 -8.82 4.57
C ASN F 119 -25.20 -8.39 5.07
N ILE F 120 -25.69 -7.30 4.49
CA ILE F 120 -27.03 -6.81 4.74
C ILE F 120 -27.97 -7.63 3.86
N PRO F 121 -29.17 -7.95 4.36
CA PRO F 121 -30.07 -8.68 3.45
C PRO F 121 -30.66 -7.74 2.40
N GLU F 122 -31.39 -8.30 1.45
CA GLU F 122 -32.05 -7.48 0.43
C GLU F 122 -33.35 -6.91 0.95
N ASN F 123 -33.79 -5.80 0.36
CA ASN F 123 -35.03 -5.16 0.77
C ASN F 123 -36.25 -5.97 0.36
N GLY F 124 -37.44 -5.43 0.62
CA GLY F 124 -38.67 -6.13 0.31
C GLY F 124 -39.40 -6.62 1.54
N CYS F 125 -40.70 -6.86 1.39
CA CYS F 125 -41.55 -7.30 2.48
C CYS F 125 -41.12 -8.67 3.00
N VAL F 126 -41.49 -8.99 4.23
CA VAL F 126 -41.23 -10.31 4.78
C VAL F 126 -42.52 -10.92 5.31
N TRP F 127 -42.73 -12.19 5.01
CA TRP F 127 -43.89 -12.92 5.52
C TRP F 127 -43.53 -13.48 6.90
N GLY F 128 -44.43 -14.27 7.48
CA GLY F 128 -44.20 -14.86 8.79
C GLY F 128 -43.56 -16.22 8.68
N ALA F 129 -43.82 -17.08 9.65
CA ALA F 129 -43.24 -18.41 9.70
C ALA F 129 -43.95 -19.38 8.76
N ASP F 130 -45.20 -19.08 8.42
CA ASP F 130 -46.02 -20.00 7.62
C ASP F 130 -45.34 -20.35 6.30
N ARG F 131 -45.15 -19.33 5.46
CA ARG F 131 -44.28 -19.46 4.29
C ARG F 131 -42.97 -18.88 4.77
N LEU F 132 -41.95 -19.72 4.91
CA LEU F 132 -40.80 -19.33 5.74
C LEU F 132 -40.11 -18.11 5.15
N PHE F 133 -40.21 -17.02 5.90
CA PHE F 133 -39.56 -15.74 5.61
C PHE F 133 -39.48 -15.44 4.11
N GLN F 134 -40.67 -15.33 3.52
CA GLN F 134 -40.85 -15.21 2.09
C GLN F 134 -40.94 -13.75 1.76
N ARG F 135 -40.41 -13.34 0.60
CA ARG F 135 -40.49 -11.95 0.26
C ARG F 135 -41.67 -11.78 -0.68
N VAL F 136 -42.78 -11.35 -0.09
CA VAL F 136 -44.04 -11.06 -0.76
C VAL F 136 -44.73 -10.10 0.21
N CYS F 137 -45.64 -9.28 -0.30
CA CYS F 137 -46.42 -8.42 0.58
C CYS F 137 -47.81 -9.02 0.83
N GLN F 138 -48.57 -9.22 -0.24
CA GLN F 138 -49.89 -9.83 -0.12
C GLN F 138 -50.23 -10.69 -1.34
N ASP G 1 -12.57 2.71 31.66
CA ASP G 1 -11.77 1.50 31.72
C ASP G 1 -12.07 0.68 32.97
N ILE G 2 -12.61 -0.52 32.77
CA ILE G 2 -12.96 -1.40 33.89
C ILE G 2 -11.71 -2.02 34.50
N GLN G 3 -11.59 -1.90 35.82
CA GLN G 3 -10.47 -2.49 36.55
C GLN G 3 -10.83 -3.87 37.09
N MET G 4 -9.87 -4.79 37.05
CA MET G 4 -10.14 -6.17 37.44
C MET G 4 -9.32 -6.53 38.67
N THR G 5 -9.98 -7.17 39.64
CA THR G 5 -9.33 -7.55 40.89
C THR G 5 -9.35 -9.06 41.05
N GLN G 6 -8.25 -9.63 41.52
CA GLN G 6 -8.18 -11.06 41.80
C GLN G 6 -7.75 -11.35 43.23
N SER G 7 -8.43 -12.30 43.87
CA SER G 7 -8.02 -12.77 45.18
C SER G 7 -8.21 -14.27 45.27
N PRO G 8 -7.25 -14.97 45.90
CA PRO G 8 -6.01 -14.42 46.47
C PRO G 8 -5.02 -14.09 45.36
N SER G 9 -4.00 -13.28 45.67
CA SER G 9 -2.95 -13.00 44.70
C SER G 9 -1.97 -14.16 44.66
N PHE G 10 -1.75 -14.78 45.82
CA PHE G 10 -0.84 -15.91 45.95
C PHE G 10 -1.52 -16.93 46.85
N LEU G 11 -1.36 -18.21 46.51
CA LEU G 11 -1.79 -19.29 47.39
C LEU G 11 -0.97 -20.54 47.13
N SER G 12 -0.84 -21.38 48.14
CA SER G 12 -0.23 -22.69 47.97
C SER G 12 -1.13 -23.74 48.59
N ALA G 13 -1.26 -24.87 47.90
CA ALA G 13 -2.15 -25.93 48.37
C ALA G 13 -1.50 -27.28 48.11
N SER G 14 -2.24 -28.34 48.40
CA SER G 14 -1.72 -29.70 48.27
C SER G 14 -2.51 -30.47 47.22
N VAL G 15 -1.90 -31.53 46.69
CA VAL G 15 -2.55 -32.36 45.68
C VAL G 15 -3.85 -32.94 46.21
N GLY G 16 -4.93 -32.73 45.47
CA GLY G 16 -6.23 -33.26 45.87
C GLY G 16 -7.13 -32.20 46.47
N ASP G 17 -6.57 -31.04 46.79
CA ASP G 17 -7.33 -29.97 47.41
C ASP G 17 -8.30 -29.32 46.44
N ARG G 18 -9.05 -28.33 46.91
CA ARG G 18 -9.91 -27.55 46.06
C ARG G 18 -9.50 -26.08 46.17
N VAL G 19 -8.99 -25.54 45.07
CA VAL G 19 -8.54 -24.16 45.05
C VAL G 19 -9.64 -23.28 44.50
N THR G 20 -9.92 -22.17 45.18
CA THR G 20 -10.94 -21.22 44.73
C THR G 20 -10.34 -19.83 44.58
N ILE G 21 -10.28 -19.38 43.34
CA ILE G 21 -9.75 -18.05 43.02
C ILE G 21 -10.90 -17.15 42.58
N THR G 22 -10.84 -15.87 42.95
CA THR G 22 -11.95 -14.95 42.71
C THR G 22 -11.58 -13.83 41.75
N CYS G 23 -12.58 -13.30 41.06
CA CYS G 23 -12.37 -12.19 40.13
C CYS G 23 -13.39 -11.08 40.39
N ARG G 24 -12.95 -9.83 40.33
CA ARG G 24 -13.81 -8.69 40.64
C ARG G 24 -13.68 -7.60 39.59
N ALA G 25 -14.81 -7.09 39.11
CA ALA G 25 -14.83 -6.05 38.09
C ALA G 25 -15.37 -4.71 38.62
N SER G 26 -14.91 -3.61 38.04
CA SER G 26 -15.38 -2.27 38.42
C SER G 26 -16.89 -2.11 38.22
N GLN G 27 -17.42 -2.80 37.21
CA GLN G 27 -18.86 -2.79 36.97
C GLN G 27 -19.29 -4.05 36.24
N GLY G 28 -20.59 -4.19 36.02
CA GLY G 28 -21.17 -5.43 35.52
C GLY G 28 -20.67 -5.89 34.17
N LEU G 29 -20.12 -7.10 34.13
CA LEU G 29 -19.66 -7.70 32.87
C LEU G 29 -20.72 -8.66 32.31
N ASP G 30 -21.80 -8.84 33.05
CA ASP G 30 -22.85 -9.81 32.69
C ASP G 30 -22.26 -11.21 32.46
N ASN G 31 -22.40 -11.69 31.23
CA ASN G 31 -21.98 -13.04 30.86
C ASN G 31 -20.49 -13.14 30.52
N PHE G 32 -19.86 -12.01 30.22
CA PHE G 32 -18.59 -12.05 29.52
C PHE G 32 -17.37 -12.02 30.45
N LEU G 33 -16.71 -13.16 30.59
CA LEU G 33 -15.44 -13.26 31.31
C LEU G 33 -14.68 -14.51 30.87
N ALA G 34 -13.35 -14.48 30.96
CA ALA G 34 -12.53 -15.64 30.61
C ALA G 34 -11.52 -15.97 31.71
N TRP G 35 -11.04 -17.21 31.71
CA TRP G 35 -10.02 -17.65 32.67
C TRP G 35 -8.85 -18.32 31.94
N TYR G 36 -7.64 -17.86 32.22
CA TYR G 36 -6.46 -18.40 31.55
C TYR G 36 -5.47 -19.07 32.51
N GLN G 37 -4.71 -20.02 31.99
CA GLN G 37 -3.67 -20.70 32.76
C GLN G 37 -2.32 -20.47 32.10
N GLN G 38 -1.43 -19.77 32.78
CA GLN G 38 -0.10 -19.52 32.24
C GLN G 38 0.98 -20.22 33.07
N LYS G 39 1.58 -21.25 32.48
CA LYS G 39 2.68 -21.96 33.12
C LYS G 39 3.96 -21.13 32.97
N PRO G 40 4.96 -21.36 33.83
CA PRO G 40 6.18 -20.55 33.75
C PRO G 40 6.91 -20.75 32.43
N GLY G 41 7.26 -19.63 31.78
CA GLY G 41 8.02 -19.69 30.53
C GLY G 41 7.19 -20.01 29.31
N LYS G 42 5.96 -20.49 29.52
CA LYS G 42 5.08 -20.85 28.41
C LYS G 42 4.00 -19.81 28.16
N ALA G 43 3.17 -20.06 27.14
CA ALA G 43 2.11 -19.14 26.77
C ALA G 43 0.82 -19.47 27.51
N PRO G 44 0.02 -18.43 27.82
CA PRO G 44 -1.29 -18.59 28.45
C PRO G 44 -2.20 -19.54 27.68
N LYS G 45 -3.06 -20.25 28.40
CA LYS G 45 -3.97 -21.22 27.81
C LYS G 45 -5.40 -20.93 28.26
N LEU G 46 -6.34 -20.90 27.31
CA LEU G 46 -7.72 -20.62 27.65
C LEU G 46 -8.37 -21.82 28.34
N LEU G 47 -9.07 -21.54 29.43
CA LEU G 47 -9.73 -22.58 30.20
C LEU G 47 -11.25 -22.43 30.09
N ILE G 48 -11.75 -21.30 30.61
CA ILE G 48 -13.18 -21.03 30.64
C ILE G 48 -13.46 -19.79 29.79
N TYR G 49 -14.07 -19.94 28.61
CA TYR G 49 -14.23 -18.78 27.72
C TYR G 49 -15.39 -17.86 28.09
N ALA G 50 -16.56 -18.42 28.34
CA ALA G 50 -17.65 -17.66 28.94
C ALA G 50 -17.39 -17.89 30.42
N ALA G 51 -18.19 -17.30 31.29
CA ALA G 51 -17.99 -17.50 32.73
C ALA G 51 -18.18 -18.96 33.15
N SER G 52 -19.21 -19.59 32.62
CA SER G 52 -19.55 -20.96 33.00
C SER G 52 -19.04 -22.10 32.09
N THR G 53 -18.51 -21.78 30.92
CA THR G 53 -18.24 -22.82 29.93
C THR G 53 -16.78 -23.31 29.90
N LEU G 54 -16.60 -24.62 29.85
CA LEU G 54 -15.26 -25.21 29.85
C LEU G 54 -14.83 -25.46 28.42
N GLN G 55 -13.72 -24.84 28.03
CA GLN G 55 -13.15 -25.05 26.71
C GLN G 55 -12.81 -26.52 26.51
N ARG G 56 -13.23 -27.06 25.37
CA ARG G 56 -12.96 -28.46 25.05
C ARG G 56 -11.45 -28.74 25.01
N GLY G 57 -11.04 -29.81 25.68
CA GLY G 57 -9.63 -30.18 25.77
C GLY G 57 -9.03 -29.85 27.12
N VAL G 58 -9.67 -28.92 27.84
CA VAL G 58 -9.28 -28.56 29.19
C VAL G 58 -9.87 -29.55 30.20
N PRO G 59 -9.05 -30.00 31.17
CA PRO G 59 -9.47 -30.99 32.18
C PRO G 59 -10.73 -30.59 32.94
N SER G 60 -11.54 -31.60 33.31
CA SER G 60 -12.82 -31.36 34.00
C SER G 60 -12.67 -30.80 35.41
N ARG G 61 -11.46 -30.88 35.96
CA ARG G 61 -11.18 -30.38 37.30
C ARG G 61 -11.38 -28.87 37.38
N PHE G 62 -11.26 -28.20 36.24
CA PHE G 62 -11.47 -26.76 36.18
C PHE G 62 -12.92 -26.44 35.90
N GLY G 63 -13.47 -25.51 36.66
CA GLY G 63 -14.83 -25.06 36.45
C GLY G 63 -14.91 -23.59 36.83
N GLY G 64 -15.98 -22.93 36.43
CA GLY G 64 -16.16 -21.54 36.78
C GLY G 64 -17.61 -21.16 36.91
N SER G 65 -17.86 -20.12 37.70
CA SER G 65 -19.21 -19.68 37.99
C SER G 65 -19.17 -18.20 38.35
N GLY G 66 -20.27 -17.50 38.13
CA GLY G 66 -20.32 -16.09 38.45
C GLY G 66 -21.26 -15.31 37.58
N SER G 67 -21.36 -14.02 37.85
CA SER G 67 -22.21 -13.10 37.11
C SER G 67 -21.99 -11.72 37.69
N GLY G 68 -22.38 -10.68 36.95
CA GLY G 68 -22.21 -9.32 37.41
C GLY G 68 -20.75 -8.95 37.64
N THR G 69 -20.45 -8.50 38.84
CA THR G 69 -19.10 -8.02 39.16
C THR G 69 -18.22 -9.08 39.83
N GLU G 70 -18.78 -10.25 40.10
CA GLU G 70 -18.04 -11.27 40.84
C GLU G 70 -18.00 -12.62 40.13
N PHE G 71 -16.79 -13.16 39.98
CA PHE G 71 -16.59 -14.44 39.31
C PHE G 71 -15.60 -15.29 40.10
N THR G 72 -15.80 -16.60 40.08
CA THR G 72 -14.93 -17.50 40.82
C THR G 72 -14.51 -18.73 40.02
N LEU G 73 -13.19 -18.94 39.92
CA LEU G 73 -12.63 -20.13 39.29
C LEU G 73 -12.31 -21.16 40.37
N THR G 74 -12.75 -22.40 40.16
CA THR G 74 -12.50 -23.46 41.13
C THR G 74 -11.82 -24.67 40.48
N ILE G 75 -10.69 -25.07 41.05
CA ILE G 75 -10.04 -26.32 40.66
C ILE G 75 -10.52 -27.37 41.64
N SER G 76 -11.31 -28.32 41.15
CA SER G 76 -12.00 -29.26 42.03
C SER G 76 -11.03 -30.16 42.77
N SER G 77 -10.07 -30.73 42.05
CA SER G 77 -9.03 -31.54 42.66
C SER G 77 -7.68 -31.11 42.10
N LEU G 78 -6.84 -30.55 42.97
CA LEU G 78 -5.56 -30.00 42.54
C LEU G 78 -4.55 -31.09 42.21
N GLN G 79 -3.75 -30.86 41.17
CA GLN G 79 -2.72 -31.79 40.76
C GLN G 79 -1.40 -31.02 40.69
N PRO G 80 -0.26 -31.72 40.74
CA PRO G 80 1.04 -31.04 40.74
C PRO G 80 1.27 -30.22 39.46
N GLU G 81 0.69 -30.69 38.37
CA GLU G 81 0.84 -30.07 37.06
C GLU G 81 0.17 -28.71 36.97
N ASP G 82 -0.78 -28.47 37.88
CA ASP G 82 -1.57 -27.25 37.88
C ASP G 82 -0.80 -26.02 38.32
N PHE G 83 0.45 -26.20 38.73
CA PHE G 83 1.27 -25.06 39.14
C PHE G 83 1.39 -24.08 37.98
N ALA G 84 0.91 -22.86 38.22
CA ALA G 84 0.85 -21.82 37.20
C ALA G 84 0.38 -20.52 37.84
N THR G 85 0.21 -19.48 37.03
CA THR G 85 -0.54 -18.31 37.45
C THR G 85 -1.81 -18.19 36.62
N TYR G 86 -2.92 -17.85 37.26
CA TYR G 86 -4.21 -17.83 36.58
C TYR G 86 -4.75 -16.41 36.44
N TYR G 87 -5.14 -16.05 35.23
CA TYR G 87 -5.65 -14.70 34.97
C TYR G 87 -7.12 -14.78 34.57
N CYS G 88 -7.88 -13.74 34.93
CA CYS G 88 -9.24 -13.60 34.44
C CYS G 88 -9.27 -12.41 33.50
N GLN G 89 -10.13 -12.45 32.49
CA GLN G 89 -10.15 -11.39 31.49
C GLN G 89 -11.55 -10.89 31.14
N GLN G 90 -11.69 -9.58 31.01
CA GLN G 90 -12.91 -8.95 30.53
C GLN G 90 -13.11 -9.32 29.07
N LEU G 91 -14.36 -9.55 28.69
CA LEU G 91 -14.69 -9.91 27.31
C LEU G 91 -15.67 -8.92 26.68
N ASN G 92 -15.63 -8.85 25.34
CA ASN G 92 -16.65 -8.14 24.57
C ASN G 92 -16.72 -6.64 24.84
N SER G 93 -15.56 -5.99 24.89
CA SER G 93 -15.51 -4.53 25.00
C SER G 93 -14.40 -3.95 24.14
N TYR G 94 -14.42 -2.64 23.94
CA TYR G 94 -13.41 -1.96 23.14
C TYR G 94 -12.04 -1.95 23.84
N SER G 95 -12.05 -2.04 25.16
CA SER G 95 -10.82 -2.15 25.94
C SER G 95 -10.85 -3.38 26.81
N LEU G 96 -9.94 -4.31 26.56
CA LEU G 96 -9.90 -5.58 27.28
C LEU G 96 -8.85 -5.58 28.39
N THR G 97 -9.30 -5.68 29.63
CA THR G 97 -8.39 -5.66 30.78
C THR G 97 -8.22 -7.04 31.41
N PHE G 98 -7.01 -7.29 31.93
CA PHE G 98 -6.69 -8.57 32.56
C PHE G 98 -6.61 -8.40 34.08
N GLY G 99 -6.99 -9.45 34.81
CA GLY G 99 -6.79 -9.47 36.25
C GLY G 99 -5.31 -9.56 36.57
N PRO G 100 -4.93 -9.13 37.79
CA PRO G 100 -3.53 -9.12 38.22
C PRO G 100 -2.94 -10.53 38.29
N GLY G 101 -3.80 -11.54 38.36
CA GLY G 101 -3.35 -12.92 38.36
C GLY G 101 -3.19 -13.52 39.76
N THR G 102 -3.21 -14.85 39.81
CA THR G 102 -3.02 -15.57 41.06
C THR G 102 -2.00 -16.70 40.92
N LYS G 103 -0.89 -16.58 41.64
CA LYS G 103 0.13 -17.62 41.65
C LYS G 103 -0.35 -18.77 42.53
N VAL G 104 -0.24 -19.99 42.02
CA VAL G 104 -0.65 -21.16 42.77
C VAL G 104 0.50 -22.16 42.83
N GLU G 105 1.01 -22.39 44.03
CA GLU G 105 2.10 -23.34 44.24
C GLU G 105 1.57 -24.67 44.75
N ILE G 106 2.48 -25.63 44.94
CA ILE G 106 2.11 -26.96 45.37
C ILE G 106 2.90 -27.35 46.61
N LYS G 107 2.21 -27.57 47.72
CA LYS G 107 2.85 -28.04 48.94
C LYS G 107 2.93 -29.57 48.89
N ARG G 108 4.06 -30.11 49.34
CA ARG G 108 4.31 -31.54 49.19
C ARG G 108 3.91 -32.29 50.46
N ARG G 109 3.32 -33.47 50.28
CA ARG G 109 2.93 -34.32 51.40
C ARG G 109 4.16 -34.86 52.14
N THR G 110 5.24 -35.09 51.40
CA THR G 110 6.44 -35.69 51.97
C THR G 110 7.66 -34.81 51.71
N VAL G 111 8.79 -35.19 52.31
CA VAL G 111 10.04 -34.46 52.11
C VAL G 111 11.00 -35.29 51.27
N ALA G 112 11.49 -34.71 50.18
CA ALA G 112 12.39 -35.42 49.27
C ALA G 112 13.82 -34.96 49.47
N ALA G 113 14.73 -35.92 49.59
CA ALA G 113 16.13 -35.61 49.86
C ALA G 113 16.88 -35.20 48.60
N PRO G 114 17.70 -34.14 48.69
CA PRO G 114 18.51 -33.62 47.59
C PRO G 114 19.66 -34.54 47.22
N SER G 115 19.93 -34.67 45.93
CA SER G 115 21.11 -35.39 45.47
C SER G 115 22.24 -34.38 45.30
N VAL G 116 23.25 -34.50 46.15
CA VAL G 116 24.32 -33.49 46.18
C VAL G 116 25.43 -33.81 45.18
N PHE G 117 25.63 -32.90 44.23
CA PHE G 117 26.71 -33.01 43.27
C PHE G 117 27.59 -31.76 43.26
N ILE G 118 28.87 -31.95 42.91
CA ILE G 118 29.78 -30.83 42.79
C ILE G 118 30.61 -30.94 41.51
N PHE G 119 30.60 -29.91 40.67
CA PHE G 119 31.38 -29.94 39.45
C PHE G 119 32.45 -28.88 39.47
N PRO G 120 33.71 -29.27 39.72
CA PRO G 120 34.84 -28.34 39.74
C PRO G 120 35.33 -27.71 38.42
N PRO G 121 35.54 -28.52 37.35
CA PRO G 121 36.44 -27.99 36.32
C PRO G 121 35.90 -26.85 35.44
N SER G 122 36.63 -25.74 35.34
CA SER G 122 36.52 -24.91 34.15
C SER G 122 37.88 -24.90 33.46
N ASP G 123 38.06 -25.72 32.43
CA ASP G 123 39.38 -25.86 31.81
C ASP G 123 39.77 -24.67 30.95
N GLU G 124 38.91 -24.35 30.01
CA GLU G 124 39.12 -23.26 29.05
C GLU G 124 39.01 -21.90 29.72
N GLN G 125 38.19 -21.82 30.76
CA GLN G 125 37.95 -20.56 31.45
C GLN G 125 39.10 -20.22 32.39
N LEU G 126 39.78 -21.25 32.88
CA LEU G 126 40.85 -21.08 33.87
C LEU G 126 41.95 -20.17 33.35
N LYS G 127 42.20 -20.23 32.04
CA LYS G 127 43.23 -19.38 31.43
C LYS G 127 42.66 -18.05 30.95
N SER G 128 41.37 -17.84 31.18
CA SER G 128 40.73 -16.58 30.81
C SER G 128 40.70 -15.61 32.00
N GLY G 129 41.17 -16.08 33.14
CA GLY G 129 41.26 -15.24 34.33
C GLY G 129 40.16 -15.51 35.34
N THR G 130 39.33 -16.52 35.07
CA THR G 130 38.25 -16.87 35.99
C THR G 130 38.09 -18.40 36.09
N ALA G 131 37.63 -18.86 37.25
CA ALA G 131 37.37 -20.28 37.46
C ALA G 131 35.99 -20.46 38.04
N SER G 132 35.20 -21.35 37.43
CA SER G 132 33.81 -21.51 37.83
C SER G 132 33.55 -22.91 38.38
N VAL G 133 33.26 -22.99 39.68
CA VAL G 133 32.88 -24.25 40.30
C VAL G 133 31.43 -24.21 40.74
N VAL G 134 30.57 -24.91 40.01
CA VAL G 134 29.16 -25.01 40.37
C VAL G 134 28.91 -26.10 41.40
N CYS G 135 27.82 -25.96 42.16
CA CYS G 135 27.34 -27.03 43.02
C CYS G 135 25.88 -27.33 42.70
N LEU G 136 25.52 -28.60 42.63
CA LEU G 136 24.20 -28.98 42.17
C LEU G 136 23.32 -29.53 43.29
N LEU G 137 22.10 -28.99 43.36
CA LEU G 137 21.07 -29.50 44.27
C LEU G 137 19.87 -29.96 43.45
N ASN G 138 19.60 -31.26 43.46
CA ASN G 138 18.58 -31.84 42.59
C ASN G 138 17.42 -32.50 43.31
N ASN G 139 16.20 -32.16 42.89
CA ASN G 139 14.97 -32.81 43.37
C ASN G 139 14.76 -32.78 44.89
N PHE G 140 14.79 -31.59 45.48
CA PHE G 140 14.59 -31.47 46.93
C PHE G 140 13.37 -30.62 47.30
N TYR G 141 12.82 -30.88 48.48
CA TYR G 141 11.75 -30.07 49.05
C TYR G 141 11.94 -30.00 50.56
N PRO G 142 11.65 -28.84 51.18
CA PRO G 142 11.18 -27.58 50.59
C PRO G 142 12.29 -26.76 49.92
N ARG G 143 11.93 -25.55 49.52
CA ARG G 143 12.82 -24.69 48.73
C ARG G 143 14.11 -24.24 49.43
N GLU G 144 13.97 -23.65 50.61
CA GLU G 144 15.10 -22.98 51.26
C GLU G 144 16.26 -23.90 51.62
N ALA G 145 17.44 -23.58 51.07
CA ALA G 145 18.70 -24.16 51.50
C ALA G 145 19.79 -23.11 51.28
N LYS G 146 20.71 -22.98 52.23
CA LYS G 146 21.81 -22.03 52.04
C LYS G 146 23.14 -22.77 51.87
N VAL G 147 23.85 -22.43 50.80
CA VAL G 147 25.10 -23.09 50.45
C VAL G 147 26.34 -22.29 50.85
N GLN G 148 27.31 -22.99 51.45
CA GLN G 148 28.59 -22.38 51.84
C GLN G 148 29.71 -23.23 51.26
N TRP G 149 30.95 -22.78 51.43
CA TRP G 149 32.09 -23.50 50.86
C TRP G 149 33.22 -23.68 51.88
N LYS G 150 34.28 -24.39 51.47
CA LYS G 150 35.43 -24.62 52.34
C LYS G 150 36.29 -23.37 52.39
N VAL G 151 36.18 -22.54 51.35
CA VAL G 151 36.78 -21.22 51.34
C VAL G 151 35.83 -20.35 52.17
N ASP G 152 36.21 -19.11 52.43
CA ASP G 152 35.31 -18.17 53.08
C ASP G 152 34.12 -17.98 52.15
N ASN G 153 32.93 -17.89 52.73
CA ASN G 153 31.68 -17.90 51.98
C ASN G 153 31.35 -16.55 51.37
N ALA G 154 32.28 -15.60 51.51
CA ALA G 154 32.08 -14.22 51.11
C ALA G 154 31.58 -14.09 49.66
N LEU G 155 30.67 -13.15 49.45
CA LEU G 155 30.16 -12.84 48.11
C LEU G 155 31.29 -12.47 47.16
N SER G 163 20.63 -19.63 41.90
CA SER G 163 19.71 -19.98 40.83
C SER G 163 18.75 -21.09 41.27
N VAL G 164 17.48 -20.74 41.42
CA VAL G 164 16.46 -21.69 41.88
C VAL G 164 15.52 -22.09 40.76
N THR G 165 15.44 -23.39 40.48
CA THR G 165 14.55 -23.89 39.43
C THR G 165 13.10 -23.71 39.87
N GLU G 166 12.21 -23.43 38.91
CA GLU G 166 10.78 -23.39 39.19
C GLU G 166 10.31 -24.78 39.57
N GLN G 167 9.23 -24.85 40.33
CA GLN G 167 8.71 -26.12 40.84
C GLN G 167 8.45 -27.14 39.73
N ASP G 168 8.90 -28.37 39.95
CA ASP G 168 8.72 -29.43 38.98
C ASP G 168 7.23 -29.76 38.79
N SER G 169 6.79 -29.78 37.54
CA SER G 169 5.38 -29.98 37.24
C SER G 169 4.92 -31.42 37.46
N LYS G 170 5.86 -32.31 37.75
CA LYS G 170 5.54 -33.69 38.03
C LYS G 170 5.65 -34.04 39.51
N ASP G 171 6.87 -33.95 40.05
CA ASP G 171 7.15 -34.36 41.42
C ASP G 171 7.15 -33.23 42.44
N SER G 172 6.87 -32.01 41.99
CA SER G 172 6.78 -30.84 42.87
C SER G 172 8.12 -30.43 43.50
N THR G 173 9.19 -31.12 43.10
CA THR G 173 10.53 -30.89 43.66
C THR G 173 11.18 -29.59 43.18
N TYR G 174 12.21 -29.16 43.91
CA TYR G 174 13.00 -27.97 43.56
C TYR G 174 14.43 -28.34 43.22
N SER G 175 15.10 -27.47 42.45
CA SER G 175 16.51 -27.64 42.14
C SER G 175 17.27 -26.31 42.26
N LEU G 176 18.45 -26.35 42.89
CA LEU G 176 19.23 -25.15 43.16
C LEU G 176 20.66 -25.28 42.66
N SER G 177 21.23 -24.16 42.19
CA SER G 177 22.65 -24.13 41.79
C SER G 177 23.34 -22.86 42.29
N SER G 178 24.37 -23.04 43.11
CA SER G 178 25.18 -21.91 43.59
C SER G 178 26.58 -21.97 42.97
N THR G 179 26.88 -21.01 42.10
CA THR G 179 28.12 -21.03 41.33
C THR G 179 29.22 -20.20 42.02
N LEU G 180 30.41 -20.79 42.12
CA LEU G 180 31.55 -20.11 42.70
C LEU G 180 32.53 -19.68 41.60
N THR G 181 32.68 -18.37 41.43
CA THR G 181 33.56 -17.83 40.40
C THR G 181 34.57 -16.83 40.96
N LEU G 182 35.85 -17.19 40.90
CA LEU G 182 36.92 -16.28 41.29
C LEU G 182 37.80 -15.91 40.10
N VAL G 192 41.28 -24.80 49.78
CA VAL G 192 40.34 -25.89 49.98
C VAL G 192 38.94 -25.50 49.50
N TYR G 193 38.35 -26.32 48.65
CA TYR G 193 37.02 -26.05 48.13
C TYR G 193 36.08 -27.25 48.34
N ALA G 194 34.95 -26.99 49.00
CA ALA G 194 33.95 -28.02 49.26
C ALA G 194 32.56 -27.40 49.19
N CYS G 195 31.56 -28.21 48.83
CA CYS G 195 30.19 -27.72 48.82
C CYS G 195 29.40 -28.28 50.00
N GLU G 196 29.00 -27.41 50.91
CA GLU G 196 28.28 -27.83 52.12
C GLU G 196 26.83 -27.36 52.09
N VAL G 197 25.91 -28.32 51.94
CA VAL G 197 24.50 -28.01 51.80
C VAL G 197 23.71 -28.45 53.04
N THR G 198 22.83 -27.58 53.52
CA THR G 198 21.98 -27.88 54.66
C THR G 198 20.51 -28.04 54.29
N HIS G 199 20.00 -29.27 54.42
CA HIS G 199 18.61 -29.55 54.08
C HIS G 199 17.99 -30.55 55.08
N GLN G 200 16.71 -30.38 55.33
CA GLN G 200 16.01 -31.18 56.34
C GLN G 200 15.75 -32.63 55.92
N GLY G 201 16.03 -32.94 54.66
CA GLY G 201 15.83 -34.28 54.16
C GLY G 201 17.08 -35.14 54.30
N LEU G 202 18.09 -34.57 54.96
CA LEU G 202 19.35 -35.26 55.19
C LEU G 202 19.68 -35.27 56.68
N SER G 203 20.25 -36.39 57.14
CA SER G 203 20.58 -36.57 58.56
C SER G 203 21.46 -35.46 59.12
N SER G 204 22.57 -35.19 58.44
CA SER G 204 23.51 -34.14 58.85
C SER G 204 23.94 -33.34 57.64
N PRO G 205 24.52 -32.14 57.87
CA PRO G 205 24.97 -31.31 56.74
C PRO G 205 26.15 -31.95 56.04
N VAL G 206 25.86 -32.73 54.99
CA VAL G 206 26.89 -33.49 54.29
C VAL G 206 27.54 -32.67 53.17
N THR G 207 28.87 -32.77 53.08
CA THR G 207 29.64 -32.00 52.12
C THR G 207 30.46 -32.90 51.20
N LYS G 208 30.47 -32.56 49.91
CA LYS G 208 31.32 -33.23 48.94
C LYS G 208 32.45 -32.27 48.54
N SER G 209 33.65 -32.80 48.37
CA SER G 209 34.82 -31.93 48.21
C SER G 209 35.75 -32.33 47.06
N PHE G 210 36.54 -31.36 46.62
CA PHE G 210 37.53 -31.54 45.56
C PHE G 210 38.74 -30.65 45.81
N ASN G 211 39.92 -31.10 45.39
CA ASN G 211 41.13 -30.30 45.53
C ASN G 211 41.81 -30.11 44.17
N ARG G 212 42.88 -29.34 44.14
CA ARG G 212 43.56 -29.02 42.88
C ARG G 212 45.00 -28.60 43.11
N GLN H 20 -4.79 -28.38 12.75
CA GLN H 20 -4.11 -27.88 13.94
C GLN H 20 -3.83 -26.38 13.80
N VAL H 21 -4.54 -25.57 14.57
CA VAL H 21 -4.33 -24.13 14.57
C VAL H 21 -3.02 -23.79 15.28
N GLN H 22 -2.14 -23.07 14.60
CA GLN H 22 -0.87 -22.67 15.17
C GLN H 22 -0.54 -21.22 14.86
N LEU H 23 0.24 -20.58 15.74
CA LEU H 23 0.72 -19.23 15.51
C LEU H 23 2.20 -19.17 15.89
N VAL H 24 3.03 -18.81 14.91
CA VAL H 24 4.46 -18.74 15.14
C VAL H 24 4.95 -17.30 15.12
N GLN H 25 5.57 -16.86 16.21
CA GLN H 25 6.08 -15.50 16.29
C GLN H 25 7.56 -15.52 15.90
N SER H 26 8.19 -14.35 15.78
CA SER H 26 9.53 -14.34 15.19
C SER H 26 10.51 -13.21 15.52
N GLY H 27 11.79 -13.60 15.58
CA GLY H 27 12.11 -14.89 16.18
C GLY H 27 12.22 -14.61 17.67
N ALA H 28 13.20 -13.77 17.97
CA ALA H 28 13.36 -13.04 19.21
C ALA H 28 14.32 -11.91 18.82
N GLU H 29 14.25 -10.76 19.47
CA GLU H 29 15.21 -9.69 19.15
C GLU H 29 15.43 -8.64 20.24
N MET H 30 16.55 -7.94 20.13
CA MET H 30 16.88 -6.81 21.01
C MET H 30 17.04 -5.54 20.18
N LYS H 31 16.41 -4.46 20.63
CA LYS H 31 16.55 -3.16 19.97
C LYS H 31 16.81 -2.08 21.01
N LYS H 32 17.72 -1.15 20.69
CA LYS H 32 18.03 -0.03 21.57
C LYS H 32 16.80 0.87 21.76
N PRO H 33 16.79 1.69 22.83
CA PRO H 33 15.67 2.60 23.06
C PRO H 33 15.47 3.60 21.92
N GLY H 34 14.23 4.05 21.75
CA GLY H 34 13.91 5.03 20.72
C GLY H 34 13.74 4.43 19.34
N ALA H 35 14.03 3.13 19.21
CA ALA H 35 13.98 2.45 17.92
C ALA H 35 12.56 2.00 17.59
N SER H 36 12.44 1.20 16.53
CA SER H 36 11.16 0.64 16.13
C SER H 36 11.31 -0.82 15.76
N VAL H 37 10.46 -1.67 16.35
CA VAL H 37 10.57 -3.11 16.17
C VAL H 37 9.28 -3.70 15.62
N LYS H 38 9.40 -4.75 14.79
CA LYS H 38 8.24 -5.45 14.26
C LYS H 38 8.26 -6.92 14.65
N VAL H 39 7.12 -7.43 15.10
CA VAL H 39 6.98 -8.85 15.39
C VAL H 39 5.93 -9.42 14.44
N SER H 40 6.13 -10.66 14.02
CA SER H 40 5.24 -11.30 13.06
C SER H 40 4.56 -12.51 13.68
N CYS H 41 3.33 -12.76 13.26
CA CYS H 41 2.58 -13.93 13.71
C CYS H 41 2.21 -14.75 12.47
N LYS H 42 2.64 -16.01 12.42
CA LYS H 42 2.34 -16.82 11.25
C LYS H 42 1.18 -17.77 11.50
N ALA H 43 0.05 -17.46 10.86
CA ALA H 43 -1.18 -18.23 11.03
C ALA H 43 -1.12 -19.57 10.31
N SER H 44 -2.03 -20.48 10.68
CA SER H 44 -2.17 -21.78 10.05
C SER H 44 -3.37 -22.50 10.64
N GLY H 45 -3.88 -23.50 9.92
CA GLY H 45 -4.95 -24.33 10.43
C GLY H 45 -6.33 -23.69 10.40
N TYR H 46 -6.38 -22.39 10.17
CA TYR H 46 -7.64 -21.64 10.22
C TYR H 46 -7.74 -20.56 9.15
N THR H 47 -8.94 -20.02 8.96
CA THR H 47 -9.11 -18.93 8.00
C THR H 47 -8.57 -17.66 8.62
N PHE H 48 -7.52 -17.12 8.02
CA PHE H 48 -6.86 -15.93 8.57
C PHE H 48 -7.86 -14.79 8.57
N ILE H 49 -8.55 -14.62 7.46
CA ILE H 49 -9.53 -13.55 7.28
C ILE H 49 -10.69 -13.62 8.28
N GLY H 50 -10.96 -14.81 8.81
CA GLY H 50 -12.17 -15.05 9.57
C GLY H 50 -12.13 -14.86 11.09
N TYR H 51 -10.94 -14.59 11.64
CA TYR H 51 -10.83 -14.40 13.09
C TYR H 51 -9.82 -13.30 13.42
N HIS H 52 -10.20 -12.41 14.34
CA HIS H 52 -9.37 -11.27 14.69
C HIS H 52 -8.03 -11.69 15.32
N LEU H 53 -7.04 -10.81 15.25
CA LEU H 53 -5.73 -11.08 15.81
C LEU H 53 -5.44 -10.10 16.93
N HIS H 54 -5.13 -10.62 18.12
CA HIS H 54 -4.91 -9.79 19.30
C HIS H 54 -3.44 -9.76 19.69
N TRP H 55 -3.00 -8.63 20.26
CA TRP H 55 -1.63 -8.51 20.77
C TRP H 55 -1.61 -8.22 22.27
N VAL H 56 -0.91 -9.05 23.01
CA VAL H 56 -0.80 -8.91 24.46
C VAL H 56 0.67 -9.05 24.89
N ARG H 57 1.13 -8.14 25.74
CA ARG H 57 2.52 -8.15 26.16
C ARG H 57 2.66 -8.48 27.65
N GLN H 58 3.77 -9.09 28.02
CA GLN H 58 4.03 -9.46 29.40
C GLN H 58 5.44 -9.08 29.84
N ALA H 59 5.54 -8.16 30.79
CA ALA H 59 6.83 -7.80 31.35
C ALA H 59 7.37 -9.00 32.14
N PRO H 60 8.70 -9.11 32.28
CA PRO H 60 9.25 -10.23 33.04
C PRO H 60 8.79 -10.20 34.49
N GLY H 61 8.26 -11.32 34.97
CA GLY H 61 7.81 -11.45 36.34
C GLY H 61 6.51 -10.71 36.62
N GLN H 62 5.90 -10.15 35.57
CA GLN H 62 4.65 -9.40 35.72
C GLN H 62 3.53 -10.04 34.91
N GLY H 63 2.36 -9.39 34.91
CA GLY H 63 1.18 -9.96 34.29
C GLY H 63 0.98 -9.65 32.81
N LEU H 64 -0.25 -9.88 32.34
CA LEU H 64 -0.58 -9.68 30.93
C LEU H 64 -1.19 -8.31 30.69
N GLU H 65 -0.86 -7.71 29.55
CA GLU H 65 -1.45 -6.43 29.15
C GLU H 65 -1.88 -6.47 27.69
N TRP H 66 -3.17 -6.29 27.46
CA TRP H 66 -3.72 -6.35 26.11
C TRP H 66 -3.45 -5.05 25.38
N MET H 67 -2.69 -5.13 24.29
CA MET H 67 -2.31 -3.96 23.52
C MET H 67 -3.39 -3.51 22.54
N GLY H 68 -3.99 -4.47 21.86
CA GLY H 68 -5.02 -4.18 20.88
C GLY H 68 -5.29 -5.34 19.94
N TRP H 69 -6.27 -5.18 19.06
CA TRP H 69 -6.54 -6.19 18.05
C TRP H 69 -6.58 -5.60 16.64
N ILE H 70 -6.51 -6.48 15.65
CA ILE H 70 -6.60 -6.09 14.25
C ILE H 70 -7.52 -7.03 13.48
N ASN H 71 -8.41 -6.47 12.68
CA ASN H 71 -9.24 -7.26 11.77
C ASN H 71 -8.39 -7.64 10.56
N PRO H 72 -8.14 -8.94 10.39
CA PRO H 72 -7.31 -9.47 9.31
C PRO H 72 -7.98 -9.30 7.94
N ASN H 73 -9.30 -9.17 7.95
CA ASN H 73 -10.05 -8.91 6.73
C ASN H 73 -10.14 -7.41 6.47
N SER H 74 -10.88 -6.72 7.33
CA SER H 74 -11.07 -5.27 7.23
C SER H 74 -9.76 -4.46 7.21
N GLY H 75 -8.81 -4.85 8.05
CA GLY H 75 -7.59 -4.08 8.20
C GLY H 75 -7.70 -3.10 9.35
N GLU H 76 -8.93 -2.87 9.80
CA GLU H 76 -9.20 -1.94 10.90
C GLU H 76 -8.54 -2.42 12.19
N THR H 77 -8.09 -1.47 13.01
CA THR H 77 -7.41 -1.81 14.25
C THR H 77 -8.06 -1.12 15.45
N ASN H 78 -7.98 -1.77 16.61
CA ASN H 78 -8.42 -1.17 17.86
C ASN H 78 -7.25 -1.17 18.84
N TYR H 79 -6.92 0.00 19.38
CA TYR H 79 -5.75 0.12 20.25
C TYR H 79 -6.13 0.54 21.66
N ALA H 80 -5.29 0.16 22.62
CA ALA H 80 -5.43 0.64 23.99
C ALA H 80 -4.89 2.06 24.10
N GLN H 81 -5.42 2.83 25.04
CA GLN H 81 -4.96 4.21 25.25
C GLN H 81 -3.47 4.30 25.54
N LYS H 82 -2.96 3.35 26.31
CA LYS H 82 -1.54 3.30 26.65
C LYS H 82 -0.69 3.16 25.40
N PHE H 83 -1.17 2.35 24.46
CA PHE H 83 -0.46 2.08 23.22
C PHE H 83 -0.94 2.91 22.02
N GLN H 84 -1.83 3.87 22.26
CA GLN H 84 -2.59 4.51 21.19
C GLN H 84 -1.77 5.10 20.05
N ASP H 85 -0.79 5.95 20.37
CA ASP H 85 0.05 6.55 19.34
C ASP H 85 1.42 5.87 19.20
N TRP H 86 1.70 4.90 20.07
CA TRP H 86 3.03 4.28 20.09
C TRP H 86 3.09 2.94 19.37
N VAL H 87 1.96 2.47 18.85
CA VAL H 87 1.92 1.16 18.22
C VAL H 87 1.13 1.18 16.92
N THR H 88 1.46 0.27 16.01
CA THR H 88 0.77 0.13 14.74
C THR H 88 0.63 -1.35 14.39
N MET H 89 -0.57 -1.76 14.00
CA MET H 89 -0.81 -3.16 13.64
C MET H 89 -1.23 -3.29 12.18
N THR H 90 -0.61 -4.24 11.48
CA THR H 90 -0.86 -4.45 10.07
C THR H 90 -0.76 -5.94 9.77
N ARG H 91 -1.42 -6.38 8.69
CA ARG H 91 -1.40 -7.79 8.33
C ARG H 91 -1.10 -7.98 6.84
N ASP H 92 -0.99 -9.24 6.43
CA ASP H 92 -0.82 -9.58 5.03
C ASP H 92 -1.75 -10.75 4.70
N THR H 93 -2.72 -10.52 3.83
CA THR H 93 -3.75 -11.51 3.53
C THR H 93 -3.18 -12.69 2.75
N SER H 94 -2.01 -12.50 2.16
CA SER H 94 -1.42 -13.50 1.27
C SER H 94 -0.70 -14.60 2.05
N ILE H 95 0.33 -14.20 2.80
CA ILE H 95 1.12 -15.15 3.59
C ILE H 95 0.48 -15.44 4.96
N ASN H 96 -0.68 -14.86 5.21
CA ASN H 96 -1.42 -15.06 6.46
C ASN H 96 -0.61 -14.67 7.70
N THR H 97 -0.05 -13.47 7.70
CA THR H 97 0.74 -13.00 8.83
C THR H 97 0.26 -11.64 9.33
N ALA H 98 0.49 -11.37 10.62
CA ALA H 98 0.14 -10.09 11.21
C ALA H 98 1.39 -9.45 11.83
N TYR H 99 1.44 -8.12 11.79
CA TYR H 99 2.63 -7.40 12.25
C TYR H 99 2.29 -6.38 13.33
N MET H 100 3.20 -6.24 14.29
CA MET H 100 3.05 -5.30 15.39
C MET H 100 4.29 -4.41 15.47
N GLU H 101 4.11 -3.11 15.30
CA GLU H 101 5.24 -2.17 15.29
C GLU H 101 5.16 -1.20 16.47
N LEU H 102 6.20 -1.19 17.29
CA LEU H 102 6.19 -0.42 18.52
C LEU H 102 7.42 0.49 18.67
N ARG H 103 7.19 1.70 19.19
CA ARG H 103 8.28 2.61 19.50
C ARG H 103 8.72 2.40 20.94
N LEU H 104 9.96 1.99 21.13
CA LEU H 104 10.45 1.60 22.45
C LEU H 104 10.74 2.80 23.36
N ARG H 105 10.07 2.84 24.50
CA ARG H 105 10.29 3.87 25.51
C ARG H 105 11.20 3.40 26.66
N SER H 106 11.74 2.19 26.50
CA SER H 106 12.62 1.53 27.48
C SER H 106 11.90 0.93 28.70
N ASP H 107 10.64 1.29 28.89
CA ASP H 107 9.79 0.61 29.87
C ASP H 107 9.02 -0.48 29.15
N ASP H 108 9.30 -0.63 27.86
CA ASP H 108 8.57 -1.54 27.00
C ASP H 108 9.19 -2.92 26.91
N THR H 109 10.22 -3.18 27.71
CA THR H 109 10.90 -4.46 27.67
C THR H 109 9.93 -5.51 28.19
N ALA H 110 9.66 -6.52 27.34
CA ALA H 110 8.67 -7.54 27.67
C ALA H 110 8.69 -8.68 26.66
N VAL H 111 7.81 -9.66 26.89
CA VAL H 111 7.57 -10.73 25.94
C VAL H 111 6.25 -10.41 25.25
N TYR H 112 6.24 -10.46 23.92
CA TYR H 112 5.05 -10.07 23.17
C TYR H 112 4.36 -11.26 22.52
N TYR H 113 3.07 -11.42 22.84
CA TYR H 113 2.29 -12.53 22.33
C TYR H 113 1.26 -12.07 21.31
N CYS H 114 0.96 -12.94 20.36
CA CYS H 114 -0.15 -12.72 19.44
C CYS H 114 -1.09 -13.91 19.57
N ALA H 115 -2.39 -13.64 19.52
CA ALA H 115 -3.38 -14.69 19.78
C ALA H 115 -4.66 -14.50 18.97
N ARG H 116 -5.28 -15.62 18.62
CA ARG H 116 -6.49 -15.60 17.79
C ARG H 116 -7.75 -15.43 18.60
N GLY H 117 -8.59 -14.46 18.22
CA GLY H 117 -9.92 -14.35 18.76
C GLY H 117 -10.75 -15.55 18.31
N GLY H 118 -11.34 -16.26 19.26
CA GLY H 118 -12.04 -17.48 18.93
C GLY H 118 -13.55 -17.37 18.73
N MET H 119 -14.11 -16.23 19.13
CA MET H 119 -15.55 -16.03 19.00
C MET H 119 -15.86 -14.84 18.12
N THR H 120 -16.65 -15.08 17.07
CA THR H 120 -16.96 -14.03 16.10
C THR H 120 -17.92 -12.99 16.66
N MET H 121 -18.85 -13.43 17.50
CA MET H 121 -19.85 -12.53 18.07
C MET H 121 -19.50 -12.05 19.48
N VAL H 122 -18.35 -12.46 19.98
CA VAL H 122 -17.84 -11.96 21.26
C VAL H 122 -16.36 -11.63 21.16
N ARG H 123 -16.03 -10.36 21.41
CA ARG H 123 -14.65 -9.90 21.33
C ARG H 123 -13.88 -10.28 22.59
N GLY H 124 -12.61 -10.65 22.42
CA GLY H 124 -11.73 -10.80 23.58
C GLY H 124 -11.39 -12.22 23.98
N VAL H 125 -11.99 -13.21 23.33
CA VAL H 125 -11.70 -14.58 23.67
C VAL H 125 -10.45 -15.01 22.90
N MET H 126 -9.36 -15.31 23.61
CA MET H 126 -8.16 -15.77 22.94
C MET H 126 -8.16 -17.30 22.97
N MET H 127 -8.46 -17.91 21.82
CA MET H 127 -8.57 -19.36 21.75
C MET H 127 -7.22 -20.04 21.60
N ASP H 128 -6.35 -19.43 20.79
CA ASP H 128 -5.03 -19.98 20.53
C ASP H 128 -3.95 -18.89 20.59
N TRP H 129 -2.81 -19.24 21.17
CA TRP H 129 -1.74 -18.27 21.41
C TRP H 129 -0.47 -18.64 20.65
N GLY H 130 0.39 -17.65 20.41
CA GLY H 130 1.68 -17.90 19.82
C GLY H 130 2.65 -18.41 20.87
N GLN H 131 3.93 -18.53 20.51
CA GLN H 131 4.93 -18.99 21.46
C GLN H 131 5.64 -17.82 22.15
N GLY H 132 5.27 -16.60 21.75
CA GLY H 132 5.78 -15.40 22.38
C GLY H 132 7.13 -14.98 21.84
N THR H 133 7.40 -13.68 21.89
CA THR H 133 8.68 -13.15 21.42
C THR H 133 9.23 -12.15 22.44
N LEU H 134 10.41 -12.45 22.97
CA LEU H 134 11.03 -11.57 23.96
C LEU H 134 11.76 -10.43 23.27
N VAL H 135 11.41 -9.20 23.67
CA VAL H 135 12.06 -8.01 23.13
C VAL H 135 12.71 -7.23 24.26
N THR H 136 14.03 -7.06 24.18
CA THR H 136 14.77 -6.36 25.22
C THR H 136 15.18 -4.97 24.74
N VAL H 137 14.94 -3.97 25.58
CA VAL H 137 15.28 -2.60 25.24
C VAL H 137 16.42 -2.09 26.13
N SER H 138 17.61 -1.93 25.55
CA SER H 138 18.77 -1.45 26.30
C SER H 138 19.77 -0.74 25.40
N SER H 139 20.53 0.19 25.99
CA SER H 139 21.56 0.92 25.25
C SER H 139 22.80 0.06 25.01
N ALA H 140 22.90 -1.04 25.76
CA ALA H 140 24.05 -1.94 25.69
C ALA H 140 24.11 -2.68 24.35
N SER H 141 25.27 -3.21 24.03
CA SER H 141 25.45 -3.95 22.78
C SER H 141 25.41 -5.46 23.00
N THR H 142 24.74 -6.17 22.10
CA THR H 142 24.58 -7.63 22.19
C THR H 142 25.93 -8.37 22.21
N LYS H 143 26.01 -9.41 23.03
CA LYS H 143 27.23 -10.20 23.16
C LYS H 143 26.93 -11.70 23.15
N GLY H 144 27.94 -12.53 22.91
CA GLY H 144 27.76 -13.97 22.85
C GLY H 144 28.11 -14.71 24.12
N PRO H 145 27.58 -15.95 24.27
CA PRO H 145 27.80 -16.86 25.40
C PRO H 145 29.13 -17.62 25.31
N SER H 146 29.60 -18.12 26.45
CA SER H 146 30.79 -18.98 26.49
C SER H 146 30.56 -20.22 27.35
N VAL H 147 30.67 -21.40 26.73
CA VAL H 147 30.38 -22.65 27.42
C VAL H 147 31.62 -23.34 27.99
N PHE H 148 31.48 -23.87 29.21
CA PHE H 148 32.59 -24.55 29.90
C PHE H 148 32.12 -25.84 30.57
N PRO H 149 32.16 -26.96 29.84
CA PRO H 149 31.66 -28.28 30.26
C PRO H 149 32.19 -28.75 31.61
N LEU H 150 31.38 -29.54 32.32
CA LEU H 150 31.70 -29.98 33.67
C LEU H 150 31.97 -31.47 33.76
N ALA H 151 32.82 -31.87 34.71
CA ALA H 151 33.15 -33.27 34.92
C ALA H 151 32.80 -33.72 36.34
N PRO H 152 32.48 -35.01 36.53
CA PRO H 152 32.40 -36.09 35.54
C PRO H 152 31.17 -35.97 34.65
N LEU H 164 26.40 -34.03 35.10
CA LEU H 164 27.40 -33.69 34.10
C LEU H 164 27.22 -32.27 33.53
N GLY H 165 27.81 -32.02 32.38
CA GLY H 165 27.81 -30.70 31.78
C GLY H 165 26.41 -30.28 31.35
N CYS H 166 26.27 -29.08 30.80
CA CYS H 166 27.38 -28.17 30.56
C CYS H 166 27.20 -26.87 31.35
N LEU H 167 28.11 -25.93 31.17
CA LEU H 167 28.03 -24.64 31.86
C LEU H 167 28.23 -23.47 30.90
N VAL H 168 27.19 -22.65 30.75
CA VAL H 168 27.23 -21.44 29.95
C VAL H 168 27.52 -20.23 30.86
N LYS H 169 28.27 -19.25 30.36
CA LYS H 169 28.58 -18.08 31.18
C LYS H 169 28.75 -16.79 30.39
N ASP H 170 28.35 -15.67 30.99
CA ASP H 170 28.61 -14.33 30.47
C ASP H 170 28.04 -14.06 29.07
N TYR H 171 26.72 -13.93 28.98
CA TYR H 171 26.07 -13.58 27.72
C TYR H 171 25.11 -12.42 27.94
N PHE H 172 24.43 -12.00 26.88
CA PHE H 172 23.47 -10.89 26.91
C PHE H 172 22.83 -10.67 25.55
N PRO H 173 21.52 -10.36 25.53
CA PRO H 173 20.53 -10.41 26.61
C PRO H 173 19.75 -11.72 26.58
N GLU H 174 18.74 -11.84 27.44
CA GLU H 174 17.77 -12.94 27.32
C GLU H 174 17.08 -12.86 25.96
N PRO H 175 16.57 -14.01 25.47
CA PRO H 175 16.71 -15.33 26.11
C PRO H 175 17.91 -16.12 25.61
N VAL H 176 18.10 -17.30 26.18
CA VAL H 176 18.97 -18.31 25.62
C VAL H 176 18.30 -19.66 25.83
N THR H 177 18.13 -20.41 24.75
CA THR H 177 17.45 -21.70 24.85
C THR H 177 18.46 -22.84 24.82
N VAL H 178 18.20 -23.85 25.64
CA VAL H 178 19.09 -25.00 25.72
C VAL H 178 18.28 -26.28 25.54
N SER H 179 18.63 -27.05 24.52
CA SER H 179 17.96 -28.32 24.27
C SER H 179 18.99 -29.44 24.25
N TRP H 180 18.60 -30.59 24.76
CA TRP H 180 19.52 -31.73 24.84
C TRP H 180 19.26 -32.71 23.72
N ASN H 181 20.25 -32.90 22.85
CA ASN H 181 20.12 -33.73 21.67
C ASN H 181 18.95 -33.29 20.79
N SER H 182 18.90 -32.00 20.49
CA SER H 182 17.83 -31.40 19.69
C SER H 182 16.46 -31.53 20.35
N GLY H 183 16.45 -31.75 21.66
CA GLY H 183 15.22 -31.94 22.41
C GLY H 183 14.80 -33.39 22.58
N ALA H 184 15.76 -34.30 22.45
CA ALA H 184 15.48 -35.72 22.61
C ALA H 184 15.28 -36.10 24.08
N LEU H 185 15.88 -35.33 24.98
CA LEU H 185 15.74 -35.56 26.41
C LEU H 185 14.61 -34.73 27.01
N THR H 186 13.55 -35.41 27.43
CA THR H 186 12.39 -34.74 28.02
C THR H 186 12.48 -34.73 29.54
N SER H 187 12.45 -35.91 30.14
CA SER H 187 12.59 -36.01 31.60
C SER H 187 14.05 -35.91 32.01
N GLY H 188 14.27 -35.40 33.23
CA GLY H 188 15.60 -35.35 33.80
C GLY H 188 16.32 -34.03 33.62
N VAL H 189 15.86 -33.21 32.67
CA VAL H 189 16.51 -31.93 32.39
C VAL H 189 16.05 -30.79 33.29
N HIS H 190 17.01 -30.20 33.99
CA HIS H 190 16.74 -28.98 34.76
C HIS H 190 17.53 -27.82 34.15
N THR H 191 16.82 -26.90 33.49
CA THR H 191 17.44 -25.72 32.92
C THR H 191 17.26 -24.54 33.87
N PHE H 192 18.35 -24.06 34.45
CA PHE H 192 18.28 -23.05 35.49
C PHE H 192 17.96 -21.66 34.95
N PRO H 193 17.21 -20.86 35.74
CA PRO H 193 16.89 -19.46 35.44
C PRO H 193 18.15 -18.61 35.27
N ALA H 194 18.04 -17.52 34.53
CA ALA H 194 19.17 -16.64 34.29
C ALA H 194 19.59 -15.92 35.56
N VAL H 195 20.90 -15.71 35.72
CA VAL H 195 21.42 -15.00 36.87
C VAL H 195 22.06 -13.70 36.42
N LEU H 196 21.55 -12.60 36.97
CA LEU H 196 22.06 -11.27 36.62
C LEU H 196 23.36 -11.02 37.38
N GLN H 197 24.45 -10.82 36.66
CA GLN H 197 25.74 -10.50 37.28
C GLN H 197 25.81 -9.03 37.63
N SER H 198 26.90 -8.62 38.28
CA SER H 198 27.15 -7.22 38.55
C SER H 198 27.89 -6.58 37.38
N SER H 199 28.38 -7.43 36.48
CA SER H 199 29.08 -6.99 35.29
C SER H 199 28.11 -6.46 34.23
N GLY H 200 26.85 -6.87 34.34
CA GLY H 200 25.84 -6.46 33.37
C GLY H 200 25.43 -7.60 32.44
N LEU H 201 26.12 -8.73 32.55
CA LEU H 201 25.85 -9.88 31.70
C LEU H 201 25.11 -10.99 32.45
N TYR H 202 24.20 -11.67 31.76
CA TYR H 202 23.49 -12.81 32.34
C TYR H 202 24.33 -14.07 32.29
N SER H 203 24.07 -15.00 33.21
CA SER H 203 24.75 -16.30 33.19
C SER H 203 23.86 -17.40 33.78
N LEU H 204 23.93 -18.60 33.21
CA LEU H 204 23.17 -19.74 33.72
C LEU H 204 23.82 -21.07 33.36
N SER H 205 23.44 -22.13 34.06
CA SER H 205 23.90 -23.46 33.72
C SER H 205 22.72 -24.34 33.30
N SER H 206 23.01 -25.56 32.87
CA SER H 206 21.97 -26.52 32.54
C SER H 206 22.39 -27.93 32.94
N VAL H 207 21.49 -28.67 33.59
CA VAL H 207 21.81 -30.03 34.02
C VAL H 207 20.75 -31.02 33.55
N VAL H 208 21.17 -32.28 33.39
CA VAL H 208 20.27 -33.37 33.03
C VAL H 208 20.57 -34.54 33.97
N THR H 209 19.69 -35.55 33.95
CA THR H 209 19.83 -36.71 34.84
C THR H 209 21.20 -37.37 34.74
N VAL H 210 21.90 -37.44 35.87
CA VAL H 210 23.23 -38.05 35.94
C VAL H 210 23.28 -39.58 35.79
N PRO H 211 22.47 -40.32 36.58
CA PRO H 211 22.58 -41.78 36.45
C PRO H 211 22.00 -42.29 35.13
N THR H 219 28.16 -38.72 26.56
CA THR H 219 28.01 -39.31 25.23
C THR H 219 27.01 -38.48 24.41
N TYR H 220 26.48 -37.43 25.02
CA TYR H 220 25.49 -36.58 24.35
C TYR H 220 25.89 -35.10 24.40
N ILE H 221 25.06 -34.25 23.79
CA ILE H 221 25.37 -32.83 23.65
C ILE H 221 24.26 -31.90 24.11
N CYS H 222 24.66 -30.72 24.58
CA CYS H 222 23.71 -29.66 24.93
C CYS H 222 23.72 -28.57 23.86
N ASN H 223 22.58 -28.35 23.22
CA ASN H 223 22.49 -27.39 22.14
C ASN H 223 22.11 -26.00 22.65
N VAL H 224 23.05 -25.07 22.59
CA VAL H 224 22.82 -23.72 23.08
C VAL H 224 22.39 -22.80 21.93
N ASN H 225 21.41 -21.94 22.20
CA ASN H 225 20.92 -21.01 21.20
C ASN H 225 20.75 -19.61 21.79
N HIS H 226 21.47 -18.64 21.24
CA HIS H 226 21.32 -17.25 21.65
C HIS H 226 20.74 -16.47 20.47
N LYS H 227 19.48 -16.08 20.61
CA LYS H 227 18.75 -15.42 19.51
C LYS H 227 19.23 -14.01 19.13
N PRO H 228 19.43 -13.12 20.12
CA PRO H 228 19.89 -11.77 19.73
C PRO H 228 21.26 -11.77 19.06
N SER H 229 22.20 -12.56 19.58
CA SER H 229 23.56 -12.57 19.07
C SER H 229 23.81 -13.65 18.03
N ASN H 230 22.77 -14.44 17.71
CA ASN H 230 22.87 -15.51 16.72
C ASN H 230 24.02 -16.49 16.98
N THR H 231 23.90 -17.28 18.04
CA THR H 231 24.95 -18.21 18.43
C THR H 231 24.44 -19.63 18.69
N LYS H 232 25.12 -20.61 18.10
CA LYS H 232 24.81 -22.02 18.34
C LYS H 232 26.08 -22.79 18.67
N VAL H 233 26.14 -23.31 19.89
CA VAL H 233 27.32 -24.04 20.36
C VAL H 233 26.97 -25.45 20.82
N ASP H 234 27.48 -26.44 20.10
CA ASP H 234 27.30 -27.85 20.46
C ASP H 234 28.45 -28.32 21.36
N LYS H 235 28.12 -28.75 22.56
CA LYS H 235 29.13 -29.22 23.52
C LYS H 235 28.87 -30.65 23.97
N ARG H 236 29.91 -31.47 23.97
CA ARG H 236 29.81 -32.89 24.30
C ARG H 236 30.31 -33.14 25.71
N VAL H 237 29.87 -34.23 26.33
CA VAL H 237 30.28 -34.55 27.69
C VAL H 237 31.20 -35.76 27.80
N GLU H 238 32.46 -35.49 28.13
CA GLU H 238 33.45 -36.53 28.39
C GLU H 238 34.26 -36.16 29.63
N PRO H 239 34.51 -37.15 30.50
CA PRO H 239 35.17 -36.95 31.80
C PRO H 239 36.54 -36.27 31.70
N LYS H 240 36.93 -35.58 32.76
CA LYS H 240 38.22 -34.88 32.79
C LYS H 240 38.99 -35.24 34.05
N SER H 241 40.25 -34.83 34.11
CA SER H 241 41.10 -35.17 35.25
C SER H 241 41.04 -34.09 36.33
N CYS H 242 40.78 -34.51 37.57
CA CYS H 242 40.76 -33.61 38.71
C CYS H 242 41.94 -33.92 39.64
N ASP H 243 42.01 -33.21 40.76
CA ASP H 243 43.04 -33.45 41.75
C ASP H 243 42.45 -33.53 43.15
#